data_8HR3
# 
_entry.id   8HR3 
# 
_audit_conform.dict_name       mmcif_pdbx.dic 
_audit_conform.dict_version    5.398 
_audit_conform.dict_location   http://mmcif.pdb.org/dictionaries/ascii/mmcif_pdbx.dic 
# 
loop_
_database_2.database_id 
_database_2.database_code 
_database_2.pdbx_database_accession 
_database_2.pdbx_DOI 
PDB   8HR3         pdb_00008hr3 10.2210/pdb8hr3/pdb 
WWPDB D_1300034167 ?            ?                   
BMRB  36529        ?            10.13018/BMR36529   
# 
loop_
_pdbx_audit_revision_history.ordinal 
_pdbx_audit_revision_history.data_content_type 
_pdbx_audit_revision_history.major_revision 
_pdbx_audit_revision_history.minor_revision 
_pdbx_audit_revision_history.revision_date 
1 'Structure model' 1 0 2023-09-20 
2 'Structure model' 1 1 2024-11-13 
# 
_pdbx_audit_revision_details.ordinal             1 
_pdbx_audit_revision_details.revision_ordinal    1 
_pdbx_audit_revision_details.data_content_type   'Structure model' 
_pdbx_audit_revision_details.provider            repository 
_pdbx_audit_revision_details.type                'Initial release' 
_pdbx_audit_revision_details.description         ? 
_pdbx_audit_revision_details.details             ? 
# 
loop_
_pdbx_audit_revision_group.ordinal 
_pdbx_audit_revision_group.revision_ordinal 
_pdbx_audit_revision_group.data_content_type 
_pdbx_audit_revision_group.group 
1 2 'Structure model' 'Database references' 
2 2 'Structure model' 'Structure summary'   
# 
loop_
_pdbx_audit_revision_category.ordinal 
_pdbx_audit_revision_category.revision_ordinal 
_pdbx_audit_revision_category.data_content_type 
_pdbx_audit_revision_category.category 
1 2 'Structure model' database_2                
2 2 'Structure model' pdbx_entry_details        
3 2 'Structure model' pdbx_modification_feature 
# 
loop_
_pdbx_audit_revision_item.ordinal 
_pdbx_audit_revision_item.revision_ordinal 
_pdbx_audit_revision_item.data_content_type 
_pdbx_audit_revision_item.item 
1 2 'Structure model' '_database_2.pdbx_DOI'                         
2 2 'Structure model' '_pdbx_entry_details.has_protein_modification' 
# 
_pdbx_database_status.status_code                     REL 
_pdbx_database_status.status_code_sf                  ? 
_pdbx_database_status.status_code_mr                  REL 
_pdbx_database_status.entry_id                        8HR3 
_pdbx_database_status.recvd_initial_deposition_date   2022-12-14 
_pdbx_database_status.SG_entry                        N 
_pdbx_database_status.deposit_site                    PDBJ 
_pdbx_database_status.process_site                    PDBJ 
_pdbx_database_status.status_code_cs                  REL 
_pdbx_database_status.status_code_nmr_data            ? 
_pdbx_database_status.methods_development_category    ? 
_pdbx_database_status.pdb_format_compatible           Y 
# 
_pdbx_database_related.db_name        BMRB 
_pdbx_database_related.details        '[D-Cys5,Asp7,Val8,D-Lys16]-STp(5-17)' 
_pdbx_database_related.db_id          36529 
_pdbx_database_related.content_type   unspecified 
# 
loop_
_pdbx_contact_author.id 
_pdbx_contact_author.email 
_pdbx_contact_author.name_first 
_pdbx_contact_author.name_last 
_pdbx_contact_author.name_mi 
_pdbx_contact_author.role 
_pdbx_contact_author.identifier_ORCID 
3 sh1nya.4sh1no@gmail.com Shinya Yoshino ? 'principal investigator/group leader' 0000-0002-5923-4464 
4 tf.rongu.800@gmail.com  Masaya Goto    ? 'principal investigator/group leader' 0000-0001-7999-130X 
# 
loop_
_audit_author.name 
_audit_author.pdbx_ordinal 
_audit_author.identifier_ORCID 
'Shimamoto, S.' 1 0000-0002-9470-0352 
'Hidaka, Y.'    2 0000-0002-3131-2619 
'Yoshino, S.'   3 ?                   
'Goto, M.'      4 ?                   
# 
_citation.abstract                  ? 
_citation.abstract_id_CAS           ? 
_citation.book_id_ISBN              ? 
_citation.book_publisher            ? 
_citation.book_publisher_city       ? 
_citation.book_title                ? 
_citation.coordinate_linkage        ? 
_citation.country                   CH 
_citation.database_id_Medline       ? 
_citation.details                   ? 
_citation.id                        primary 
_citation.journal_abbrev            Molecules 
_citation.journal_id_ASTM           ? 
_citation.journal_id_CSD            ? 
_citation.journal_id_ISSN           1420-3049 
_citation.journal_full              ? 
_citation.journal_issue             ? 
_citation.journal_volume            28 
_citation.language                  ? 
_citation.page_first                ? 
_citation.page_last                 ? 
_citation.title                     
'The Molecular Basis of Heat-Stable Enterotoxin for Vaccine Development and Cancer Cell Detection.' 
_citation.year                      2023 
_citation.database_id_CSD           ? 
_citation.pdbx_database_id_DOI      10.3390/molecules28031128 
_citation.pdbx_database_id_PubMed   36770798 
_citation.pdbx_database_id_patent   ? 
_citation.unpublished_flag          ? 
# 
loop_
_citation_author.citation_id 
_citation_author.name 
_citation_author.ordinal 
_citation_author.identifier_ORCID 
primary 'Goto, M.'      1 ?                   
primary 'Yoshino, S.'   2 0000-0002-5923-4464 
primary 'Hiroshima, K.' 3 ?                   
primary 'Kawakami, T.'  4 0000-0001-6439-7623 
primary 'Murota, K.'    5 ?                   
primary 'Shimamoto, S.' 6 0000-0002-9470-0352 
primary 'Hidaka, Y.'    7 0000-0002-3131-2619 
# 
_entity.id                         1 
_entity.type                       polymer 
_entity.src_method                 syn 
_entity.pdbx_description           DCY-CYS-ASP-VAL-CYS-CYS-ASN-PRO-ALA-CYS-ALA-DLY-CYS 
_entity.formula_weight             1332.637 
_entity.pdbx_number_of_molecules   1 
_entity.pdbx_ec                    ? 
_entity.pdbx_mutation              ? 
_entity.pdbx_fragment              ? 
_entity.details                    ? 
# 
_entity_poly.entity_id                      1 
_entity_poly.type                           'polypeptide(L)' 
_entity_poly.nstd_linkage                   no 
_entity_poly.nstd_monomer                   yes 
_entity_poly.pdbx_seq_one_letter_code       '(DCY)CDVCCNPACA(DLY)C' 
_entity_poly.pdbx_seq_one_letter_code_can   CCDVCCNPACAKC 
_entity_poly.pdbx_strand_id                 A 
_entity_poly.pdbx_target_identifier         ? 
# 
loop_
_entity_poly_seq.entity_id 
_entity_poly_seq.num 
_entity_poly_seq.mon_id 
_entity_poly_seq.hetero 
1 1  DCY n 
1 2  CYS n 
1 3  ASP n 
1 4  VAL n 
1 5  CYS n 
1 6  CYS n 
1 7  ASN n 
1 8  PRO n 
1 9  ALA n 
1 10 CYS n 
1 11 ALA n 
1 12 DLY n 
1 13 CYS n 
# 
_pdbx_entity_src_syn.entity_id              1 
_pdbx_entity_src_syn.pdbx_src_id            1 
_pdbx_entity_src_syn.pdbx_alt_source_flag   sample 
_pdbx_entity_src_syn.pdbx_beg_seq_num       1 
_pdbx_entity_src_syn.pdbx_end_seq_num       13 
_pdbx_entity_src_syn.organism_scientific    'Escherichia coli' 
_pdbx_entity_src_syn.organism_common_name   ? 
_pdbx_entity_src_syn.ncbi_taxonomy_id       562 
_pdbx_entity_src_syn.details                ? 
# 
loop_
_chem_comp.id 
_chem_comp.type 
_chem_comp.mon_nstd_flag 
_chem_comp.name 
_chem_comp.pdbx_synonyms 
_chem_comp.formula 
_chem_comp.formula_weight 
ALA 'L-peptide linking' y ALANINE         ? 'C3 H7 N O2'   89.093  
ASN 'L-peptide linking' y ASPARAGINE      ? 'C4 H8 N2 O3'  132.118 
ASP 'L-peptide linking' y 'ASPARTIC ACID' ? 'C4 H7 N O4'   133.103 
CYS 'L-peptide linking' y CYSTEINE        ? 'C3 H7 N O2 S' 121.158 
DCY 'D-peptide linking' . D-CYSTEINE      ? 'C3 H7 N O2 S' 121.158 
DLY 'D-peptide linking' . D-LYSINE        ? 'C6 H14 N2 O2' 146.188 
PRO 'L-peptide linking' y PROLINE         ? 'C5 H9 N O2'   115.130 
VAL 'L-peptide linking' y VALINE          ? 'C5 H11 N O2'  117.146 
# 
loop_
_pdbx_poly_seq_scheme.asym_id 
_pdbx_poly_seq_scheme.entity_id 
_pdbx_poly_seq_scheme.seq_id 
_pdbx_poly_seq_scheme.mon_id 
_pdbx_poly_seq_scheme.ndb_seq_num 
_pdbx_poly_seq_scheme.pdb_seq_num 
_pdbx_poly_seq_scheme.auth_seq_num 
_pdbx_poly_seq_scheme.pdb_mon_id 
_pdbx_poly_seq_scheme.auth_mon_id 
_pdbx_poly_seq_scheme.pdb_strand_id 
_pdbx_poly_seq_scheme.pdb_ins_code 
_pdbx_poly_seq_scheme.hetero 
A 1 1  DCY 1  5  5  DCY DCY A . n 
A 1 2  CYS 2  6  6  CYS CYS A . n 
A 1 3  ASP 3  7  7  ASP ASP A . n 
A 1 4  VAL 4  8  8  VAL VAL A . n 
A 1 5  CYS 5  9  9  CYS CYS A . n 
A 1 6  CYS 6  10 10 CYS CYS A . n 
A 1 7  ASN 7  11 11 ASN ASN A . n 
A 1 8  PRO 8  12 12 PRO PRO A . n 
A 1 9  ALA 9  13 13 ALA ALA A . n 
A 1 10 CYS 10 14 14 CYS CYS A . n 
A 1 11 ALA 11 15 15 ALA ALA A . n 
A 1 12 DLY 12 16 16 DLY DLY A . n 
A 1 13 CYS 13 17 17 CYS CYS A . n 
# 
_pdbx_entity_instance_feature.ordinal        1 
_pdbx_entity_instance_feature.comp_id        DLY 
_pdbx_entity_instance_feature.asym_id        ? 
_pdbx_entity_instance_feature.seq_num        ? 
_pdbx_entity_instance_feature.auth_comp_id   DLY 
_pdbx_entity_instance_feature.auth_asym_id   ? 
_pdbx_entity_instance_feature.auth_seq_num   ? 
_pdbx_entity_instance_feature.feature_type   'SUBJECT OF INVESTIGATION' 
_pdbx_entity_instance_feature.details        ? 
# 
_exptl.absorpt_coefficient_mu     ? 
_exptl.absorpt_correction_T_max   ? 
_exptl.absorpt_correction_T_min   ? 
_exptl.absorpt_correction_type    ? 
_exptl.absorpt_process_details    ? 
_exptl.entry_id                   8HR3 
_exptl.crystals_number            ? 
_exptl.details                    ? 
_exptl.method                     'SOLUTION NMR' 
_exptl.method_details             ? 
# 
_struct.entry_id                     8HR3 
_struct.title                        '[D-Cys5,Asp7,Val8,D-Lys16]-STp(5-17)' 
_struct.pdbx_model_details           ? 
_struct.pdbx_formula_weight          ? 
_struct.pdbx_formula_weight_method   ? 
_struct.pdbx_model_type_details      ? 
_struct.pdbx_CASP_flag               N 
# 
_struct_keywords.entry_id        8HR3 
_struct_keywords.text            'Heat-stable enterotoxin, D-amino acid, topological isomer, STp, STp(5-17), TOXIN' 
_struct_keywords.pdbx_keywords   TOXIN 
# 
_struct_asym.id                            A 
_struct_asym.pdbx_blank_PDB_chainid_flag   N 
_struct_asym.pdbx_modified                 N 
_struct_asym.entity_id                     1 
_struct_asym.details                       ? 
# 
_struct_ref.id                         1 
_struct_ref.db_name                    PDB 
_struct_ref.db_code                    8HR3 
_struct_ref.pdbx_db_accession          8HR3 
_struct_ref.pdbx_db_isoform            ? 
_struct_ref.entity_id                  1 
_struct_ref.pdbx_seq_one_letter_code   ? 
_struct_ref.pdbx_align_begin           1 
# 
_struct_ref_seq.align_id                      1 
_struct_ref_seq.ref_id                        1 
_struct_ref_seq.pdbx_PDB_id_code              8HR3 
_struct_ref_seq.pdbx_strand_id                A 
_struct_ref_seq.seq_align_beg                 1 
_struct_ref_seq.pdbx_seq_align_beg_ins_code   ? 
_struct_ref_seq.seq_align_end                 13 
_struct_ref_seq.pdbx_seq_align_end_ins_code   ? 
_struct_ref_seq.pdbx_db_accession             8HR3 
_struct_ref_seq.db_align_beg                  5 
_struct_ref_seq.pdbx_db_align_beg_ins_code    ? 
_struct_ref_seq.db_align_end                  17 
_struct_ref_seq.pdbx_db_align_end_ins_code    ? 
_struct_ref_seq.pdbx_auth_seq_align_beg       5 
_struct_ref_seq.pdbx_auth_seq_align_end       17 
# 
_pdbx_struct_assembly.id                   1 
_pdbx_struct_assembly.details              author_defined_assembly 
_pdbx_struct_assembly.method_details       ? 
_pdbx_struct_assembly.oligomeric_details   monomeric 
_pdbx_struct_assembly.oligomeric_count     1 
# 
_pdbx_struct_assembly_gen.assembly_id       1 
_pdbx_struct_assembly_gen.oper_expression   1 
_pdbx_struct_assembly_gen.asym_id_list      A 
# 
loop_
_pdbx_struct_assembly_auth_evidence.id 
_pdbx_struct_assembly_auth_evidence.assembly_id 
_pdbx_struct_assembly_auth_evidence.experimental_support 
_pdbx_struct_assembly_auth_evidence.details 
1 1 'NMR Distance Restraints' ? 
2 1 'mass spectrometry'       ? 
# 
_pdbx_struct_oper_list.id                   1 
_pdbx_struct_oper_list.type                 'identity operation' 
_pdbx_struct_oper_list.name                 1_555 
_pdbx_struct_oper_list.symmetry_operation   ? 
_pdbx_struct_oper_list.matrix[1][1]         1.0000000000 
_pdbx_struct_oper_list.matrix[1][2]         0.0000000000 
_pdbx_struct_oper_list.matrix[1][3]         0.0000000000 
_pdbx_struct_oper_list.vector[1]            0.0000000000 
_pdbx_struct_oper_list.matrix[2][1]         0.0000000000 
_pdbx_struct_oper_list.matrix[2][2]         1.0000000000 
_pdbx_struct_oper_list.matrix[2][3]         0.0000000000 
_pdbx_struct_oper_list.vector[2]            0.0000000000 
_pdbx_struct_oper_list.matrix[3][1]         0.0000000000 
_pdbx_struct_oper_list.matrix[3][2]         0.0000000000 
_pdbx_struct_oper_list.matrix[3][3]         1.0000000000 
_pdbx_struct_oper_list.vector[3]            0.0000000000 
# 
loop_
_struct_conn.id 
_struct_conn.conn_type_id 
_struct_conn.pdbx_leaving_atom_flag 
_struct_conn.pdbx_PDB_id 
_struct_conn.ptnr1_label_asym_id 
_struct_conn.ptnr1_label_comp_id 
_struct_conn.ptnr1_label_seq_id 
_struct_conn.ptnr1_label_atom_id 
_struct_conn.pdbx_ptnr1_label_alt_id 
_struct_conn.pdbx_ptnr1_PDB_ins_code 
_struct_conn.pdbx_ptnr1_standard_comp_id 
_struct_conn.ptnr1_symmetry 
_struct_conn.ptnr2_label_asym_id 
_struct_conn.ptnr2_label_comp_id 
_struct_conn.ptnr2_label_seq_id 
_struct_conn.ptnr2_label_atom_id 
_struct_conn.pdbx_ptnr2_label_alt_id 
_struct_conn.pdbx_ptnr2_PDB_ins_code 
_struct_conn.ptnr1_auth_asym_id 
_struct_conn.ptnr1_auth_comp_id 
_struct_conn.ptnr1_auth_seq_id 
_struct_conn.ptnr2_auth_asym_id 
_struct_conn.ptnr2_auth_comp_id 
_struct_conn.ptnr2_auth_seq_id 
_struct_conn.ptnr2_symmetry 
_struct_conn.pdbx_ptnr3_label_atom_id 
_struct_conn.pdbx_ptnr3_label_seq_id 
_struct_conn.pdbx_ptnr3_label_comp_id 
_struct_conn.pdbx_ptnr3_label_asym_id 
_struct_conn.pdbx_ptnr3_label_alt_id 
_struct_conn.pdbx_ptnr3_PDB_ins_code 
_struct_conn.details 
_struct_conn.pdbx_dist_value 
_struct_conn.pdbx_value_order 
_struct_conn.pdbx_role 
disulf1 disulf ?    ? A DCY 1  SG ? ? ? 1_555 A CYS 6  SG ? ? A DCY 5  A CYS 10 1_555 ? ? ? ? ? ? ? 2.031 ? ? 
disulf2 disulf ?    ? A CYS 2  SG ? ? ? 1_555 A CYS 10 SG ? ? A CYS 6  A CYS 14 1_555 ? ? ? ? ? ? ? 2.031 ? ? 
disulf3 disulf ?    ? A CYS 5  SG ? ? ? 1_555 A CYS 13 SG ? ? A CYS 9  A CYS 17 1_555 ? ? ? ? ? ? ? 2.032 ? ? 
covale1 covale both ? A DCY 1  C  ? ? ? 1_555 A CYS 2  N  ? ? A DCY 5  A CYS 6  1_555 ? ? ? ? ? ? ? 1.336 ? ? 
covale2 covale both ? A ALA 11 C  ? ? ? 1_555 A DLY 12 N  ? ? A ALA 15 A DLY 16 1_555 ? ? ? ? ? ? ? 1.339 ? ? 
covale3 covale both ? A DLY 12 C  ? ? ? 1_555 A CYS 13 N  ? ? A DLY 16 A CYS 17 1_555 ? ? ? ? ? ? ? 1.337 ? ? 
# 
loop_
_struct_conn_type.id 
_struct_conn_type.criteria 
_struct_conn_type.reference 
disulf ? ? 
covale ? ? 
# 
loop_
_pdbx_modification_feature.ordinal 
_pdbx_modification_feature.label_comp_id 
_pdbx_modification_feature.label_asym_id 
_pdbx_modification_feature.label_seq_id 
_pdbx_modification_feature.label_alt_id 
_pdbx_modification_feature.modified_residue_label_comp_id 
_pdbx_modification_feature.modified_residue_label_asym_id 
_pdbx_modification_feature.modified_residue_label_seq_id 
_pdbx_modification_feature.modified_residue_label_alt_id 
_pdbx_modification_feature.auth_comp_id 
_pdbx_modification_feature.auth_asym_id 
_pdbx_modification_feature.auth_seq_id 
_pdbx_modification_feature.PDB_ins_code 
_pdbx_modification_feature.symmetry 
_pdbx_modification_feature.modified_residue_auth_comp_id 
_pdbx_modification_feature.modified_residue_auth_asym_id 
_pdbx_modification_feature.modified_residue_auth_seq_id 
_pdbx_modification_feature.modified_residue_PDB_ins_code 
_pdbx_modification_feature.modified_residue_symmetry 
_pdbx_modification_feature.comp_id_linking_atom 
_pdbx_modification_feature.modified_residue_id_linking_atom 
_pdbx_modification_feature.modified_residue_id 
_pdbx_modification_feature.ref_pcm_id 
_pdbx_modification_feature.ref_comp_id 
_pdbx_modification_feature.type 
_pdbx_modification_feature.category 
1 DCY A 1 ? CYS A 6  ? DCY A 5 ? 1_555 CYS A 10 ? 1_555 SG SG . . . None 'Disulfide bridge' 
2 CYS A 2 ? CYS A 10 ? CYS A 6 ? 1_555 CYS A 14 ? 1_555 SG SG . . . None 'Disulfide bridge' 
3 CYS A 5 ? CYS A 13 ? CYS A 9 ? 1_555 CYS A 17 ? 1_555 SG SG . . . None 'Disulfide bridge' 
# 
_pdbx_entry_details.entry_id                   8HR3 
_pdbx_entry_details.has_ligand_of_interest     Y 
_pdbx_entry_details.compound_details           'The side chain of DLY(D-Lys)16 were protonated.' 
_pdbx_entry_details.source_details             ? 
_pdbx_entry_details.nonpolymer_details         ? 
_pdbx_entry_details.sequence_details           ? 
_pdbx_entry_details.has_protein_modification   Y 
# 
loop_
_pdbx_validate_torsion.id 
_pdbx_validate_torsion.PDB_model_num 
_pdbx_validate_torsion.auth_comp_id 
_pdbx_validate_torsion.auth_asym_id 
_pdbx_validate_torsion.auth_seq_id 
_pdbx_validate_torsion.PDB_ins_code 
_pdbx_validate_torsion.label_alt_id 
_pdbx_validate_torsion.phi 
_pdbx_validate_torsion.psi 
1  1  ASP A 7  ? ? -137.36 -48.56 
2  1  VAL A 8  ? ? -147.67 -45.26 
3  1  CYS A 14 ? ? 62.29   95.97  
4  2  ASP A 7  ? ? -136.76 -48.77 
5  2  VAL A 8  ? ? -145.52 -46.05 
6  2  CYS A 14 ? ? 62.18   95.23  
7  3  ASP A 7  ? ? -135.15 -50.61 
8  3  VAL A 8  ? ? -147.51 -45.37 
9  3  CYS A 14 ? ? 61.20   93.90  
10 4  ASP A 7  ? ? -137.33 -48.40 
11 4  VAL A 8  ? ? -144.44 -46.56 
12 4  CYS A 14 ? ? 62.22   94.59  
13 5  ASP A 7  ? ? -136.27 -49.43 
14 5  VAL A 8  ? ? -148.06 -44.88 
15 5  CYS A 14 ? ? 62.12   95.17  
16 6  ASP A 7  ? ? -136.96 -48.74 
17 6  VAL A 8  ? ? -147.76 -45.23 
18 6  CYS A 14 ? ? 62.26   95.69  
19 7  ASP A 7  ? ? -135.59 -49.54 
20 7  VAL A 8  ? ? -146.40 -45.53 
21 7  CYS A 14 ? ? 61.99   93.89  
22 8  ASP A 7  ? ? -136.40 -50.54 
23 8  VAL A 8  ? ? -149.48 -45.02 
24 8  CYS A 14 ? ? 62.10   94.82  
25 9  ASP A 7  ? ? -135.67 -50.06 
26 9  VAL A 8  ? ? -148.40 -44.68 
27 9  CYS A 14 ? ? 61.82   94.57  
28 10 ASP A 7  ? ? -136.18 -50.35 
29 10 VAL A 8  ? ? -149.19 -44.94 
30 10 CYS A 14 ? ? 62.17   95.08  
# 
_pdbx_nmr_ensemble.entry_id                                      8HR3 
_pdbx_nmr_ensemble.conformers_calculated_total_number            500 
_pdbx_nmr_ensemble.conformers_submitted_total_number             10 
_pdbx_nmr_ensemble.conformer_selection_criteria                  'structures with the lowest energy' 
_pdbx_nmr_ensemble.representative_conformer                      ? 
_pdbx_nmr_ensemble.average_constraints_per_residue               ? 
_pdbx_nmr_ensemble.average_constraint_violations_per_residue     ? 
_pdbx_nmr_ensemble.maximum_distance_constraint_violation         ? 
_pdbx_nmr_ensemble.average_distance_constraint_violation         ? 
_pdbx_nmr_ensemble.maximum_upper_distance_constraint_violation   ? 
_pdbx_nmr_ensemble.maximum_lower_distance_constraint_violation   ? 
_pdbx_nmr_ensemble.distance_constraint_violation_method          ? 
_pdbx_nmr_ensemble.maximum_torsion_angle_constraint_violation    ? 
_pdbx_nmr_ensemble.average_torsion_angle_constraint_violation    ? 
_pdbx_nmr_ensemble.torsion_angle_constraint_violation_method     ? 
# 
_pdbx_nmr_representative.entry_id             8HR3 
_pdbx_nmr_representative.conformer_id         1 
_pdbx_nmr_representative.selection_criteria   'lowest energy' 
# 
_pdbx_nmr_sample_details.solution_id      1 
_pdbx_nmr_sample_details.contents         '3 mM NA- c5D7V8k16-STp(5-17), 90% H2O/10% D2O' 
_pdbx_nmr_sample_details.solvent_system   '90% H2O/10% D2O' 
_pdbx_nmr_sample_details.label            sample 
_pdbx_nmr_sample_details.type             solution 
_pdbx_nmr_sample_details.details          'c5D7V8k16-STp(5-17)' 
# 
_pdbx_nmr_exptl_sample.solution_id           1 
_pdbx_nmr_exptl_sample.component             'c5D7V8k16-STp(5-17)' 
_pdbx_nmr_exptl_sample.concentration         3 
_pdbx_nmr_exptl_sample.concentration_range   ? 
_pdbx_nmr_exptl_sample.concentration_units   mM 
_pdbx_nmr_exptl_sample.isotopic_labeling     NA- 
# 
_pdbx_nmr_exptl_sample_conditions.conditions_id          1 
_pdbx_nmr_exptl_sample_conditions.temperature            298 
_pdbx_nmr_exptl_sample_conditions.pressure_units         atm 
_pdbx_nmr_exptl_sample_conditions.pressure               1 
_pdbx_nmr_exptl_sample_conditions.pH                     6.5 
_pdbx_nmr_exptl_sample_conditions.ionic_strength         25 
_pdbx_nmr_exptl_sample_conditions.details                
'20 mM sodium phosphate buffer prepared with a 90% H2O/10% D2O mixture at pH 6.5' 
_pdbx_nmr_exptl_sample_conditions.ionic_strength_err     ? 
_pdbx_nmr_exptl_sample_conditions.ionic_strength_units   mM 
_pdbx_nmr_exptl_sample_conditions.label                  condition_1 
_pdbx_nmr_exptl_sample_conditions.pH_err                 ? 
_pdbx_nmr_exptl_sample_conditions.pH_units               pH 
_pdbx_nmr_exptl_sample_conditions.pressure_err           ? 
_pdbx_nmr_exptl_sample_conditions.temperature_err        ? 
_pdbx_nmr_exptl_sample_conditions.temperature_units      K 
# 
loop_
_pdbx_nmr_exptl.experiment_id 
_pdbx_nmr_exptl.conditions_id 
_pdbx_nmr_exptl.solution_id 
_pdbx_nmr_exptl.type 
_pdbx_nmr_exptl.spectrometer_id 
_pdbx_nmr_exptl.sample_state 
1 1 1 '2D DQF-COSY'    1 isotropic 
2 1 1 '2D 1H-1H NOESY' 1 isotropic 
# 
_pdbx_nmr_refine.entry_id           8HR3 
_pdbx_nmr_refine.method             'simulated annealing' 
_pdbx_nmr_refine.details            ? 
_pdbx_nmr_refine.software_ordinal   1 
# 
_pdbx_nmr_software.ordinal          1 
_pdbx_nmr_software.classification   'structure calculation' 
_pdbx_nmr_software.name             CNS 
_pdbx_nmr_software.version          ? 
_pdbx_nmr_software.authors          'Brunger, Adams, Clore, Gros, Nilges and Read' 
# 
loop_
_chem_comp_atom.comp_id 
_chem_comp_atom.atom_id 
_chem_comp_atom.type_symbol 
_chem_comp_atom.pdbx_aromatic_flag 
_chem_comp_atom.pdbx_stereo_config 
_chem_comp_atom.pdbx_ordinal 
ALA N    N N N 1   
ALA CA   C N S 2   
ALA C    C N N 3   
ALA O    O N N 4   
ALA CB   C N N 5   
ALA OXT  O N N 6   
ALA H    H N N 7   
ALA H2   H N N 8   
ALA HA   H N N 9   
ALA HB1  H N N 10  
ALA HB2  H N N 11  
ALA HB3  H N N 12  
ALA HXT  H N N 13  
ASN N    N N N 14  
ASN CA   C N S 15  
ASN C    C N N 16  
ASN O    O N N 17  
ASN CB   C N N 18  
ASN CG   C N N 19  
ASN OD1  O N N 20  
ASN ND2  N N N 21  
ASN OXT  O N N 22  
ASN H    H N N 23  
ASN H2   H N N 24  
ASN HA   H N N 25  
ASN HB2  H N N 26  
ASN HB3  H N N 27  
ASN HD21 H N N 28  
ASN HD22 H N N 29  
ASN HXT  H N N 30  
ASP N    N N N 31  
ASP CA   C N S 32  
ASP C    C N N 33  
ASP O    O N N 34  
ASP CB   C N N 35  
ASP CG   C N N 36  
ASP OD1  O N N 37  
ASP OD2  O N N 38  
ASP OXT  O N N 39  
ASP H    H N N 40  
ASP H2   H N N 41  
ASP HA   H N N 42  
ASP HB2  H N N 43  
ASP HB3  H N N 44  
ASP HD2  H N N 45  
ASP HXT  H N N 46  
CYS N    N N N 47  
CYS CA   C N R 48  
CYS C    C N N 49  
CYS O    O N N 50  
CYS CB   C N N 51  
CYS SG   S N N 52  
CYS OXT  O N N 53  
CYS H    H N N 54  
CYS H2   H N N 55  
CYS HA   H N N 56  
CYS HB2  H N N 57  
CYS HB3  H N N 58  
CYS HG   H N N 59  
CYS HXT  H N N 60  
DCY N    N N N 61  
DCY CA   C N S 62  
DCY C    C N N 63  
DCY O    O N N 64  
DCY CB   C N N 65  
DCY SG   S N N 66  
DCY OXT  O N N 67  
DCY H    H N N 68  
DCY H2   H N N 69  
DCY HA   H N N 70  
DCY HB2  H N N 71  
DCY HB3  H N N 72  
DCY HG   H N N 73  
DCY HXT  H N N 74  
DLY N    N N N 75  
DLY CA   C N R 76  
DLY C    C N N 77  
DLY O    O N N 78  
DLY CB   C N N 79  
DLY CG   C N N 80  
DLY CD   C N N 81  
DLY CE   C N N 82  
DLY NZ   N N N 83  
DLY OXT  O N N 84  
DLY H    H N N 85  
DLY H2   H N N 86  
DLY HA   H N N 87  
DLY HB2  H N N 88  
DLY HB3  H N N 89  
DLY HG2  H N N 90  
DLY HG3  H N N 91  
DLY HD2  H N N 92  
DLY HD3  H N N 93  
DLY HE2  H N N 94  
DLY HE3  H N N 95  
DLY HZ1  H N N 96  
DLY HZ2  H N N 97  
DLY HXT  H N N 98  
PRO N    N N N 99  
PRO CA   C N S 100 
PRO C    C N N 101 
PRO O    O N N 102 
PRO CB   C N N 103 
PRO CG   C N N 104 
PRO CD   C N N 105 
PRO OXT  O N N 106 
PRO H    H N N 107 
PRO HA   H N N 108 
PRO HB2  H N N 109 
PRO HB3  H N N 110 
PRO HG2  H N N 111 
PRO HG3  H N N 112 
PRO HD2  H N N 113 
PRO HD3  H N N 114 
PRO HXT  H N N 115 
VAL N    N N N 116 
VAL CA   C N S 117 
VAL C    C N N 118 
VAL O    O N N 119 
VAL CB   C N N 120 
VAL CG1  C N N 121 
VAL CG2  C N N 122 
VAL OXT  O N N 123 
VAL H    H N N 124 
VAL H2   H N N 125 
VAL HA   H N N 126 
VAL HB   H N N 127 
VAL HG11 H N N 128 
VAL HG12 H N N 129 
VAL HG13 H N N 130 
VAL HG21 H N N 131 
VAL HG22 H N N 132 
VAL HG23 H N N 133 
VAL HXT  H N N 134 
# 
loop_
_chem_comp_bond.comp_id 
_chem_comp_bond.atom_id_1 
_chem_comp_bond.atom_id_2 
_chem_comp_bond.value_order 
_chem_comp_bond.pdbx_aromatic_flag 
_chem_comp_bond.pdbx_stereo_config 
_chem_comp_bond.pdbx_ordinal 
ALA N   CA   sing N N 1   
ALA N   H    sing N N 2   
ALA N   H2   sing N N 3   
ALA CA  C    sing N N 4   
ALA CA  CB   sing N N 5   
ALA CA  HA   sing N N 6   
ALA C   O    doub N N 7   
ALA C   OXT  sing N N 8   
ALA CB  HB1  sing N N 9   
ALA CB  HB2  sing N N 10  
ALA CB  HB3  sing N N 11  
ALA OXT HXT  sing N N 12  
ASN N   CA   sing N N 13  
ASN N   H    sing N N 14  
ASN N   H2   sing N N 15  
ASN CA  C    sing N N 16  
ASN CA  CB   sing N N 17  
ASN CA  HA   sing N N 18  
ASN C   O    doub N N 19  
ASN C   OXT  sing N N 20  
ASN CB  CG   sing N N 21  
ASN CB  HB2  sing N N 22  
ASN CB  HB3  sing N N 23  
ASN CG  OD1  doub N N 24  
ASN CG  ND2  sing N N 25  
ASN ND2 HD21 sing N N 26  
ASN ND2 HD22 sing N N 27  
ASN OXT HXT  sing N N 28  
ASP N   CA   sing N N 29  
ASP N   H    sing N N 30  
ASP N   H2   sing N N 31  
ASP CA  C    sing N N 32  
ASP CA  CB   sing N N 33  
ASP CA  HA   sing N N 34  
ASP C   O    doub N N 35  
ASP C   OXT  sing N N 36  
ASP CB  CG   sing N N 37  
ASP CB  HB2  sing N N 38  
ASP CB  HB3  sing N N 39  
ASP CG  OD1  doub N N 40  
ASP CG  OD2  sing N N 41  
ASP OD2 HD2  sing N N 42  
ASP OXT HXT  sing N N 43  
CYS N   CA   sing N N 44  
CYS N   H    sing N N 45  
CYS N   H2   sing N N 46  
CYS CA  C    sing N N 47  
CYS CA  CB   sing N N 48  
CYS CA  HA   sing N N 49  
CYS C   O    doub N N 50  
CYS C   OXT  sing N N 51  
CYS CB  SG   sing N N 52  
CYS CB  HB2  sing N N 53  
CYS CB  HB3  sing N N 54  
CYS SG  HG   sing N N 55  
CYS OXT HXT  sing N N 56  
DCY N   CA   sing N N 57  
DCY N   H    sing N N 58  
DCY N   H2   sing N N 59  
DCY CA  C    sing N N 60  
DCY CA  CB   sing N N 61  
DCY CA  HA   sing N N 62  
DCY C   O    doub N N 63  
DCY C   OXT  sing N N 64  
DCY CB  SG   sing N N 65  
DCY CB  HB2  sing N N 66  
DCY CB  HB3  sing N N 67  
DCY SG  HG   sing N N 68  
DCY OXT HXT  sing N N 69  
DLY N   CA   sing N N 70  
DLY N   H    sing N N 71  
DLY N   H2   sing N N 72  
DLY CA  C    sing N N 73  
DLY CA  CB   sing N N 74  
DLY CA  HA   sing N N 75  
DLY C   O    doub N N 76  
DLY C   OXT  sing N N 77  
DLY CB  CG   sing N N 78  
DLY CB  HB2  sing N N 79  
DLY CB  HB3  sing N N 80  
DLY CG  CD   sing N N 81  
DLY CG  HG2  sing N N 82  
DLY CG  HG3  sing N N 83  
DLY CD  CE   sing N N 84  
DLY CD  HD2  sing N N 85  
DLY CD  HD3  sing N N 86  
DLY CE  NZ   sing N N 87  
DLY CE  HE2  sing N N 88  
DLY CE  HE3  sing N N 89  
DLY NZ  HZ1  sing N N 90  
DLY NZ  HZ2  sing N N 91  
DLY OXT HXT  sing N N 92  
PRO N   CA   sing N N 93  
PRO N   CD   sing N N 94  
PRO N   H    sing N N 95  
PRO CA  C    sing N N 96  
PRO CA  CB   sing N N 97  
PRO CA  HA   sing N N 98  
PRO C   O    doub N N 99  
PRO C   OXT  sing N N 100 
PRO CB  CG   sing N N 101 
PRO CB  HB2  sing N N 102 
PRO CB  HB3  sing N N 103 
PRO CG  CD   sing N N 104 
PRO CG  HG2  sing N N 105 
PRO CG  HG3  sing N N 106 
PRO CD  HD2  sing N N 107 
PRO CD  HD3  sing N N 108 
PRO OXT HXT  sing N N 109 
VAL N   CA   sing N N 110 
VAL N   H    sing N N 111 
VAL N   H2   sing N N 112 
VAL CA  C    sing N N 113 
VAL CA  CB   sing N N 114 
VAL CA  HA   sing N N 115 
VAL C   O    doub N N 116 
VAL C   OXT  sing N N 117 
VAL CB  CG1  sing N N 118 
VAL CB  CG2  sing N N 119 
VAL CB  HB   sing N N 120 
VAL CG1 HG11 sing N N 121 
VAL CG1 HG12 sing N N 122 
VAL CG1 HG13 sing N N 123 
VAL CG2 HG21 sing N N 124 
VAL CG2 HG22 sing N N 125 
VAL CG2 HG23 sing N N 126 
VAL OXT HXT  sing N N 127 
# 
_pdbx_audit_support.funding_organization   'Japan Society for the Promotion of Science (JSPS)' 
_pdbx_audit_support.country                Japan 
_pdbx_audit_support.grant_number           16K01925 
_pdbx_audit_support.ordinal                1 
# 
_pdbx_nmr_spectrometer.spectrometer_id   1 
_pdbx_nmr_spectrometer.model             JNM-ECA800 
_pdbx_nmr_spectrometer.type              ? 
_pdbx_nmr_spectrometer.manufacturer      JEOL 
_pdbx_nmr_spectrometer.field_strength    800 
_pdbx_nmr_spectrometer.details           ? 
# 
_atom_sites.entry_id                    8HR3 
_atom_sites.Cartn_transf_matrix[1][1]   ? 
_atom_sites.Cartn_transf_matrix[1][2]   ? 
_atom_sites.Cartn_transf_matrix[1][3]   ? 
_atom_sites.Cartn_transf_matrix[2][1]   ? 
_atom_sites.Cartn_transf_matrix[2][2]   ? 
_atom_sites.Cartn_transf_matrix[2][3]   ? 
_atom_sites.Cartn_transf_matrix[3][1]   ? 
_atom_sites.Cartn_transf_matrix[3][2]   ? 
_atom_sites.Cartn_transf_matrix[3][3]   ? 
_atom_sites.Cartn_transf_vector[1]      ? 
_atom_sites.Cartn_transf_vector[2]      ? 
_atom_sites.Cartn_transf_vector[3]      ? 
_atom_sites.fract_transf_matrix[1][1]   1.000000 
_atom_sites.fract_transf_matrix[1][2]   0.000000 
_atom_sites.fract_transf_matrix[1][3]   0.000000 
_atom_sites.fract_transf_matrix[2][1]   0.000000 
_atom_sites.fract_transf_matrix[2][2]   1.000000 
_atom_sites.fract_transf_matrix[2][3]   0.000000 
_atom_sites.fract_transf_matrix[3][1]   0.000000 
_atom_sites.fract_transf_matrix[3][2]   0.000000 
_atom_sites.fract_transf_matrix[3][3]   1.000000 
_atom_sites.fract_transf_vector[1]      0.00000 
_atom_sites.fract_transf_vector[2]      0.00000 
_atom_sites.fract_transf_vector[3]      0.00000 
_atom_sites.solution_primary            ? 
_atom_sites.solution_secondary          ? 
_atom_sites.solution_hydrogens          ? 
_atom_sites.special_details             ? 
# 
loop_
_atom_type.symbol 
C 
H 
N 
O 
S 
# 
loop_
_atom_site.group_PDB 
_atom_site.id 
_atom_site.type_symbol 
_atom_site.label_atom_id 
_atom_site.label_alt_id 
_atom_site.label_comp_id 
_atom_site.label_asym_id 
_atom_site.label_entity_id 
_atom_site.label_seq_id 
_atom_site.pdbx_PDB_ins_code 
_atom_site.Cartn_x 
_atom_site.Cartn_y 
_atom_site.Cartn_z 
_atom_site.occupancy 
_atom_site.B_iso_or_equiv 
_atom_site.pdbx_formal_charge 
_atom_site.auth_seq_id 
_atom_site.auth_comp_id 
_atom_site.auth_asym_id 
_atom_site.auth_atom_id 
_atom_site.pdbx_PDB_model_num 
HETATM 1    N N    . DCY A 1 1  ? 4.178  -5.404 1.322  1.00 0.00 ? 5  DCY A N    1  
HETATM 2    C CA   . DCY A 1 1  ? 2.850  -4.794 1.055  1.00 0.00 ? 5  DCY A CA   1  
HETATM 3    C C    . DCY A 1 1  ? 2.272  -5.320 -0.254 1.00 0.00 ? 5  DCY A C    1  
HETATM 4    O O    . DCY A 1 1  ? 2.372  -6.516 -0.545 1.00 0.00 ? 5  DCY A O    1  
HETATM 5    C CB   . DCY A 1 1  ? 1.885  -5.100 2.206  1.00 0.00 ? 5  DCY A CB   1  
HETATM 6    S SG   . DCY A 1 1  ? 2.631  -4.976 3.867  1.00 0.00 ? 5  DCY A SG   1  
HETATM 7    H H1   . DCY A 1 1  ? 4.089  -6.439 1.390  1.00 0.00 ? 5  DCY A H1   1  
HETATM 8    H H2   . DCY A 1 1  ? 4.566  -5.042 2.216  1.00 0.00 ? 5  DCY A H2   1  
HETATM 9    H H3   . DCY A 1 1  ? 4.838  -5.174 0.552  1.00 0.00 ? 5  DCY A H3   1  
HETATM 10   H HA   . DCY A 1 1  ? 2.978  -3.725 0.975  1.00 0.00 ? 5  DCY A HA   1  
HETATM 11   H HB2  . DCY A 1 1  ? 1.507  -6.107 2.089  1.00 0.00 ? 5  DCY A HB2  1  
HETATM 12   H HB3  . DCY A 1 1  ? 1.058  -4.406 2.166  1.00 0.00 ? 5  DCY A HB3  1  
ATOM   13   N N    . CYS A 1 2  ? 1.668  -4.419 -1.036 1.00 0.00 ? 6  CYS A N    1  
ATOM   14   C CA   . CYS A 1 2  ? 1.071  -4.783 -2.322 1.00 0.00 ? 6  CYS A CA   1  
ATOM   15   C C    . CYS A 1 2  ? 1.968  -4.361 -3.489 1.00 0.00 ? 6  CYS A C    1  
ATOM   16   O O    . CYS A 1 2  ? 2.192  -5.145 -4.416 1.00 0.00 ? 6  CYS A O    1  
ATOM   17   C CB   . CYS A 1 2  ? -0.323 -4.160 -2.464 1.00 0.00 ? 6  CYS A CB   1  
ATOM   18   S SG   . CYS A 1 2  ? -0.361 -2.347 -2.293 1.00 0.00 ? 6  CYS A SG   1  
ATOM   19   H H    . CYS A 1 2  ? 1.623  -3.486 -0.739 1.00 0.00 ? 6  CYS A H    1  
ATOM   20   H HA   . CYS A 1 2  ? 0.972  -5.859 -2.340 1.00 0.00 ? 6  CYS A HA   1  
ATOM   21   H HB2  . CYS A 1 2  ? -0.718 -4.403 -3.441 1.00 0.00 ? 6  CYS A HB2  1  
ATOM   22   H HB3  . CYS A 1 2  ? -0.971 -4.576 -1.703 1.00 0.00 ? 6  CYS A HB3  1  
ATOM   23   N N    . ASP A 1 3  ? 2.476  -3.121 -3.433 1.00 0.00 ? 7  ASP A N    1  
ATOM   24   C CA   . ASP A 1 3  ? 3.357  -2.585 -4.478 1.00 0.00 ? 7  ASP A CA   1  
ATOM   25   C C    . ASP A 1 3  ? 4.528  -1.816 -3.861 1.00 0.00 ? 7  ASP A C    1  
ATOM   26   O O    . ASP A 1 3  ? 5.684  -2.033 -4.236 1.00 0.00 ? 7  ASP A O    1  
ATOM   27   C CB   . ASP A 1 3  ? 2.574  -1.675 -5.438 1.00 0.00 ? 7  ASP A CB   1  
ATOM   28   C CG   . ASP A 1 3  ? 1.596  -2.447 -6.304 1.00 0.00 ? 7  ASP A CG   1  
ATOM   29   O OD1  . ASP A 1 3  ? 1.994  -2.881 -7.406 1.00 0.00 ? 7  ASP A OD1  1  
ATOM   30   O OD2  . ASP A 1 3  ? 0.433  -2.615 -5.881 1.00 0.00 ? 7  ASP A OD2  1  
ATOM   31   H H    . ASP A 1 3  ? 2.251  -2.552 -2.667 1.00 0.00 ? 7  ASP A H    1  
ATOM   32   H HA   . ASP A 1 3  ? 3.751  -3.422 -5.034 1.00 0.00 ? 7  ASP A HA   1  
ATOM   33   H HB2  . ASP A 1 3  ? 2.018  -0.948 -4.862 1.00 0.00 ? 7  ASP A HB2  1  
ATOM   34   H HB3  . ASP A 1 3  ? 3.273  -1.161 -6.085 1.00 0.00 ? 7  ASP A HB3  1  
ATOM   35   N N    . VAL A 1 4  ? 4.214  -0.920 -2.916 1.00 0.00 ? 8  VAL A N    1  
ATOM   36   C CA   . VAL A 1 4  ? 5.224  -0.105 -2.226 1.00 0.00 ? 8  VAL A CA   1  
ATOM   37   C C    . VAL A 1 4  ? 4.806  0.192  -0.782 1.00 0.00 ? 8  VAL A C    1  
ATOM   38   O O    . VAL A 1 4  ? 5.613  0.073  0.144  1.00 0.00 ? 8  VAL A O    1  
ATOM   39   C CB   . VAL A 1 4  ? 5.522  1.242  -2.960 1.00 0.00 ? 8  VAL A CB   1  
ATOM   40   C CG1  . VAL A 1 4  ? 6.445  1.013  -4.144 1.00 0.00 ? 8  VAL A CG1  1  
ATOM   41   C CG2  . VAL A 1 4  ? 4.246  1.950  -3.424 1.00 0.00 ? 8  VAL A CG2  1  
ATOM   42   H H    . VAL A 1 4  ? 3.271  -0.802 -2.674 1.00 0.00 ? 8  VAL A H    1  
ATOM   43   H HA   . VAL A 1 4  ? 6.139  -0.679 -2.202 1.00 0.00 ? 8  VAL A HA   1  
ATOM   44   H HB   . VAL A 1 4  ? 6.032  1.894  -2.265 1.00 0.00 ? 8  VAL A HB   1  
ATOM   45   H HG11 . VAL A 1 4  ? 6.611  1.951  -4.653 1.00 0.00 ? 8  VAL A HG11 1  
ATOM   46   H HG12 . VAL A 1 4  ? 5.991  0.308  -4.824 1.00 0.00 ? 8  VAL A HG12 1  
ATOM   47   H HG13 . VAL A 1 4  ? 7.389  0.621  -3.795 1.00 0.00 ? 8  VAL A HG13 1  
ATOM   48   H HG21 . VAL A 1 4  ? 3.627  2.172  -2.568 1.00 0.00 ? 8  VAL A HG21 1  
ATOM   49   H HG22 . VAL A 1 4  ? 3.705  1.309  -4.103 1.00 0.00 ? 8  VAL A HG22 1  
ATOM   50   H HG23 . VAL A 1 4  ? 4.507  2.868  -3.928 1.00 0.00 ? 8  VAL A HG23 1  
ATOM   51   N N    . CYS A 1 5  ? 3.535  0.577  -0.613 1.00 0.00 ? 9  CYS A N    1  
ATOM   52   C CA   . CYS A 1 5  ? 2.976  0.909  0.695  1.00 0.00 ? 9  CYS A CA   1  
ATOM   53   C C    . CYS A 1 5  ? 2.247  -0.287 1.301  1.00 0.00 ? 9  CYS A C    1  
ATOM   54   O O    . CYS A 1 5  ? 1.718  -1.134 0.573  1.00 0.00 ? 9  CYS A O    1  
ATOM   55   C CB   . CYS A 1 5  ? 2.008  2.085  0.558  1.00 0.00 ? 9  CYS A CB   1  
ATOM   56   S SG   . CYS A 1 5  ? 2.523  3.339  -0.656 1.00 0.00 ? 9  CYS A SG   1  
ATOM   57   H H    . CYS A 1 5  ? 2.955  0.646  -1.398 1.00 0.00 ? 9  CYS A H    1  
ATOM   58   H HA   . CYS A 1 5  ? 3.789  1.194  1.346  1.00 0.00 ? 9  CYS A HA   1  
ATOM   59   H HB2  . CYS A 1 5  ? 1.042  1.713  0.243  1.00 0.00 ? 9  CYS A HB2  1  
ATOM   60   H HB3  . CYS A 1 5  ? 1.910  2.574  1.515  1.00 0.00 ? 9  CYS A HB3  1  
ATOM   61   N N    . CYS A 1 6  ? 2.224  -0.346 2.636  1.00 0.00 ? 10 CYS A N    1  
ATOM   62   C CA   . CYS A 1 6  ? 1.555  -1.430 3.353  1.00 0.00 ? 10 CYS A CA   1  
ATOM   63   C C    . CYS A 1 6  ? 0.230  -0.951 3.949  1.00 0.00 ? 10 CYS A C    1  
ATOM   64   O O    . CYS A 1 6  ? 0.188  -0.380 5.047  1.00 0.00 ? 10 CYS A O    1  
ATOM   65   C CB   . CYS A 1 6  ? 2.470  -2.005 4.438  1.00 0.00 ? 10 CYS A CB   1  
ATOM   66   S SG   . CYS A 1 6  ? 3.667  -3.230 3.819  1.00 0.00 ? 10 CYS A SG   1  
ATOM   67   H H    . CYS A 1 6  ? 2.670  0.359  3.150  1.00 0.00 ? 10 CYS A H    1  
ATOM   68   H HA   . CYS A 1 6  ? 1.341  -2.205 2.633  1.00 0.00 ? 10 CYS A HA   1  
ATOM   69   H HB2  . CYS A 1 6  ? 3.030  -1.200 4.893  1.00 0.00 ? 10 CYS A HB2  1  
ATOM   70   H HB3  . CYS A 1 6  ? 1.866  -2.487 5.192  1.00 0.00 ? 10 CYS A HB3  1  
ATOM   71   N N    . ASN A 1 7  ? -0.850 -1.173 3.189  1.00 0.00 ? 11 ASN A N    1  
ATOM   72   C CA   . ASN A 1 7  ? -2.201 -0.784 3.594  1.00 0.00 ? 11 ASN A CA   1  
ATOM   73   C C    . ASN A 1 7  ? -3.237 -1.784 3.054  1.00 0.00 ? 11 ASN A C    1  
ATOM   74   O O    . ASN A 1 7  ? -2.967 -2.462 2.057  1.00 0.00 ? 11 ASN A O    1  
ATOM   75   C CB   . ASN A 1 7  ? -2.526 0.622  3.078  1.00 0.00 ? 11 ASN A CB   1  
ATOM   76   C CG   . ASN A 1 7  ? -2.227 1.702  4.097  1.00 0.00 ? 11 ASN A CG   1  
ATOM   77   O OD1  . ASN A 1 7  ? -3.048 1.997  4.966  1.00 0.00 ? 11 ASN A OD1  1  
ATOM   78   N ND2  . ASN A 1 7  ? -1.050 2.304  3.990  1.00 0.00 ? 11 ASN A ND2  1  
ATOM   79   H H    . ASN A 1 7  ? -0.734 -1.610 2.322  1.00 0.00 ? 11 ASN A H    1  
ATOM   80   H HA   . ASN A 1 7  ? -2.241 -0.784 4.673  1.00 0.00 ? 11 ASN A HA   1  
ATOM   81   H HB2  . ASN A 1 7  ? -1.934 0.817  2.197  1.00 0.00 ? 11 ASN A HB2  1  
ATOM   82   H HB3  . ASN A 1 7  ? -3.571 0.669  2.824  1.00 0.00 ? 11 ASN A HB3  1  
ATOM   83   H HD21 . ASN A 1 7  ? -0.447 2.019  3.266  1.00 0.00 ? 11 ASN A HD21 1  
ATOM   84   H HD22 . ASN A 1 7  ? -0.832 3.011  4.636  1.00 0.00 ? 11 ASN A HD22 1  
ATOM   85   N N    . PRO A 1 8  ? -4.445 -1.897 3.694  1.00 0.00 ? 12 PRO A N    1  
ATOM   86   C CA   . PRO A 1 8  ? -5.507 -2.830 3.240  1.00 0.00 ? 12 PRO A CA   1  
ATOM   87   C C    . PRO A 1 8  ? -6.038 -2.515 1.830  1.00 0.00 ? 12 PRO A C    1  
ATOM   88   O O    . PRO A 1 8  ? -6.564 -3.399 1.148  1.00 0.00 ? 12 PRO A O    1  
ATOM   89   C CB   . PRO A 1 8  ? -6.623 -2.651 4.282  1.00 0.00 ? 12 PRO A CB   1  
ATOM   90   C CG   . PRO A 1 8  ? -6.358 -1.331 4.925  1.00 0.00 ? 12 PRO A CG   1  
ATOM   91   C CD   . PRO A 1 8  ? -4.868 -1.157 4.910  1.00 0.00 ? 12 PRO A CD   1  
ATOM   92   H HA   . PRO A 1 8  ? -5.158 -3.852 3.260  1.00 0.00 ? 12 PRO A HA   1  
ATOM   93   H HB2  . PRO A 1 8  ? -7.585 -2.669 3.783  1.00 0.00 ? 12 PRO A HB2  1  
ATOM   94   H HB3  . PRO A 1 8  ? -6.572 -3.447 5.011  1.00 0.00 ? 12 PRO A HB3  1  
ATOM   95   H HG2  . PRO A 1 8  ? -6.838 -0.545 4.354  1.00 0.00 ? 12 PRO A HG2  1  
ATOM   96   H HG3  . PRO A 1 8  ? -6.718 -1.336 5.943  1.00 0.00 ? 12 PRO A HG3  1  
ATOM   97   H HD2  . PRO A 1 8  ? -4.610 -0.109 4.831  1.00 0.00 ? 12 PRO A HD2  1  
ATOM   98   H HD3  . PRO A 1 8  ? -4.427 -1.591 5.796  1.00 0.00 ? 12 PRO A HD3  1  
ATOM   99   N N    . ALA A 1 9  ? -5.893 -1.250 1.414  1.00 0.00 ? 13 ALA A N    1  
ATOM   100  C CA   . ALA A 1 9  ? -6.347 -0.799 0.095  1.00 0.00 ? 13 ALA A CA   1  
ATOM   101  C C    . ALA A 1 9  ? -5.222 -0.097 -0.683 1.00 0.00 ? 13 ALA A C    1  
ATOM   102  O O    . ALA A 1 9  ? -5.446 0.419  -1.785 1.00 0.00 ? 13 ALA A O    1  
ATOM   103  C CB   . ALA A 1 9  ? -7.551 0.124  0.251  1.00 0.00 ? 13 ALA A CB   1  
ATOM   104  H H    . ALA A 1 9  ? -5.467 -0.602 2.014  1.00 0.00 ? 13 ALA A H    1  
ATOM   105  H HA   . ALA A 1 9  ? -6.663 -1.669 -0.461 1.00 0.00 ? 13 ALA A HA   1  
ATOM   106  H HB1  . ALA A 1 9  ? -7.920 0.403  -0.725 1.00 0.00 ? 13 ALA A HB1  1  
ATOM   107  H HB2  . ALA A 1 9  ? -7.256 1.012  0.791  1.00 0.00 ? 13 ALA A HB2  1  
ATOM   108  H HB3  . ALA A 1 9  ? -8.329 -0.388 0.798  1.00 0.00 ? 13 ALA A HB3  1  
ATOM   109  N N    . CYS A 1 10 ? -4.000 -0.100 -0.105 1.00 0.00 ? 14 CYS A N    1  
ATOM   110  C CA   . CYS A 1 10 ? -2.799 0.532  -0.706 1.00 0.00 ? 14 CYS A CA   1  
ATOM   111  C C    . CYS A 1 10 ? -2.979 2.050  -0.869 1.00 0.00 ? 14 CYS A C    1  
ATOM   112  O O    . CYS A 1 10 ? -3.575 2.520  -1.848 1.00 0.00 ? 14 CYS A O    1  
ATOM   113  C CB   . CYS A 1 10 ? -2.426 -0.124 -2.051 1.00 0.00 ? 14 CYS A CB   1  
ATOM   114  S SG   . CYS A 1 10 ? -2.327 -1.942 -1.986 1.00 0.00 ? 14 CYS A SG   1  
ATOM   115  H H    . CYS A 1 10 ? -3.900 -0.545 0.761  1.00 0.00 ? 14 CYS A H    1  
ATOM   116  H HA   . CYS A 1 10 ? -1.984 0.370  -0.016 1.00 0.00 ? 14 CYS A HA   1  
ATOM   117  H HB2  . CYS A 1 10 ? -3.172 0.138  -2.790 1.00 0.00 ? 14 CYS A HB2  1  
ATOM   118  H HB3  . CYS A 1 10 ? -1.461 0.248  -2.369 1.00 0.00 ? 14 CYS A HB3  1  
ATOM   119  N N    . ALA A 1 11 ? -2.473 2.803  0.117  1.00 0.00 ? 15 ALA A N    1  
ATOM   120  C CA   . ALA A 1 11 ? -2.561 4.267  0.116  1.00 0.00 ? 15 ALA A CA   1  
ATOM   121  C C    . ALA A 1 11 ? -1.250 4.895  0.577  1.00 0.00 ? 15 ALA A C    1  
ATOM   122  O O    . ALA A 1 11 ? -0.544 4.328  1.417  1.00 0.00 ? 15 ALA A O    1  
ATOM   123  C CB   . ALA A 1 11 ? -3.707 4.733  1.006  1.00 0.00 ? 15 ALA A CB   1  
ATOM   124  H H    . ALA A 1 11 ? -2.029 2.357  0.868  1.00 0.00 ? 15 ALA A H    1  
ATOM   125  H HA   . ALA A 1 11 ? -2.767 4.588  -0.895 1.00 0.00 ? 15 ALA A HA   1  
ATOM   126  H HB1  . ALA A 1 11 ? -4.630 4.285  0.669  1.00 0.00 ? 15 ALA A HB1  1  
ATOM   127  H HB2  . ALA A 1 11 ? -3.789 5.809  0.954  1.00 0.00 ? 15 ALA A HB2  1  
ATOM   128  H HB3  . ALA A 1 11 ? -3.514 4.436  2.027  1.00 0.00 ? 15 ALA A HB3  1  
HETATM 129  N N    . DLY A 1 12 ? -0.936 6.070  0.017  1.00 0.00 ? 16 DLY A N    1  
HETATM 130  C CA   . DLY A 1 12 ? 0.292  6.801  0.356  1.00 0.00 ? 16 DLY A CA   1  
HETATM 131  C C    . DLY A 1 12 ? 1.452  6.407  -0.564 1.00 0.00 ? 16 DLY A C    1  
HETATM 132  O O    . DLY A 1 12 ? 2.617  6.456  -0.156 1.00 0.00 ? 16 DLY A O    1  
HETATM 133  C CB   . DLY A 1 12 ? 0.057  8.314  0.275  1.00 0.00 ? 16 DLY A CB   1  
HETATM 134  C CG   . DLY A 1 12 ? -0.783 8.868  1.417  1.00 0.00 ? 16 DLY A CG   1  
HETATM 135  C CD   . DLY A 1 12 ? -0.980 10.369 1.285  1.00 0.00 ? 16 DLY A CD   1  
HETATM 136  C CE   . DLY A 1 12 ? -1.814 10.924 2.429  1.00 0.00 ? 16 DLY A CE   1  
HETATM 137  N NZ   . DLY A 1 12 ? -2.007 12.395 2.311  1.00 0.00 ? 16 DLY A NZ   1  
HETATM 138  H H    . DLY A 1 12 ? -1.549 6.456  -0.643 1.00 0.00 ? 16 DLY A H    1  
HETATM 139  H HA   . DLY A 1 12 ? 0.556  6.544  1.373  1.00 0.00 ? 16 DLY A HA   1  
HETATM 140  H HB2  . DLY A 1 12 ? -0.448 8.536  -0.656 1.00 0.00 ? 16 DLY A HB2  1  
HETATM 141  H HB3  . DLY A 1 12 ? 1.015  8.816  0.287  1.00 0.00 ? 16 DLY A HB3  1  
HETATM 142  H HG2  . DLY A 1 12 ? -0.283 8.660  2.353  1.00 0.00 ? 16 DLY A HG2  1  
HETATM 143  H HG3  . DLY A 1 12 ? -1.751 8.385  1.405  1.00 0.00 ? 16 DLY A HG3  1  
HETATM 144  H HD2  . DLY A 1 12 ? -1.482 10.576 0.351  1.00 0.00 ? 16 DLY A HD2  1  
HETATM 145  H HD3  . DLY A 1 12 ? -0.013 10.851 1.291  1.00 0.00 ? 16 DLY A HD3  1  
HETATM 146  H HE2  . DLY A 1 12 ? -1.312 10.709 3.361  1.00 0.00 ? 16 DLY A HE2  1  
HETATM 147  H HE3  . DLY A 1 12 ? -2.780 10.442 2.420  1.00 0.00 ? 16 DLY A HE3  1  
HETATM 148  H HZ1  . DLY A 1 12 ? -2.578 12.746 3.108  1.00 0.00 ? 16 DLY A HZ1  1  
HETATM 149  H HZ2  . DLY A 1 12 ? -2.498 12.622 1.423  1.00 0.00 ? 16 DLY A HZ2  1  
HETATM 150  H HZ3  . DLY A 1 12 ? -1.087 12.879 2.319  1.00 0.00 ? 16 DLY A HZ3  1  
ATOM   151  N N    . CYS A 1 13 ? 1.119  6.022  -1.800 1.00 0.00 ? 17 CYS A N    1  
ATOM   152  C CA   . CYS A 1 13 ? 2.107  5.609  -2.789 1.00 0.00 ? 17 CYS A CA   1  
ATOM   153  C C    . CYS A 1 13 ? 2.304  6.689  -3.853 1.00 0.00 ? 17 CYS A C    1  
ATOM   154  O O    . CYS A 1 13 ? 1.318  7.041  -4.536 1.00 0.00 ? 17 CYS A O    1  
ATOM   155  C CB   . CYS A 1 13 ? 1.660  4.296  -3.431 1.00 0.00 ? 17 CYS A CB   1  
ATOM   156  S SG   . CYS A 1 13 ? 1.319  2.952  -2.247 1.00 0.00 ? 17 CYS A SG   1  
ATOM   157  O OXT  . CYS A 1 13 ? 3.446  7.174  -3.993 1.00 0.00 ? 17 CYS A OXT  1  
ATOM   158  H H    . CYS A 1 13 ? 0.174  6.006  -2.052 1.00 0.00 ? 17 CYS A H    1  
ATOM   159  H HA   . CYS A 1 13 ? 3.045  5.446  -2.278 1.00 0.00 ? 17 CYS A HA   1  
ATOM   160  H HB2  . CYS A 1 13 ? 0.750  4.470  -3.986 1.00 0.00 ? 17 CYS A HB2  1  
ATOM   161  H HB3  . CYS A 1 13 ? 2.430  3.956  -4.103 1.00 0.00 ? 17 CYS A HB3  1  
HETATM 162  N N    . DCY A 1 1  ? 4.096  -5.163 1.355  1.00 0.00 ? 5  DCY A N    2  
HETATM 163  C CA   . DCY A 1 1  ? 2.690  -4.717 1.172  1.00 0.00 ? 5  DCY A CA   2  
HETATM 164  C C    . DCY A 1 1  ? 2.123  -5.270 -0.133 1.00 0.00 ? 5  DCY A C    2  
HETATM 165  O O    . DCY A 1 1  ? 2.127  -6.486 -0.352 1.00 0.00 ? 5  DCY A O    2  
HETATM 166  C CB   . DCY A 1 1  ? 1.825  -5.178 2.356  1.00 0.00 ? 5  DCY A CB   2  
HETATM 167  S SG   . DCY A 1 1  ? 2.694  -5.194 3.962  1.00 0.00 ? 5  DCY A SG   2  
HETATM 168  H H1   . DCY A 1 1  ? 4.683  -4.824 0.566  1.00 0.00 ? 5  DCY A H1   2  
HETATM 169  H H2   . DCY A 1 1  ? 4.141  -6.201 1.385  1.00 0.00 ? 5  DCY A H2   2  
HETATM 170  H H3   . DCY A 1 1  ? 4.478  -4.785 2.246  1.00 0.00 ? 5  DCY A H3   2  
HETATM 171  H HA   . DCY A 1 1  ? 2.680  -3.637 1.125  1.00 0.00 ? 5  DCY A HA   2  
HETATM 172  H HB2  . DCY A 1 1  ? 1.472  -6.182 2.163  1.00 0.00 ? 5  DCY A HB2  2  
HETATM 173  H HB3  . DCY A 1 1  ? 0.976  -4.516 2.452  1.00 0.00 ? 5  DCY A HB3  2  
ATOM   174  N N    . CYS A 1 2  ? 1.644  -4.369 -0.998 1.00 0.00 ? 6  CYS A N    2  
ATOM   175  C CA   . CYS A 1 2  ? 1.074  -4.758 -2.290 1.00 0.00 ? 6  CYS A CA   2  
ATOM   176  C C    . CYS A 1 2  ? 1.998  -4.365 -3.446 1.00 0.00 ? 6  CYS A C    2  
ATOM   177  O O    . CYS A 1 2  ? 2.248  -5.174 -4.345 1.00 0.00 ? 6  CYS A O    2  
ATOM   178  C CB   . CYS A 1 2  ? -0.314 -4.137 -2.478 1.00 0.00 ? 6  CYS A CB   2  
ATOM   179  S SG   . CYS A 1 2  ? -0.367 -2.328 -2.266 1.00 0.00 ? 6  CYS A SG   2  
ATOM   180  H H    . CYS A 1 2  ? 1.674  -3.419 -0.759 1.00 0.00 ? 6  CYS A H    2  
ATOM   181  H HA   . CYS A 1 2  ? 0.974  -5.833 -2.287 1.00 0.00 ? 6  CYS A HA   2  
ATOM   182  H HB2  . CYS A 1 2  ? -0.665 -4.357 -3.477 1.00 0.00 ? 6  CYS A HB2  2  
ATOM   183  H HB3  . CYS A 1 2  ? -0.994 -4.573 -1.757 1.00 0.00 ? 6  CYS A HB3  2  
ATOM   184  N N    . ASP A 1 3  ? 2.501  -3.121 -3.415 1.00 0.00 ? 7  ASP A N    2  
ATOM   185  C CA   . ASP A 1 3  ? 3.404  -2.614 -4.456 1.00 0.00 ? 7  ASP A CA   2  
ATOM   186  C C    . ASP A 1 3  ? 4.568  -1.835 -3.838 1.00 0.00 ? 7  ASP A C    2  
ATOM   187  O O    . ASP A 1 3  ? 5.730  -2.069 -4.182 1.00 0.00 ? 7  ASP A O    2  
ATOM   188  C CB   . ASP A 1 3  ? 2.643  -1.726 -5.453 1.00 0.00 ? 7  ASP A CB   2  
ATOM   189  C CG   . ASP A 1 3  ? 1.680  -2.514 -6.320 1.00 0.00 ? 7  ASP A CG   2  
ATOM   190  O OD1  . ASP A 1 3  ? 0.508  -2.669 -5.915 1.00 0.00 ? 7  ASP A OD1  2  
ATOM   191  O OD2  . ASP A 1 3  ? 2.096  -2.976 -7.403 1.00 0.00 ? 7  ASP A OD2  2  
ATOM   192  H H    . ASP A 1 3  ? 2.256  -2.531 -2.673 1.00 0.00 ? 7  ASP A H    2  
ATOM   193  H HA   . ASP A 1 3  ? 3.804  -3.467 -4.985 1.00 0.00 ? 7  ASP A HA   2  
ATOM   194  H HB2  . ASP A 1 3  ? 2.079  -0.983 -4.905 1.00 0.00 ? 7  ASP A HB2  2  
ATOM   195  H HB3  . ASP A 1 3  ? 3.356  -1.229 -6.098 1.00 0.00 ? 7  ASP A HB3  2  
ATOM   196  N N    . VAL A 1 4  ? 4.240  -0.911 -2.925 1.00 0.00 ? 8  VAL A N    2  
ATOM   197  C CA   . VAL A 1 4  ? 5.241  -0.085 -2.237 1.00 0.00 ? 8  VAL A CA   2  
ATOM   198  C C    . VAL A 1 4  ? 4.815  0.207  -0.795 1.00 0.00 ? 8  VAL A C    2  
ATOM   199  O O    . VAL A 1 4  ? 5.618  0.085  0.135  1.00 0.00 ? 8  VAL A O    2  
ATOM   200  C CB   . VAL A 1 4  ? 5.525  1.262  -2.975 1.00 0.00 ? 8  VAL A CB   2  
ATOM   201  C CG1  . VAL A 1 4  ? 6.451  1.038  -4.157 1.00 0.00 ? 8  VAL A CG1  2  
ATOM   202  C CG2  . VAL A 1 4  ? 4.244  1.957  -3.442 1.00 0.00 ? 8  VAL A CG2  2  
ATOM   203  H H    . VAL A 1 4  ? 3.293  -0.782 -2.707 1.00 0.00 ? 8  VAL A H    2  
ATOM   204  H HA   . VAL A 1 4  ? 6.161  -0.649 -2.211 1.00 0.00 ? 8  VAL A HA   2  
ATOM   205  H HB   . VAL A 1 4  ? 6.029  1.922  -2.282 1.00 0.00 ? 8  VAL A HB   2  
ATOM   206  H HG11 . VAL A 1 4  ? 6.003  0.329  -4.836 1.00 0.00 ? 8  VAL A HG11 2  
ATOM   207  H HG12 . VAL A 1 4  ? 7.398  0.655  -3.806 1.00 0.00 ? 8  VAL A HG12 2  
ATOM   208  H HG13 . VAL A 1 4  ? 6.609  1.977  -4.670 1.00 0.00 ? 8  VAL A HG13 2  
ATOM   209  H HG21 . VAL A 1 4  ? 3.621  2.175  -2.587 1.00 0.00 ? 8  VAL A HG21 2  
ATOM   210  H HG22 . VAL A 1 4  ? 3.709  1.309  -4.121 1.00 0.00 ? 8  VAL A HG22 2  
ATOM   211  H HG23 . VAL A 1 4  ? 4.497  2.877  -3.948 1.00 0.00 ? 8  VAL A HG23 2  
ATOM   212  N N    . CYS A 1 5  ? 3.544  0.592  -0.632 1.00 0.00 ? 9  CYS A N    2  
ATOM   213  C CA   . CYS A 1 5  ? 2.976  0.913  0.675  1.00 0.00 ? 9  CYS A CA   2  
ATOM   214  C C    . CYS A 1 5  ? 2.221  -0.283 1.242  1.00 0.00 ? 9  CYS A C    2  
ATOM   215  O O    . CYS A 1 5  ? 1.607  -1.046 0.490  1.00 0.00 ? 9  CYS A O    2  
ATOM   216  C CB   . CYS A 1 5  ? 2.029  2.107  0.548  1.00 0.00 ? 9  CYS A CB   2  
ATOM   217  S SG   . CYS A 1 5  ? 2.551  3.349  -0.675 1.00 0.00 ? 9  CYS A SG   2  
ATOM   218  H H    . CYS A 1 5  ? 2.970  0.668  -1.420 1.00 0.00 ? 9  CYS A H    2  
ATOM   219  H HA   . CYS A 1 5  ? 3.786  1.170  1.341  1.00 0.00 ? 9  CYS A HA   2  
ATOM   220  H HB2  . CYS A 1 5  ? 1.051  1.753  0.246  1.00 0.00 ? 9  CYS A HB2  2  
ATOM   221  H HB3  . CYS A 1 5  ? 1.952  2.599  1.505  1.00 0.00 ? 9  CYS A HB3  2  
ATOM   222  N N    . CYS A 1 6  ? 2.270  -0.439 2.569  1.00 0.00 ? 10 CYS A N    2  
ATOM   223  C CA   . CYS A 1 6  ? 1.584  -1.541 3.239  1.00 0.00 ? 10 CYS A CA   2  
ATOM   224  C C    . CYS A 1 6  ? 0.275  -1.063 3.870  1.00 0.00 ? 10 CYS A C    2  
ATOM   225  O O    . CYS A 1 6  ? 0.258  -0.526 4.986  1.00 0.00 ? 10 CYS A O    2  
ATOM   226  C CB   . CYS A 1 6  ? 2.495  -2.186 4.289  1.00 0.00 ? 10 CYS A CB   2  
ATOM   227  S SG   . CYS A 1 6  ? 1.810  -3.706 5.023  1.00 0.00 ? 10 CYS A SG   2  
ATOM   228  H H    . CYS A 1 6  ? 2.779  0.203  3.105  1.00 0.00 ? 10 CYS A H    2  
ATOM   229  H HA   . CYS A 1 6  ? 1.349  -2.277 2.485  1.00 0.00 ? 10 CYS A HA   2  
ATOM   230  H HB2  . CYS A 1 6  ? 3.440  -2.438 3.831  1.00 0.00 ? 10 CYS A HB2  2  
ATOM   231  H HB3  . CYS A 1 6  ? 2.665  -1.480 5.090  1.00 0.00 ? 10 CYS A HB3  2  
ATOM   232  N N    . ASN A 1 7  ? -0.819 -1.245 3.121  1.00 0.00 ? 11 ASN A N    2  
ATOM   233  C CA   . ASN A 1 7  ? -2.159 -0.850 3.559  1.00 0.00 ? 11 ASN A CA   2  
ATOM   234  C C    . ASN A 1 7  ? -3.215 -1.830 3.023  1.00 0.00 ? 11 ASN A C    2  
ATOM   235  O O    . ASN A 1 7  ? -2.972 -2.492 2.009  1.00 0.00 ? 11 ASN A O    2  
ATOM   236  C CB   . ASN A 1 7  ? -2.478 0.567  3.076  1.00 0.00 ? 11 ASN A CB   2  
ATOM   237  C CG   . ASN A 1 7  ? -2.136 1.627  4.104  1.00 0.00 ? 11 ASN A CG   2  
ATOM   238  O OD1  . ASN A 1 7  ? -2.921 1.907  5.009  1.00 0.00 ? 11 ASN A OD1  2  
ATOM   239  N ND2  . ASN A 1 7  ? -0.963 2.230  3.961  1.00 0.00 ? 11 ASN A ND2  2  
ATOM   240  H H    . ASN A 1 7  ? -0.723 -1.657 2.239  1.00 0.00 ? 11 ASN A H    2  
ATOM   241  H HA   . ASN A 1 7  ? -2.176 -0.870 4.639  1.00 0.00 ? 11 ASN A HA   2  
ATOM   242  H HB2  . ASN A 1 7  ? -1.909 0.771  2.181  1.00 0.00 ? 11 ASN A HB2  2  
ATOM   243  H HB3  . ASN A 1 7  ? -3.530 0.632  2.852  1.00 0.00 ? 11 ASN A HB3  2  
ATOM   244  H HD21 . ASN A 1 7  ? -0.390 1.960  3.208  1.00 0.00 ? 11 ASN A HD21 2  
ATOM   245  H HD22 . ASN A 1 7  ? -0.719 2.924  4.613  1.00 0.00 ? 11 ASN A HD22 2  
ATOM   246  N N    . PRO A 1 8  ? -4.411 -1.944 3.685  1.00 0.00 ? 12 PRO A N    2  
ATOM   247  C CA   . PRO A 1 8  ? -5.490 -2.858 3.236  1.00 0.00 ? 12 PRO A CA   2  
ATOM   248  C C    . PRO A 1 8  ? -6.046 -2.514 1.842  1.00 0.00 ? 12 PRO A C    2  
ATOM   249  O O    . PRO A 1 8  ? -6.603 -3.381 1.162  1.00 0.00 ? 12 PRO A O    2  
ATOM   250  C CB   . PRO A 1 8  ? -6.584 -2.685 4.303  1.00 0.00 ? 12 PRO A CB   2  
ATOM   251  C CG   . PRO A 1 8  ? -6.294 -1.380 4.963  1.00 0.00 ? 12 PRO A CG   2  
ATOM   252  C CD   . PRO A 1 8  ? -4.801 -1.220 4.921  1.00 0.00 ? 12 PRO A CD   2  
ATOM   253  H HA   . PRO A 1 8  ? -5.152 -3.884 3.234  1.00 0.00 ? 12 PRO A HA   2  
ATOM   254  H HB2  . PRO A 1 8  ? -7.557 -2.683 3.821  1.00 0.00 ? 12 PRO A HB2  2  
ATOM   255  H HB3  . PRO A 1 8  ? -6.529 -3.494 5.016  1.00 0.00 ? 12 PRO A HB3  2  
ATOM   256  H HG2  . PRO A 1 8  ? -6.776 -0.578 4.415  1.00 0.00 ? 12 PRO A HG2  2  
ATOM   257  H HG3  . PRO A 1 8  ? -6.635 -1.398 5.987  1.00 0.00 ? 12 PRO A HG3  2  
ATOM   258  H HD2  . PRO A 1 8  ? -4.534 -0.174 4.856  1.00 0.00 ? 12 PRO A HD2  2  
ATOM   259  H HD3  . PRO A 1 8  ? -4.348 -1.676 5.791  1.00 0.00 ? 12 PRO A HD3  2  
ATOM   260  N N    . ALA A 1 9  ? -5.885 -1.249 1.437  1.00 0.00 ? 13 ALA A N    2  
ATOM   261  C CA   . ALA A 1 9  ? -6.358 -0.774 0.134  1.00 0.00 ? 13 ALA A CA   2  
ATOM   262  C C    . ALA A 1 9  ? -5.239 -0.079 -0.660 1.00 0.00 ? 13 ALA A C    2  
ATOM   263  O O    . ALA A 1 9  ? -5.474 0.437  -1.758 1.00 0.00 ? 13 ALA A O    2  
ATOM   264  C CB   . ALA A 1 9  ? -7.543 0.167  0.326  1.00 0.00 ? 13 ALA A CB   2  
ATOM   265  H H    . ALA A 1 9  ? -5.432 -0.617 2.034  1.00 0.00 ? 13 ALA A H    2  
ATOM   266  H HA   . ALA A 1 9  ? -6.700 -1.632 -0.426 1.00 0.00 ? 13 ALA A HA   2  
ATOM   267  H HB1  . ALA A 1 9  ? -7.221 1.045  0.867  1.00 0.00 ? 13 ALA A HB1  2  
ATOM   268  H HB2  . ALA A 1 9  ? -8.316 -0.338 0.885  1.00 0.00 ? 13 ALA A HB2  2  
ATOM   269  H HB3  . ALA A 1 9  ? -7.929 0.460  -0.638 1.00 0.00 ? 13 ALA A HB3  2  
ATOM   270  N N    . CYS A 1 10 ? -4.009 -0.088 -0.097 1.00 0.00 ? 14 CYS A N    2  
ATOM   271  C CA   . CYS A 1 10 ? -2.813 0.535  -0.713 1.00 0.00 ? 14 CYS A CA   2  
ATOM   272  C C    . CYS A 1 10 ? -2.986 2.054  -0.878 1.00 0.00 ? 14 CYS A C    2  
ATOM   273  O O    . CYS A 1 10 ? -3.579 2.527  -1.856 1.00 0.00 ? 14 CYS A O    2  
ATOM   274  C CB   . CYS A 1 10 ? -2.460 -0.126 -2.061 1.00 0.00 ? 14 CYS A CB   2  
ATOM   275  S SG   . CYS A 1 10 ? -2.342 -1.943 -1.986 1.00 0.00 ? 14 CYS A SG   2  
ATOM   276  H H    . CYS A 1 10 ? -3.902 -0.533 0.770  1.00 0.00 ? 14 CYS A H    2  
ATOM   277  H HA   . CYS A 1 10 ? -1.990 0.371  -0.032 1.00 0.00 ? 14 CYS A HA   2  
ATOM   278  H HB2  . CYS A 1 10 ? -3.222 0.123  -2.787 1.00 0.00 ? 14 CYS A HB2  2  
ATOM   279  H HB3  . CYS A 1 10 ? -1.504 0.254  -2.400 1.00 0.00 ? 14 CYS A HB3  2  
ATOM   280  N N    . ALA A 1 11 ? -2.478 2.805  0.109  1.00 0.00 ? 15 ALA A N    2  
ATOM   281  C CA   . ALA A 1 11 ? -2.559 4.268  0.108  1.00 0.00 ? 15 ALA A CA   2  
ATOM   282  C C    . ALA A 1 11 ? -1.247 4.891  0.575  1.00 0.00 ? 15 ALA A C    2  
ATOM   283  O O    . ALA A 1 11 ? -0.545 4.318  1.414  1.00 0.00 ? 15 ALA A O    2  
ATOM   284  C CB   . ALA A 1 11 ? -3.707 4.741  0.993  1.00 0.00 ? 15 ALA A CB   2  
ATOM   285  H H    . ALA A 1 11 ? -2.036 2.358  0.861  1.00 0.00 ? 15 ALA A H    2  
ATOM   286  H HA   . ALA A 1 11 ? -2.759 4.590  -0.904 1.00 0.00 ? 15 ALA A HA   2  
ATOM   287  H HB1  . ALA A 1 11 ? -4.630 4.295  0.654  1.00 0.00 ? 15 ALA A HB1  2  
ATOM   288  H HB2  . ALA A 1 11 ? -3.785 5.817  0.937  1.00 0.00 ? 15 ALA A HB2  2  
ATOM   289  H HB3  . ALA A 1 11 ? -3.518 4.446  2.014  1.00 0.00 ? 15 ALA A HB3  2  
HETATM 290  N N    . DLY A 1 12 ? -0.929 6.067  0.022  1.00 0.00 ? 16 DLY A N    2  
HETATM 291  C CA   . DLY A 1 12 ? 0.302  6.793  0.368  1.00 0.00 ? 16 DLY A CA   2  
HETATM 292  C C    . DLY A 1 12 ? 1.460  6.408  -0.558 1.00 0.00 ? 16 DLY A C    2  
HETATM 293  O O    . DLY A 1 12 ? 2.625  6.450  -0.152 1.00 0.00 ? 16 DLY A O    2  
HETATM 294  C CB   . DLY A 1 12 ? 0.069  8.306  0.304  1.00 0.00 ? 16 DLY A CB   2  
HETATM 295  C CG   . DLY A 1 12 ? -0.768 8.849  1.453  1.00 0.00 ? 16 DLY A CG   2  
HETATM 296  C CD   . DLY A 1 12 ? -0.964 10.355 1.337  1.00 0.00 ? 16 DLY A CD   2  
HETATM 297  C CE   . DLY A 1 12 ? -1.792 10.907 2.490  1.00 0.00 ? 16 DLY A CE   2  
HETATM 298  N NZ   . DLY A 1 12 ? -1.025 10.943 3.768  1.00 0.00 ? 16 DLY A NZ   2  
HETATM 299  H H    . DLY A 1 12 ? -1.538 6.459  -0.637 1.00 0.00 ? 16 DLY A H    2  
HETATM 300  H HA   . DLY A 1 12 ? 0.566  6.524  1.381  1.00 0.00 ? 16 DLY A HA   2  
HETATM 301  H HB2  . DLY A 1 12 ? -0.439 8.542  -0.624 1.00 0.00 ? 16 DLY A HB2  2  
HETATM 302  H HB3  . DLY A 1 12 ? 1.028  8.808  0.319  1.00 0.00 ? 16 DLY A HB3  2  
HETATM 303  H HG2  . DLY A 1 12 ? -0.265 8.631  2.386  1.00 0.00 ? 16 DLY A HG2  2  
HETATM 304  H HG3  . DLY A 1 12 ? -1.736 8.368  1.439  1.00 0.00 ? 16 DLY A HG3  2  
HETATM 305  H HD2  . DLY A 1 12 ? -1.471 10.570 0.408  1.00 0.00 ? 16 DLY A HD2  2  
HETATM 306  H HD3  . DLY A 1 12 ? 0.002  10.834 1.341  1.00 0.00 ? 16 DLY A HD3  2  
HETATM 307  H HE2  . DLY A 1 12 ? -2.664 10.282 2.622  1.00 0.00 ? 16 DLY A HE2  2  
HETATM 308  H HE3  . DLY A 1 12 ? -2.105 11.910 2.241  1.00 0.00 ? 16 DLY A HE3  2  
HETATM 309  H HZ1  . DLY A 1 12 ? -0.719 9.983  4.029  1.00 0.00 ? 16 DLY A HZ1  2  
HETATM 310  H HZ2  . DLY A 1 12 ? -1.618 11.325 4.531  1.00 0.00 ? 16 DLY A HZ2  2  
HETATM 311  H HZ3  . DLY A 1 12 ? -0.184 11.547 3.663  1.00 0.00 ? 16 DLY A HZ3  2  
ATOM   312  N N    . CYS A 1 13 ? 1.123  6.036  -1.799 1.00 0.00 ? 17 CYS A N    2  
ATOM   313  C CA   . CYS A 1 13 ? 2.109  5.632  -2.793 1.00 0.00 ? 17 CYS A CA   2  
ATOM   314  C C    . CYS A 1 13 ? 2.296  6.717  -3.854 1.00 0.00 ? 17 CYS A C    2  
ATOM   315  O O    . CYS A 1 13 ? 1.304  7.067  -4.530 1.00 0.00 ? 17 CYS A O    2  
ATOM   316  C CB   . CYS A 1 13 ? 1.665  4.320  -3.438 1.00 0.00 ? 17 CYS A CB   2  
ATOM   317  S SG   . CYS A 1 13 ? 1.329  2.973  -2.255 1.00 0.00 ? 17 CYS A SG   2  
ATOM   318  O OXT  . CYS A 1 13 ? 3.435  7.210  -3.998 1.00 0.00 ? 17 CYS A OXT  2  
ATOM   319  H H    . CYS A 1 13 ? 0.179  6.024  -2.049 1.00 0.00 ? 17 CYS A H    2  
ATOM   320  H HA   . CYS A 1 13 ? 3.051  5.472  -2.287 1.00 0.00 ? 17 CYS A HA   2  
ATOM   321  H HB2  . CYS A 1 13 ? 0.756  4.492  -3.993 1.00 0.00 ? 17 CYS A HB2  2  
ATOM   322  H HB3  . CYS A 1 13 ? 2.437  3.984  -4.111 1.00 0.00 ? 17 CYS A HB3  2  
HETATM 323  N N    . DCY A 1 1  ? 4.068  -5.320 1.247  1.00 0.00 ? 5  DCY A N    3  
HETATM 324  C CA   . DCY A 1 1  ? 2.680  -4.828 1.055  1.00 0.00 ? 5  DCY A CA   3  
HETATM 325  C C    . DCY A 1 1  ? 2.125  -5.311 -0.284 1.00 0.00 ? 5  DCY A C    3  
HETATM 326  O O    . DCY A 1 1  ? 2.130  -6.515 -0.564 1.00 0.00 ? 5  DCY A O    3  
HETATM 327  C CB   . DCY A 1 1  ? 1.778  -5.312 2.200  1.00 0.00 ? 5  DCY A CB   3  
HETATM 328  S SG   . DCY A 1 1  ? 2.609  -5.408 3.823  1.00 0.00 ? 5  DCY A SG   3  
HETATM 329  H H1   . DCY A 1 1  ? 4.441  -4.991 2.161  1.00 0.00 ? 5  DCY A H1   3  
HETATM 330  H H2   . DCY A 1 1  ? 4.682  -4.965 0.487  1.00 0.00 ? 5  DCY A H2   3  
HETATM 331  H H3   . DCY A 1 1  ? 4.084  -6.359 1.233  1.00 0.00 ? 5  DCY A H3   3  
HETATM 332  H HA   . DCY A 1 1  ? 2.701  -3.747 1.052  1.00 0.00 ? 5  DCY A HA   3  
HETATM 333  H HB2  . DCY A 1 1  ? 1.406  -6.298 1.962  1.00 0.00 ? 5  DCY A HB2  3  
HETATM 334  H HB3  . DCY A 1 1  ? 0.942  -4.632 2.302  1.00 0.00 ? 5  DCY A HB3  3  
ATOM   335  N N    . CYS A 1 2  ? 1.657  -4.365 -1.105 1.00 0.00 ? 6  CYS A N    3  
ATOM   336  C CA   . CYS A 1 2  ? 1.102  -4.685 -2.422 1.00 0.00 ? 6  CYS A CA   3  
ATOM   337  C C    . CYS A 1 2  ? 2.038  -4.233 -3.546 1.00 0.00 ? 6  CYS A C    3  
ATOM   338  O O    . CYS A 1 2  ? 2.292  -4.990 -4.487 1.00 0.00 ? 6  CYS A O    3  
ATOM   339  C CB   . CYS A 1 2  ? -0.286 -4.056 -2.591 1.00 0.00 ? 6  CYS A CB   3  
ATOM   340  S SG   . CYS A 1 2  ? -0.341 -2.260 -2.284 1.00 0.00 ? 6  CYS A SG   3  
ATOM   341  H H    . CYS A 1 2  ? 1.685  -3.429 -0.817 1.00 0.00 ? 6  CYS A H    3  
ATOM   342  H HA   . CYS A 1 2  ? 1.001  -5.759 -2.477 1.00 0.00 ? 6  CYS A HA   3  
ATOM   343  H HB2  . CYS A 1 2  ? -0.627 -4.224 -3.603 1.00 0.00 ? 6  CYS A HB2  3  
ATOM   344  H HB3  . CYS A 1 2  ? -0.972 -4.528 -1.900 1.00 0.00 ? 6  CYS A HB3  3  
ATOM   345  N N    . ASP A 1 3  ? 2.546  -2.997 -3.438 1.00 0.00 ? 7  ASP A N    3  
ATOM   346  C CA   . ASP A 1 3  ? 3.462  -2.434 -4.438 1.00 0.00 ? 7  ASP A CA   3  
ATOM   347  C C    . ASP A 1 3  ? 4.642  -1.734 -3.759 1.00 0.00 ? 7  ASP A C    3  
ATOM   348  O O    . ASP A 1 3  ? 5.802  -1.992 -4.094 1.00 0.00 ? 7  ASP A O    3  
ATOM   349  C CB   . ASP A 1 3  ? 2.723  -1.457 -5.365 1.00 0.00 ? 7  ASP A CB   3  
ATOM   350  C CG   . ASP A 1 3  ? 1.745  -2.156 -6.289 1.00 0.00 ? 7  ASP A CG   3  
ATOM   351  O OD1  . ASP A 1 3  ? 0.568  -2.313 -5.899 1.00 0.00 ? 7  ASP A OD1  3  
ATOM   352  O OD2  . ASP A 1 3  ? 2.155  -2.547 -7.403 1.00 0.00 ? 7  ASP A OD2  3  
ATOM   353  H H    . ASP A 1 3  ? 2.296  -2.448 -2.666 1.00 0.00 ? 7  ASP A H    3  
ATOM   354  H HA   . ASP A 1 3  ? 3.844  -3.254 -5.028 1.00 0.00 ? 7  ASP A HA   3  
ATOM   355  H HB2  . ASP A 1 3  ? 2.174  -0.745 -4.763 1.00 0.00 ? 7  ASP A HB2  3  
ATOM   356  H HB3  . ASP A 1 3  ? 3.449  -0.929 -5.971 1.00 0.00 ? 7  ASP A HB3  3  
ATOM   357  N N    . VAL A 1 4  ? 4.329  -0.847 -2.803 1.00 0.00 ? 8  VAL A N    3  
ATOM   358  C CA   . VAL A 1 4  ? 5.345  -0.096 -2.051 1.00 0.00 ? 8  VAL A CA   3  
ATOM   359  C C    . VAL A 1 4  ? 4.874  0.176  -0.620 1.00 0.00 ? 8  VAL A C    3  
ATOM   360  O O    . VAL A 1 4  ? 5.632  -0.005 0.338  1.00 0.00 ? 8  VAL A O    3  
ATOM   361  C CB   . VAL A 1 4  ? 5.736  1.254  -2.734 1.00 0.00 ? 8  VAL A CB   3  
ATOM   362  C CG1  . VAL A 1 4  ? 6.687  1.012  -3.893 1.00 0.00 ? 8  VAL A CG1  3  
ATOM   363  C CG2  . VAL A 1 4  ? 4.515  2.041  -3.215 1.00 0.00 ? 8  VAL A CG2  3  
ATOM   364  H H    . VAL A 1 4  ? 3.384  -0.693 -2.597 1.00 0.00 ? 8  VAL A H    3  
ATOM   365  H HA   . VAL A 1 4  ? 6.232  -0.714 -2.004 1.00 0.00 ? 8  VAL A HA   3  
ATOM   366  H HB   . VAL A 1 4  ? 6.255  1.857  -2.003 1.00 0.00 ? 8  VAL A HB   3  
ATOM   367  H HG11 . VAL A 1 4  ? 7.592  0.550  -3.529 1.00 0.00 ? 8  VAL A HG11 3  
ATOM   368  H HG12 . VAL A 1 4  ? 6.926  1.955  -4.362 1.00 0.00 ? 8  VAL A HG12 3  
ATOM   369  H HG13 . VAL A 1 4  ? 6.215  0.361  -4.615 1.00 0.00 ? 8  VAL A HG13 3  
ATOM   370  H HG21 . VAL A 1 4  ? 4.840  2.966  -3.670 1.00 0.00 ? 8  VAL A HG21 3  
ATOM   371  H HG22 . VAL A 1 4  ? 3.873  2.260  -2.375 1.00 0.00 ? 8  VAL A HG22 3  
ATOM   372  H HG23 . VAL A 1 4  ? 3.970  1.454  -3.940 1.00 0.00 ? 8  VAL A HG23 3  
ATOM   373  N N    . CYS A 1 5  ? 3.614  0.612  -0.496 1.00 0.00 ? 9  CYS A N    3  
ATOM   374  C CA   . CYS A 1 5  ? 3.006  0.919  0.797  1.00 0.00 ? 9  CYS A CA   3  
ATOM   375  C C    . CYS A 1 5  ? 2.200  -0.272 1.303  1.00 0.00 ? 9  CYS A C    3  
ATOM   376  O O    . CYS A 1 5  ? 1.484  -0.914 0.529  1.00 0.00 ? 9  CYS A O    3  
ATOM   377  C CB   . CYS A 1 5  ? 2.094  2.144  0.670  1.00 0.00 ? 9  CYS A CB   3  
ATOM   378  S SG   . CYS A 1 5  ? 2.618  3.345  -0.595 1.00 0.00 ? 9  CYS A SG   3  
ATOM   379  H H    . CYS A 1 5  ? 3.077  0.736  -1.304 1.00 0.00 ? 9  CYS A H    3  
ATOM   380  H HA   . CYS A 1 5  ? 3.799  1.134  1.498  1.00 0.00 ? 9  CYS A HA   3  
ATOM   381  H HB2  . CYS A 1 5  ? 1.097  1.818  0.408  1.00 0.00 ? 9  CYS A HB2  3  
ATOM   382  H HB3  . CYS A 1 5  ? 2.064  2.660  1.619  1.00 0.00 ? 9  CYS A HB3  3  
ATOM   383  N N    . CYS A 1 6  ? 2.319  -0.560 2.604  1.00 0.00 ? 10 CYS A N    3  
ATOM   384  C CA   . CYS A 1 6  ? 1.600  -1.676 3.217  1.00 0.00 ? 10 CYS A CA   3  
ATOM   385  C C    . CYS A 1 6  ? 0.308  -1.195 3.881  1.00 0.00 ? 10 CYS A C    3  
ATOM   386  O O    . CYS A 1 6  ? 0.319  -0.674 5.004  1.00 0.00 ? 10 CYS A O    3  
ATOM   387  C CB   . CYS A 1 6  ? 2.494  -2.404 4.227  1.00 0.00 ? 10 CYS A CB   3  
ATOM   388  S SG   . CYS A 1 6  ? 1.754  -3.923 4.909  1.00 0.00 ? 10 CYS A SG   3  
ATOM   389  H H    . CYS A 1 6  ? 2.906  -0.007 3.162  1.00 0.00 ? 10 CYS A H    3  
ATOM   390  H HA   . CYS A 1 6  ? 1.340  -2.364 2.425  1.00 0.00 ? 10 CYS A HA   3  
ATOM   391  H HB2  . CYS A 1 6  ? 3.420  -2.679 3.745  1.00 0.00 ? 10 CYS A HB2  3  
ATOM   392  H HB3  . CYS A 1 6  ? 2.706  -1.741 5.052  1.00 0.00 ? 10 CYS A HB3  3  
ATOM   393  N N    . ASN A 1 7  ? -0.805 -1.357 3.153  1.00 0.00 ? 11 ASN A N    3  
ATOM   394  C CA   . ASN A 1 7  ? -2.130 -0.956 3.625  1.00 0.00 ? 11 ASN A CA   3  
ATOM   395  C C    . ASN A 1 7  ? -3.208 -1.909 3.082  1.00 0.00 ? 11 ASN A C    3  
ATOM   396  O O    . ASN A 1 7  ? -2.987 -2.556 2.053  1.00 0.00 ? 11 ASN A O    3  
ATOM   397  C CB   . ASN A 1 7  ? -2.439 0.480  3.181  1.00 0.00 ? 11 ASN A CB   3  
ATOM   398  C CG   . ASN A 1 7  ? -2.097 1.522  4.234  1.00 0.00 ? 11 ASN A CG   3  
ATOM   399  O OD1  . ASN A 1 7  ? -2.204 1.278  5.439  1.00 0.00 ? 11 ASN A OD1  3  
ATOM   400  N ND2  . ASN A 1 7  ? -1.683 2.702  3.780  1.00 0.00 ? 11 ASN A ND2  3  
ATOM   401  H H    . ASN A 1 7  ? -0.729 -1.761 2.265  1.00 0.00 ? 11 ASN A H    3  
ATOM   402  H HA   . ASN A 1 7  ? -2.131 -1.002 4.703  1.00 0.00 ? 11 ASN A HA   3  
ATOM   403  H HB2  . ASN A 1 7  ? -1.865 0.702  2.293  1.00 0.00 ? 11 ASN A HB2  3  
ATOM   404  H HB3  . ASN A 1 7  ? -3.491 0.554  2.951  1.00 0.00 ? 11 ASN A HB3  3  
ATOM   405  H HD21 . ASN A 1 7  ? -1.624 2.827  2.806  1.00 0.00 ? 11 ASN A HD21 3  
ATOM   406  H HD22 . ASN A 1 7  ? -1.453 3.398  4.437  1.00 0.00 ? 11 ASN A HD22 3  
ATOM   407  N N    . PRO A 1 8  ? -4.400 -2.016 3.755  1.00 0.00 ? 12 PRO A N    3  
ATOM   408  C CA   . PRO A 1 8  ? -5.497 -2.905 3.300  1.00 0.00 ? 12 PRO A CA   3  
ATOM   409  C C    . PRO A 1 8  ? -6.094 -2.499 1.940  1.00 0.00 ? 12 PRO A C    3  
ATOM   410  O O    . PRO A 1 8  ? -6.713 -3.322 1.259  1.00 0.00 ? 12 PRO A O    3  
ATOM   411  C CB   . PRO A 1 8  ? -6.554 -2.774 4.408  1.00 0.00 ? 12 PRO A CB   3  
ATOM   412  C CG   . PRO A 1 8  ? -6.253 -1.485 5.092  1.00 0.00 ? 12 PRO A CG   3  
ATOM   413  C CD   . PRO A 1 8  ? -4.763 -1.312 5.011  1.00 0.00 ? 12 PRO A CD   3  
ATOM   414  H HA   . PRO A 1 8  ? -5.164 -3.932 3.241  1.00 0.00 ? 12 PRO A HA   3  
ATOM   415  H HB2  . PRO A 1 8  ? -7.543 -2.771 3.961  1.00 0.00 ? 12 PRO A HB2  3  
ATOM   416  H HB3  . PRO A 1 8  ? -6.465 -3.602 5.096  1.00 0.00 ? 12 PRO A HB3  3  
ATOM   417  H HG2  . PRO A 1 8  ? -6.758 -0.674 4.582  1.00 0.00 ? 12 PRO A HG2  3  
ATOM   418  H HG3  . PRO A 1 8  ? -6.563 -1.534 6.127  1.00 0.00 ? 12 PRO A HG3  3  
ATOM   419  H HD2  . PRO A 1 8  ? -4.509 -0.262 4.951  1.00 0.00 ? 12 PRO A HD2  3  
ATOM   420  H HD3  . PRO A 1 8  ? -4.282 -1.771 5.863  1.00 0.00 ? 12 PRO A HD3  3  
ATOM   421  N N    . ALA A 1 9  ? -5.898 -1.229 1.563  1.00 0.00 ? 13 ALA A N    3  
ATOM   422  C CA   . ALA A 1 9  ? -6.405 -0.698 0.294  1.00 0.00 ? 13 ALA A CA   3  
ATOM   423  C C    . ALA A 1 9  ? -5.293 -0.036 -0.532 1.00 0.00 ? 13 ALA A C    3  
ATOM   424  O O    . ALA A 1 9  ? -5.534 0.428  -1.652 1.00 0.00 ? 13 ALA A O    3  
ATOM   425  C CB   . ALA A 1 9  ? -7.533 0.292  0.560  1.00 0.00 ? 13 ALA A CB   3  
ATOM   426  H H    . ALA A 1 9  ? -5.396 -0.633 2.158  1.00 0.00 ? 13 ALA A H    3  
ATOM   427  H HA   . ALA A 1 9  ? -6.812 -1.524 -0.271 1.00 0.00 ? 13 ALA A HA   3  
ATOM   428  H HB1  . ALA A 1 9  ? -8.314 -0.195 1.126  1.00 0.00 ? 13 ALA A HB1  3  
ATOM   429  H HB2  . ALA A 1 9  ? -7.936 0.639  -0.380 1.00 0.00 ? 13 ALA A HB2  3  
ATOM   430  H HB3  . ALA A 1 9  ? -7.151 1.132  1.121  1.00 0.00 ? 13 ALA A HB3  3  
ATOM   431  N N    . CYS A 1 10 ? -4.062 -0.006 0.030  1.00 0.00 ? 14 CYS A N    3  
ATOM   432  C CA   . CYS A 1 10 ? -2.873 0.595  -0.618 1.00 0.00 ? 14 CYS A CA   3  
ATOM   433  C C    . CYS A 1 10 ? -3.066 2.097  -0.883 1.00 0.00 ? 14 CYS A C    3  
ATOM   434  O O    . CYS A 1 10 ? -3.639 2.497  -1.905 1.00 0.00 ? 14 CYS A O    3  
ATOM   435  C CB   . CYS A 1 10 ? -2.499 -0.147 -1.916 1.00 0.00 ? 14 CYS A CB   3  
ATOM   436  S SG   . CYS A 1 10 ? -2.259 -1.941 -1.698 1.00 0.00 ? 14 CYS A SG   3  
ATOM   437  H H    . CYS A 1 10 ? -3.952 -0.407 0.917  1.00 0.00 ? 14 CYS A H    3  
ATOM   438  H HA   . CYS A 1 10 ? -2.052 0.489  0.077  1.00 0.00 ? 14 CYS A HA   3  
ATOM   439  H HB2  . CYS A 1 10 ? -3.289 -0.008 -2.642 1.00 0.00 ? 14 CYS A HB2  3  
ATOM   440  H HB3  . CYS A 1 10 ? -1.577 0.265  -2.305 1.00 0.00 ? 14 CYS A HB3  3  
ATOM   441  N N    . ALA A 1 11 ? -2.600 2.917  0.069  1.00 0.00 ? 15 ALA A N    3  
ATOM   442  C CA   . ALA A 1 11 ? -2.703 4.375  -0.025 1.00 0.00 ? 15 ALA A CA   3  
ATOM   443  C C    . ALA A 1 11 ? -1.424 5.047  0.461  1.00 0.00 ? 15 ALA A C    3  
ATOM   444  O O    . ALA A 1 11 ? -0.819 4.607  1.443  1.00 0.00 ? 15 ALA A O    3  
ATOM   445  C CB   . ALA A 1 11 ? -3.898 4.881  0.776  1.00 0.00 ? 15 ALA A CB   3  
ATOM   446  H H    . ALA A 1 11 ? -2.174 2.525  0.861  1.00 0.00 ? 15 ALA A H    3  
ATOM   447  H HA   . ALA A 1 11 ? -2.861 4.632  -1.064 1.00 0.00 ? 15 ALA A HA   3  
ATOM   448  H HB1  . ALA A 1 11 ? -3.762 4.635  1.818  1.00 0.00 ? 15 ALA A HB1  3  
ATOM   449  H HB2  . ALA A 1 11 ? -4.800 4.416  0.409  1.00 0.00 ? 15 ALA A HB2  3  
ATOM   450  H HB3  . ALA A 1 11 ? -3.976 5.953  0.667  1.00 0.00 ? 15 ALA A HB3  3  
HETATM 451  N N    . DLY A 1 12 ? -1.023 6.115  -0.237 1.00 0.00 ? 16 DLY A N    3  
HETATM 452  C CA   . DLY A 1 12 ? 0.188  6.870  0.108  1.00 0.00 ? 16 DLY A CA   3  
HETATM 453  C C    . DLY A 1 12 ? 1.399  6.374  -0.685 1.00 0.00 ? 16 DLY A C    3  
HETATM 454  O O    . DLY A 1 12 ? 2.514  6.329  -0.159 1.00 0.00 ? 16 DLY A O    3  
HETATM 455  C CB   . DLY A 1 12 ? -0.021 8.367  -0.147 1.00 0.00 ? 16 DLY A CB   3  
HETATM 456  C CG   . DLY A 1 12 ? -0.950 9.039  0.856  1.00 0.00 ? 16 DLY A CG   3  
HETATM 457  C CD   . DLY A 1 12 ? -1.146 10.511 0.531  1.00 0.00 ? 16 DLY A CD   3  
HETATM 458  C CE   . DLY A 1 12 ? -2.075 11.182 1.530  1.00 0.00 ? 16 DLY A CE   3  
HETATM 459  N NZ   . DLY A 1 12 ? -2.259 12.629 1.231  1.00 0.00 ? 16 DLY A NZ   3  
HETATM 460  H H    . DLY A 1 12 ? -1.557 6.404  -1.007 1.00 0.00 ? 16 DLY A H    3  
HETATM 461  H HA   . DLY A 1 12 ? 0.379  6.718  1.160  1.00 0.00 ? 16 DLY A HA   3  
HETATM 462  H HB2  . DLY A 1 12 ? -0.443 8.496  -1.136 1.00 0.00 ? 16 DLY A HB2  3  
HETATM 463  H HB3  . DLY A 1 12 ? 0.938  8.864  -0.102 1.00 0.00 ? 16 DLY A HB3  3  
HETATM 464  H HG2  . DLY A 1 12 ? -0.520 8.951  1.845  1.00 0.00 ? 16 DLY A HG2  3  
HETATM 465  H HG3  . DLY A 1 12 ? -1.911 8.544  0.830  1.00 0.00 ? 16 DLY A HG3  3  
HETATM 466  H HD2  . DLY A 1 12 ? -1.572 10.598 -0.457 1.00 0.00 ? 16 DLY A HD2  3  
HETATM 467  H HD3  . DLY A 1 12 ? -0.187 11.007 0.557  1.00 0.00 ? 16 DLY A HD3  3  
HETATM 468  H HE2  . DLY A 1 12 ? -1.654 11.077 2.520  1.00 0.00 ? 16 DLY A HE2  3  
HETATM 469  H HE3  . DLY A 1 12 ? -3.036 10.691 1.494  1.00 0.00 ? 16 DLY A HE3  3  
HETATM 470  H HZ1  . DLY A 1 12 ? -2.668 12.749 0.282  1.00 0.00 ? 16 DLY A HZ1  3  
HETATM 471  H HZ2  . DLY A 1 12 ? -1.344 13.121 1.267  1.00 0.00 ? 16 DLY A HZ2  3  
HETATM 472  H HZ3  . DLY A 1 12 ? -2.899 13.059 1.930  1.00 0.00 ? 16 DLY A HZ3  3  
ATOM   473  N N    . CYS A 1 13 ? 1.163  6.006  -1.949 1.00 0.00 ? 17 CYS A N    3  
ATOM   474  C CA   . CYS A 1 13 ? 2.209  5.505  -2.829 1.00 0.00 ? 17 CYS A CA   3  
ATOM   475  C C    . CYS A 1 13 ? 2.524  6.511  -3.936 1.00 0.00 ? 17 CYS A C    3  
ATOM   476  O O    . CYS A 1 13 ? 3.687  6.961  -4.010 1.00 0.00 ? 17 CYS A O    3  
ATOM   477  C CB   . CYS A 1 13 ? 1.773  4.168  -3.424 1.00 0.00 ? 17 CYS A CB   3  
ATOM   478  S SG   . CYS A 1 13 ? 1.463  2.855  -2.195 1.00 0.00 ? 17 CYS A SG   3  
ATOM   479  O OXT  . CYS A 1 13 ? 1.604  6.849  -4.714 1.00 0.00 ? 17 CYS A OXT  3  
ATOM   480  H H    . CYS A 1 13 ? 0.251  6.065  -2.297 1.00 0.00 ? 17 CYS A H    3  
ATOM   481  H HA   . CYS A 1 13 ? 3.100  5.350  -2.237 1.00 0.00 ? 17 CYS A HA   3  
ATOM   482  H HB2  . CYS A 1 13 ? 0.855  4.312  -3.974 1.00 0.00 ? 17 CYS A HB2  3  
ATOM   483  H HB3  . CYS A 1 13 ? 2.540  3.818  -4.095 1.00 0.00 ? 17 CYS A HB3  3  
HETATM 484  N N    . DCY A 1 1  ? 4.110  -5.156 1.397  1.00 0.00 ? 5  DCY A N    4  
HETATM 485  C CA   . DCY A 1 1  ? 2.704  -4.713 1.209  1.00 0.00 ? 5  DCY A CA   4  
HETATM 486  C C    . DCY A 1 1  ? 2.137  -5.281 -0.091 1.00 0.00 ? 5  DCY A C    4  
HETATM 487  O O    . DCY A 1 1  ? 2.150  -6.499 -0.301 1.00 0.00 ? 5  DCY A O    4  
HETATM 488  C CB   . DCY A 1 1  ? 1.839  -5.162 2.397  1.00 0.00 ? 5  DCY A CB   4  
HETATM 489  S SG   . DCY A 1 1  ? 2.707  -5.160 4.003  1.00 0.00 ? 5  DCY A SG   4  
HETATM 490  H H1   . DCY A 1 1  ? 4.492  -4.769 2.284  1.00 0.00 ? 5  DCY A H1   4  
HETATM 491  H H2   . DCY A 1 1  ? 4.698  -4.826 0.606  1.00 0.00 ? 5  DCY A H2   4  
HETATM 492  H H3   . DCY A 1 1  ? 4.155  -6.195 1.438  1.00 0.00 ? 5  DCY A H3   4  
HETATM 493  H HA   . DCY A 1 1  ? 2.694  -3.635 1.150  1.00 0.00 ? 5  DCY A HA   4  
HETATM 494  H HB2  . DCY A 1 1  ? 1.487  -6.167 2.214  1.00 0.00 ? 5  DCY A HB2  4  
HETATM 495  H HB3  . DCY A 1 1  ? 0.988  -4.500 2.484  1.00 0.00 ? 5  DCY A HB3  4  
ATOM   496  N N    . CYS A 1 2  ? 1.649  -4.389 -0.961 1.00 0.00 ? 6  CYS A N    4  
ATOM   497  C CA   . CYS A 1 2  ? 1.080  -4.793 -2.248 1.00 0.00 ? 6  CYS A CA   4  
ATOM   498  C C    . CYS A 1 2  ? 2.008  -4.422 -3.408 1.00 0.00 ? 6  CYS A C    4  
ATOM   499  O O    . CYS A 1 2  ? 2.268  -5.253 -4.285 1.00 0.00 ? 6  CYS A O    4  
ATOM   500  C CB   . CYS A 1 2  ? -0.305 -4.165 -2.448 1.00 0.00 ? 6  CYS A CB   4  
ATOM   501  S SG   . CYS A 1 2  ? -0.343 -2.350 -2.277 1.00 0.00 ? 6  CYS A SG   4  
ATOM   502  H H    . CYS A 1 2  ? 1.673  -3.437 -0.729 1.00 0.00 ? 6  CYS A H    4  
ATOM   503  H HA   . CYS A 1 2  ? 0.971  -5.867 -2.230 1.00 0.00 ? 6  CYS A HA   4  
ATOM   504  H HB2  . CYS A 1 2  ? -0.660 -4.406 -3.440 1.00 0.00 ? 6  CYS A HB2  4  
ATOM   505  H HB3  . CYS A 1 2  ? -0.987 -4.578 -1.715 1.00 0.00 ? 6  CYS A HB3  4  
ATOM   506  N N    . ASP A 1 3  ? 2.503  -3.176 -3.405 1.00 0.00 ? 7  ASP A N    4  
ATOM   507  C CA   . ASP A 1 3  ? 3.409  -2.688 -4.453 1.00 0.00 ? 7  ASP A CA   4  
ATOM   508  C C    . ASP A 1 3  ? 4.556  -1.874 -3.848 1.00 0.00 ? 7  ASP A C    4  
ATOM   509  O O    . ASP A 1 3  ? 5.724  -2.096 -4.181 1.00 0.00 ? 7  ASP A O    4  
ATOM   510  C CB   . ASP A 1 3  ? 2.646  -1.842 -5.485 1.00 0.00 ? 7  ASP A CB   4  
ATOM   511  C CG   . ASP A 1 3  ? 1.697  -2.670 -6.329 1.00 0.00 ? 7  ASP A CG   4  
ATOM   512  O OD1  . ASP A 1 3  ? 2.124  -3.163 -7.394 1.00 0.00 ? 7  ASP A OD1  4  
ATOM   513  O OD2  . ASP A 1 3  ? 0.525  -2.825 -5.926 1.00 0.00 ? 7  ASP A OD2  4  
ATOM   514  H H    . ASP A 1 3  ? 2.250  -2.569 -2.678 1.00 0.00 ? 7  ASP A H    4  
ATOM   515  H HA   . ASP A 1 3  ? 3.827  -3.551 -4.950 1.00 0.00 ? 7  ASP A HA   4  
ATOM   516  H HB2  . ASP A 1 3  ? 2.071  -1.086 -4.966 1.00 0.00 ? 7  ASP A HB2  4  
ATOM   517  H HB3  . ASP A 1 3  ? 3.360  -1.361 -6.142 1.00 0.00 ? 7  ASP A HB3  4  
ATOM   518  N N    . VAL A 1 4  ? 4.207  -0.933 -2.962 1.00 0.00 ? 8  VAL A N    4  
ATOM   519  C CA   . VAL A 1 4  ? 5.190  -0.072 -2.290 1.00 0.00 ? 8  VAL A CA   4  
ATOM   520  C C    . VAL A 1 4  ? 4.765  0.230  -0.850 1.00 0.00 ? 8  VAL A C    4  
ATOM   521  O O    . VAL A 1 4  ? 5.575  0.134  0.078  1.00 0.00 ? 8  VAL A O    4  
ATOM   522  C CB   . VAL A 1 4  ? 5.437  1.271  -3.048 1.00 0.00 ? 8  VAL A CB   4  
ATOM   523  C CG1  . VAL A 1 4  ? 6.380  1.058  -4.219 1.00 0.00 ? 8  VAL A CG1  4  
ATOM   524  C CG2  . VAL A 1 4  ? 4.138  1.916  -3.536 1.00 0.00 ? 8  VAL A CG2  4  
ATOM   525  H H    . VAL A 1 4  ? 3.257  -0.813 -2.752 1.00 0.00 ? 8  VAL A H    4  
ATOM   526  H HA   . VAL A 1 4  ? 6.126  -0.613 -2.261 1.00 0.00 ? 8  VAL A HA   4  
ATOM   527  H HB   . VAL A 1 4  ? 5.914  1.957  -2.362 1.00 0.00 ? 8  VAL A HB   4  
ATOM   528  H HG11 . VAL A 1 4  ? 6.513  1.993  -4.743 1.00 0.00 ? 8  VAL A HG11 4  
ATOM   529  H HG12 . VAL A 1 4  ? 5.960  0.325  -4.892 1.00 0.00 ? 8  VAL A HG12 4  
ATOM   530  H HG13 . VAL A 1 4  ? 7.335  0.710  -3.855 1.00 0.00 ? 8  VAL A HG13 4  
ATOM   531  H HG21 . VAL A 1 4  ? 3.607  1.222  -4.171 1.00 0.00 ? 8  VAL A HG21 4  
ATOM   532  H HG22 . VAL A 1 4  ? 4.368  2.811  -4.095 1.00 0.00 ? 8  VAL A HG22 4  
ATOM   533  H HG23 . VAL A 1 4  ? 3.521  2.171  -2.686 1.00 0.00 ? 8  VAL A HG23 4  
ATOM   534  N N    . CYS A 1 5  ? 3.489  0.596  -0.687 1.00 0.00 ? 9  CYS A N    4  
ATOM   535  C CA   . CYS A 1 5  ? 2.922  0.923  0.618  1.00 0.00 ? 9  CYS A CA   4  
ATOM   536  C C    . CYS A 1 5  ? 2.184  -0.275 1.203  1.00 0.00 ? 9  CYS A C    4  
ATOM   537  O O    . CYS A 1 5  ? 1.573  -1.053 0.464  1.00 0.00 ? 9  CYS A O    4  
ATOM   538  C CB   . CYS A 1 5  ? 1.961  2.104  0.480  1.00 0.00 ? 9  CYS A CB   4  
ATOM   539  S SG   . CYS A 1 5  ? 2.498  3.369  -0.711 1.00 0.00 ? 9  CYS A SG   4  
ATOM   540  H H    . CYS A 1 5  ? 2.910  0.653  -1.473 1.00 0.00 ? 9  CYS A H    4  
ATOM   541  H HA   . CYS A 1 5  ? 3.731  1.199  1.278  1.00 0.00 ? 9  CYS A HA   4  
ATOM   542  H HB2  . CYS A 1 5  ? 0.997  1.739  0.148  1.00 0.00 ? 9  CYS A HB2  4  
ATOM   543  H HB3  . CYS A 1 5  ? 1.851  2.583  1.441  1.00 0.00 ? 9  CYS A HB3  4  
ATOM   544  N N    . CYS A 1 6  ? 2.244  -0.416 2.531  1.00 0.00 ? 10 CYS A N    4  
ATOM   545  C CA   . CYS A 1 6  ? 1.576  -1.519 3.218  1.00 0.00 ? 10 CYS A CA   4  
ATOM   546  C C    . CYS A 1 6  ? 0.268  -1.047 3.856  1.00 0.00 ? 10 CYS A C    4  
ATOM   547  O O    . CYS A 1 6  ? 0.254  -0.505 4.969  1.00 0.00 ? 10 CYS A O    4  
ATOM   548  C CB   . CYS A 1 6  ? 2.503  -2.144 4.266  1.00 0.00 ? 10 CYS A CB   4  
ATOM   549  S SG   . CYS A 1 6  ? 1.831  -3.650 5.040  1.00 0.00 ? 10 CYS A SG   4  
ATOM   550  H H    . CYS A 1 6  ? 2.751  0.237  3.058  1.00 0.00 ? 10 CYS A H    4  
ATOM   551  H HA   . CYS A 1 6  ? 1.341  -2.264 2.475  1.00 0.00 ? 10 CYS A HA   4  
ATOM   552  H HB2  . CYS A 1 6  ? 3.441  -2.405 3.799  1.00 0.00 ? 10 CYS A HB2  4  
ATOM   553  H HB3  . CYS A 1 6  ? 2.686  -1.424 5.051  1.00 0.00 ? 10 CYS A HB3  4  
ATOM   554  N N    . ASN A 1 7  ? -0.830 -1.239 3.115  1.00 0.00 ? 11 ASN A N    4  
ATOM   555  C CA   . ASN A 1 7  ? -2.170 -0.853 3.560  1.00 0.00 ? 11 ASN A CA   4  
ATOM   556  C C    . ASN A 1 7  ? -3.224 -1.830 3.016  1.00 0.00 ? 11 ASN A C    4  
ATOM   557  O O    . ASN A 1 7  ? -2.979 -2.487 2.000  1.00 0.00 ? 11 ASN A O    4  
ATOM   558  C CB   . ASN A 1 7  ? -2.495 0.568  3.088  1.00 0.00 ? 11 ASN A CB   4  
ATOM   559  C CG   . ASN A 1 7  ? -2.147 1.620  4.120  1.00 0.00 ? 11 ASN A CG   4  
ATOM   560  O OD1  . ASN A 1 7  ? -2.929 1.896  5.030  1.00 0.00 ? 11 ASN A OD1  4  
ATOM   561  N ND2  . ASN A 1 7  ? -0.973 2.222  3.977  1.00 0.00 ? 11 ASN A ND2  4  
ATOM   562  H H    . ASN A 1 7  ? -0.736 -1.655 2.235  1.00 0.00 ? 11 ASN A H    4  
ATOM   563  H HA   . ASN A 1 7  ? -2.186 -0.881 4.639  1.00 0.00 ? 11 ASN A HA   4  
ATOM   564  H HB2  . ASN A 1 7  ? -1.931 0.778  2.190  1.00 0.00 ? 11 ASN A HB2  4  
ATOM   565  H HB3  . ASN A 1 7  ? -3.547 0.632  2.872  1.00 0.00 ? 11 ASN A HB3  4  
ATOM   566  H HD21 . ASN A 1 7  ? -0.403 1.955  3.220  1.00 0.00 ? 11 ASN A HD21 4  
ATOM   567  H HD22 . ASN A 1 7  ? -0.725 2.911  4.633  1.00 0.00 ? 11 ASN A HD22 4  
ATOM   568  N N    . PRO A 1 8  ? -4.422 -1.949 3.676  1.00 0.00 ? 12 PRO A N    4  
ATOM   569  C CA   . PRO A 1 8  ? -5.500 -2.861 3.220  1.00 0.00 ? 12 PRO A CA   4  
ATOM   570  C C    . PRO A 1 8  ? -6.050 -2.514 1.825  1.00 0.00 ? 12 PRO A C    4  
ATOM   571  O O    . PRO A 1 8  ? -6.633 -3.370 1.153  1.00 0.00 ? 12 PRO A O    4  
ATOM   572  C CB   . PRO A 1 8  ? -6.599 -2.692 4.284  1.00 0.00 ? 12 PRO A CB   4  
ATOM   573  C CG   . PRO A 1 8  ? -6.307 -1.392 4.952  1.00 0.00 ? 12 PRO A CG   4  
ATOM   574  C CD   . PRO A 1 8  ? -4.815 -1.234 4.917  1.00 0.00 ? 12 PRO A CD   4  
ATOM   575  H HA   . PRO A 1 8  ? -5.162 -3.888 3.216  1.00 0.00 ? 12 PRO A HA   4  
ATOM   576  H HB2  . PRO A 1 8  ? -7.568 -2.684 3.797  1.00 0.00 ? 12 PRO A HB2  4  
ATOM   577  H HB3  . PRO A 1 8  ? -6.548 -3.505 4.992  1.00 0.00 ? 12 PRO A HB3  4  
ATOM   578  H HG2  . PRO A 1 8  ? -6.786 -0.585 4.409  1.00 0.00 ? 12 PRO A HG2  4  
ATOM   579  H HG3  . PRO A 1 8  ? -6.651 -1.416 5.976  1.00 0.00 ? 12 PRO A HG3  4  
ATOM   580  H HD2  . PRO A 1 8  ? -4.545 -0.187 4.860  1.00 0.00 ? 12 PRO A HD2  4  
ATOM   581  H HD3  . PRO A 1 8  ? -4.365 -1.696 5.785  1.00 0.00 ? 12 PRO A HD3  4  
ATOM   582  N N    . ALA A 1 9  ? -5.857 -1.255 1.409  1.00 0.00 ? 13 ALA A N    4  
ATOM   583  C CA   . ALA A 1 9  ? -6.320 -0.777 0.104  1.00 0.00 ? 13 ALA A CA   4  
ATOM   584  C C    . ALA A 1 9  ? -5.196 -0.081 -0.680 1.00 0.00 ? 13 ALA A C    4  
ATOM   585  O O    . ALA A 1 9  ? -5.423 0.441  -1.778 1.00 0.00 ? 13 ALA A O    4  
ATOM   586  C CB   . ALA A 1 9  ? -7.506 0.163  0.288  1.00 0.00 ? 13 ALA A CB   4  
ATOM   587  H H    . ALA A 1 9  ? -5.386 -0.630 2.000  1.00 0.00 ? 13 ALA A H    4  
ATOM   588  H HA   . ALA A 1 9  ? -6.659 -1.634 -0.461 1.00 0.00 ? 13 ALA A HA   4  
ATOM   589  H HB1  . ALA A 1 9  ? -7.187 1.044  0.826  1.00 0.00 ? 13 ALA A HB1  4  
ATOM   590  H HB2  . ALA A 1 9  ? -8.281 -0.340 0.848  1.00 0.00 ? 13 ALA A HB2  4  
ATOM   591  H HB3  . ALA A 1 9  ? -7.891 0.452  -0.680 1.00 0.00 ? 13 ALA A HB3  4  
ATOM   592  N N    . CYS A 1 10 ? -3.968 -0.095 -0.111 1.00 0.00 ? 14 CYS A N    4  
ATOM   593  C CA   . CYS A 1 10 ? -2.768 0.529  -0.717 1.00 0.00 ? 14 CYS A CA   4  
ATOM   594  C C    . CYS A 1 10 ? -2.939 2.049  -0.874 1.00 0.00 ? 14 CYS A C    4  
ATOM   595  O O    . CYS A 1 10 ? -3.517 2.529  -1.857 1.00 0.00 ? 14 CYS A O    4  
ATOM   596  C CB   . CYS A 1 10 ? -2.408 -0.124 -2.067 1.00 0.00 ? 14 CYS A CB   4  
ATOM   597  S SG   . CYS A 1 10 ? -2.315 -1.943 -2.008 1.00 0.00 ? 14 CYS A SG   4  
ATOM   598  H H    . CYS A 1 10 ? -3.867 -0.545 0.754  1.00 0.00 ? 14 CYS A H    4  
ATOM   599  H HA   . CYS A 1 10 ? -1.949 0.361  -0.033 1.00 0.00 ? 14 CYS A HA   4  
ATOM   600  H HB2  . CYS A 1 10 ? -3.160 0.141  -2.799 1.00 0.00 ? 14 CYS A HB2  4  
ATOM   601  H HB3  . CYS A 1 10 ? -1.444 0.246  -2.392 1.00 0.00 ? 14 CYS A HB3  4  
ATOM   602  N N    . ALA A 1 11 ? -2.448 2.793  0.126  1.00 0.00 ? 15 ALA A N    4  
ATOM   603  C CA   . ALA A 1 11 ? -2.531 4.257  0.135  1.00 0.00 ? 15 ALA A CA   4  
ATOM   604  C C    . ALA A 1 11 ? -1.218 4.880  0.598  1.00 0.00 ? 15 ALA A C    4  
ATOM   605  O O    . ALA A 1 11 ? -0.498 4.295  1.413  1.00 0.00 ? 15 ALA A O    4  
ATOM   606  C CB   . ALA A 1 11 ? -3.676 4.721  1.026  1.00 0.00 ? 15 ALA A CB   4  
ATOM   607  H H    . ALA A 1 11 ? -2.015 2.342  0.881  1.00 0.00 ? 15 ALA A H    4  
ATOM   608  H HA   . ALA A 1 11 ? -2.736 4.584  -0.874 1.00 0.00 ? 15 ALA A HA   4  
ATOM   609  H HB1  . ALA A 1 11 ? -4.599 4.273  0.691  1.00 0.00 ? 15 ALA A HB1  4  
ATOM   610  H HB2  . ALA A 1 11 ? -3.758 5.797  0.976  1.00 0.00 ? 15 ALA A HB2  4  
ATOM   611  H HB3  . ALA A 1 11 ? -3.481 4.423  2.046  1.00 0.00 ? 15 ALA A HB3  4  
HETATM 612  N N    . DLY A 1 12 ? -0.919 6.072  0.068  1.00 0.00 ? 16 DLY A N    4  
HETATM 613  C CA   . DLY A 1 12 ? 0.308  6.803  0.414  1.00 0.00 ? 16 DLY A CA   4  
HETATM 614  C C    . DLY A 1 12 ? 1.462  6.442  -0.528 1.00 0.00 ? 16 DLY A C    4  
HETATM 615  O O    . DLY A 1 12 ? 2.630  6.492  -0.134 1.00 0.00 ? 16 DLY A O    4  
HETATM 616  C CB   . DLY A 1 12 ? 0.061  8.315  0.374  1.00 0.00 ? 16 DLY A CB   4  
HETATM 617  C CG   . DLY A 1 12 ? -0.787 8.830  1.530  1.00 0.00 ? 16 DLY A CG   4  
HETATM 618  C CD   . DLY A 1 12 ? -1.015 10.330 1.429  1.00 0.00 ? 16 DLY A CD   4  
HETATM 619  C CE   . DLY A 1 12 ? -1.862 10.844 2.581  1.00 0.00 ? 16 DLY A CE   4  
HETATM 620  N NZ   . DLY A 1 12 ? -2.082 12.313 2.498  1.00 0.00 ? 16 DLY A NZ   4  
HETATM 621  H H    . DLY A 1 12 ? -1.541 6.473  -0.573 1.00 0.00 ? 16 DLY A H    4  
HETATM 622  H HA   . DLY A 1 12 ? 0.585  6.521  1.420  1.00 0.00 ? 16 DLY A HA   4  
HETATM 623  H HB2  . DLY A 1 12 ? -0.444 8.561  -0.551 1.00 0.00 ? 16 DLY A HB2  4  
HETATM 624  H HB3  . DLY A 1 12 ? 1.015  8.825  0.403  1.00 0.00 ? 16 DLY A HB3  4  
HETATM 625  H HG2  . DLY A 1 12 ? -0.280 8.614  2.461  1.00 0.00 ? 16 DLY A HG2  4  
HETATM 626  H HG3  . DLY A 1 12 ? -1.746 8.329  1.511  1.00 0.00 ? 16 DLY A HG3  4  
HETATM 627  H HD2  . DLY A 1 12 ? -1.519 10.545 0.498  1.00 0.00 ? 16 DLY A HD2  4  
HETATM 628  H HD3  . DLY A 1 12 ? -0.059 10.831 1.447  1.00 0.00 ? 16 DLY A HD3  4  
HETATM 629  H HE2  . DLY A 1 12 ? -1.361 10.615 3.510  1.00 0.00 ? 16 DLY A HE2  4  
HETATM 630  H HE3  . DLY A 1 12 ? -2.820 10.344 2.557  1.00 0.00 ? 16 DLY A HE3  4  
HETATM 631  H HZ1  . DLY A 1 12 ? -1.170 12.813 2.522  1.00 0.00 ? 16 DLY A HZ1  4  
HETATM 632  H HZ2  . DLY A 1 12 ? -2.662 12.635 3.299  1.00 0.00 ? 16 DLY A HZ2  4  
HETATM 633  H HZ3  . DLY A 1 12 ? -2.574 12.552 1.612  1.00 0.00 ? 16 DLY A HZ3  4  
ATOM   634  N N    . CYS A 1 13 ? 1.117  6.080  -1.770 1.00 0.00 ? 17 CYS A N    4  
ATOM   635  C CA   . CYS A 1 13 ? 2.096  5.698  -2.780 1.00 0.00 ? 17 CYS A CA   4  
ATOM   636  C C    . CYS A 1 13 ? 2.286  6.810  -3.811 1.00 0.00 ? 17 CYS A C    4  
ATOM   637  O O    . CYS A 1 13 ? 1.295  7.181  -4.477 1.00 0.00 ? 17 CYS A O    4  
ATOM   638  C CB   . CYS A 1 13 ? 1.641  4.405  -3.458 1.00 0.00 ? 17 CYS A CB   4  
ATOM   639  S SG   . CYS A 1 13 ? 1.284  3.036  -2.307 1.00 0.00 ? 17 CYS A SG   4  
ATOM   640  O OXT  . CYS A 1 13 ? 3.427  7.300  -3.945 1.00 0.00 ? 17 CYS A OXT  4  
ATOM   641  H H    . CYS A 1 13 ? 0.170  6.062  -2.011 1.00 0.00 ? 17 CYS A H    4  
ATOM   642  H HA   . CYS A 1 13 ? 3.039  5.517  -2.283 1.00 0.00 ? 17 CYS A HA   4  
ATOM   643  H HB2  . CYS A 1 13 ? 0.735  4.601  -4.011 1.00 0.00 ? 17 CYS A HB2  4  
ATOM   644  H HB3  . CYS A 1 13 ? 2.411  4.076  -4.135 1.00 0.00 ? 17 CYS A HB3  4  
HETATM 645  N N    . DCY A 1 1  ? 4.197  -5.386 1.270  1.00 0.00 ? 5  DCY A N    5  
HETATM 646  C CA   . DCY A 1 1  ? 2.863  -4.784 1.009  1.00 0.00 ? 5  DCY A CA   5  
HETATM 647  C C    . DCY A 1 1  ? 2.294  -5.294 -0.310 1.00 0.00 ? 5  DCY A C    5  
HETATM 648  O O    . DCY A 1 1  ? 2.436  -6.477 -0.636 1.00 0.00 ? 5  DCY A O    5  
HETATM 649  C CB   . DCY A 1 1  ? 1.898  -5.118 2.151  1.00 0.00 ? 5  DCY A CB   5  
HETATM 650  S SG   . DCY A 1 1  ? 2.641  -5.032 3.817  1.00 0.00 ? 5  DCY A SG   5  
HETATM 651  H H1   . DCY A 1 1  ? 4.857  -5.137 0.505  1.00 0.00 ? 5  DCY A H1   5  
HETATM 652  H H2   . DCY A 1 1  ? 4.118  -6.421 1.320  1.00 0.00 ? 5  DCY A H2   5  
HETATM 653  H H3   . DCY A 1 1  ? 4.579  -5.033 2.171  1.00 0.00 ? 5  DCY A H3   5  
HETATM 654  H HA   . DCY A 1 1  ? 2.980  -3.711 0.947  1.00 0.00 ? 5  DCY A HA   5  
HETATM 655  H HB2  . DCY A 1 1  ? 1.522  -6.122 2.011  1.00 0.00 ? 5  DCY A HB2  5  
HETATM 656  H HB3  . DCY A 1 1  ? 1.071  -4.424 2.127  1.00 0.00 ? 5  DCY A HB3  5  
ATOM   657  N N    . CYS A 1 2  ? 1.651  -4.394 -1.063 1.00 0.00 ? 6  CYS A N    5  
ATOM   658  C CA   . CYS A 1 2  ? 1.058  -4.745 -2.354 1.00 0.00 ? 6  CYS A CA   5  
ATOM   659  C C    . CYS A 1 2  ? 1.951  -4.304 -3.515 1.00 0.00 ? 6  CYS A C    5  
ATOM   660  O O    . CYS A 1 2  ? 2.168  -5.069 -4.459 1.00 0.00 ? 6  CYS A O    5  
ATOM   661  C CB   . CYS A 1 2  ? -0.340 -4.131 -2.490 1.00 0.00 ? 6  CYS A CB   5  
ATOM   662  S SG   . CYS A 1 2  ? -0.390 -2.318 -2.301 1.00 0.00 ? 6  CYS A SG   5  
ATOM   663  H H    . CYS A 1 2  ? 1.575  -3.472 -0.740 1.00 0.00 ? 6  CYS A H    5  
ATOM   664  H HA   . CYS A 1 2  ? 0.965  -5.821 -2.386 1.00 0.00 ? 6  CYS A HA   5  
ATOM   665  H HB2  . CYS A 1 2  ? -0.735 -4.368 -3.467 1.00 0.00 ? 6  CYS A HB2  5  
ATOM   666  H HB3  . CYS A 1 2  ? -0.985 -4.556 -1.731 1.00 0.00 ? 6  CYS A HB3  5  
ATOM   667  N N    . ASP A 1 3  ? 2.466  -3.068 -3.436 1.00 0.00 ? 7  ASP A N    5  
ATOM   668  C CA   . ASP A 1 3  ? 3.345  -2.515 -4.473 1.00 0.00 ? 7  ASP A CA   5  
ATOM   669  C C    . ASP A 1 3  ? 4.537  -1.789 -3.845 1.00 0.00 ? 7  ASP A C    5  
ATOM   670  O O    . ASP A 1 3  ? 5.687  -2.026 -4.228 1.00 0.00 ? 7  ASP A O    5  
ATOM   671  C CB   . ASP A 1 3  ? 2.569  -1.563 -5.396 1.00 0.00 ? 7  ASP A CB   5  
ATOM   672  C CG   . ASP A 1 3  ? 1.570  -2.289 -6.277 1.00 0.00 ? 7  ASP A CG   5  
ATOM   673  O OD1  . ASP A 1 3  ? 1.950  -2.695 -7.395 1.00 0.00 ? 7  ASP A OD1  5  
ATOM   674  O OD2  . ASP A 1 3  ? 0.408  -2.451 -5.849 1.00 0.00 ? 7  ASP A OD2  5  
ATOM   675  H H    . ASP A 1 3  ? 2.247  -2.514 -2.658 1.00 0.00 ? 7  ASP A H    5  
ATOM   676  H HA   . ASP A 1 3  ? 3.718  -3.343 -5.060 1.00 0.00 ? 7  ASP A HA   5  
ATOM   677  H HB2  . ASP A 1 3  ? 2.031  -0.846 -4.791 1.00 0.00 ? 7  ASP A HB2  5  
ATOM   678  H HB3  . ASP A 1 3  ? 3.271  -1.038 -6.033 1.00 0.00 ? 7  ASP A HB3  5  
ATOM   679  N N    . VAL A 1 4  ? 4.247  -0.904 -2.881 1.00 0.00 ? 8  VAL A N    5  
ATOM   680  C CA   . VAL A 1 4  ? 5.279  -0.129 -2.176 1.00 0.00 ? 8  VAL A CA   5  
ATOM   681  C C    . VAL A 1 4  ? 4.863  0.155  -0.730 1.00 0.00 ? 8  VAL A C    5  
ATOM   682  O O    . VAL A 1 4  ? 5.664  0.006  0.197  1.00 0.00 ? 8  VAL A O    5  
ATOM   683  C CB   . VAL A 1 4  ? 5.616  1.220  -2.887 1.00 0.00 ? 8  VAL A CB   5  
ATOM   684  C CG1  . VAL A 1 4  ? 6.530  0.986  -4.077 1.00 0.00 ? 8  VAL A CG1  5  
ATOM   685  C CG2  . VAL A 1 4  ? 4.362  1.976  -3.335 1.00 0.00 ? 8  VAL A CG2  5  
ATOM   686  H H    . VAL A 1 4  ? 3.309  -0.769 -2.635 1.00 0.00 ? 8  VAL A H    5  
ATOM   687  H HA   . VAL A 1 4  ? 6.178  -0.729 -2.159 1.00 0.00 ? 8  VAL A HA   5  
ATOM   688  H HB   . VAL A 1 4  ? 6.148  1.843  -2.181 1.00 0.00 ? 8  VAL A HB   5  
ATOM   689  H HG11 . VAL A 1 4  ? 6.058  0.301  -4.764 1.00 0.00 ? 8  VAL A HG11 5  
ATOM   690  H HG12 . VAL A 1 4  ? 7.466  0.568  -3.736 1.00 0.00 ? 8  VAL A HG12 5  
ATOM   691  H HG13 . VAL A 1 4  ? 6.715  1.926  -4.575 1.00 0.00 ? 8  VAL A HG13 5  
ATOM   692  H HG21 . VAL A 1 4  ? 3.803  1.366  -4.029 1.00 0.00 ? 8  VAL A HG21 5  
ATOM   693  H HG22 . VAL A 1 4  ? 4.651  2.898  -3.816 1.00 0.00 ? 8  VAL A HG22 5  
ATOM   694  H HG23 . VAL A 1 4  ? 3.749  2.197  -2.473 1.00 0.00 ? 8  VAL A HG23 5  
ATOM   695  N N    . CYS A 1 5  ? 3.600  0.564  -0.559 1.00 0.00 ? 9  CYS A N    5  
ATOM   696  C CA   . CYS A 1 5  ? 3.042  0.888  0.752  1.00 0.00 ? 9  CYS A CA   5  
ATOM   697  C C    . CYS A 1 5  ? 2.285  -0.303 1.334  1.00 0.00 ? 9  CYS A C    5  
ATOM   698  O O    . CYS A 1 5  ? 1.740  -1.123 0.590  1.00 0.00 ? 9  CYS A O    5  
ATOM   699  C CB   . CYS A 1 5  ? 2.098  2.086  0.630  1.00 0.00 ? 9  CYS A CB   5  
ATOM   700  S SG   . CYS A 1 5  ? 2.599  3.311  -0.618 1.00 0.00 ? 9  CYS A SG   5  
ATOM   701  H H    . CYS A 1 5  ? 3.025  0.656  -1.345 1.00 0.00 ? 9  CYS A H    5  
ATOM   702  H HA   . CYS A 1 5  ? 3.858  1.145  1.410  1.00 0.00 ? 9  CYS A HA   5  
ATOM   703  H HB2  . CYS A 1 5  ? 1.112  1.733  0.354  1.00 0.00 ? 9  CYS A HB2  5  
ATOM   704  H HB3  . CYS A 1 5  ? 2.043  2.590  1.583  1.00 0.00 ? 9  CYS A HB3  5  
ATOM   705  N N    . CYS A 1 6  ? 2.259  -0.386 2.668  1.00 0.00 ? 10 CYS A N    5  
ATOM   706  C CA   . CYS A 1 6  ? 1.564  -1.468 3.363  1.00 0.00 ? 10 CYS A CA   5  
ATOM   707  C C    . CYS A 1 6  ? 0.242  -0.975 3.954  1.00 0.00 ? 10 CYS A C    5  
ATOM   708  O O    . CYS A 1 6  ? 0.202  -0.400 5.049  1.00 0.00 ? 10 CYS A O    5  
ATOM   709  C CB   . CYS A 1 6  ? 2.460  -2.075 4.447  1.00 0.00 ? 10 CYS A CB   5  
ATOM   710  S SG   . CYS A 1 6  ? 3.669  -3.280 3.815  1.00 0.00 ? 10 CYS A SG   5  
ATOM   711  H H    . CYS A 1 6  ? 2.719  0.300  3.197  1.00 0.00 ? 10 CYS A H    5  
ATOM   712  H HA   . CYS A 1 6  ? 1.344  -2.228 2.629  1.00 0.00 ? 10 CYS A HA   5  
ATOM   713  H HB2  . CYS A 1 6  ? 3.009  -1.284 4.936  1.00 0.00 ? 10 CYS A HB2  5  
ATOM   714  H HB3  . CYS A 1 6  ? 1.841  -2.579 5.175  1.00 0.00 ? 10 CYS A HB3  5  
ATOM   715  N N    . ASN A 1 7  ? -0.839 -1.189 3.192  1.00 0.00 ? 11 ASN A N    5  
ATOM   716  C CA   . ASN A 1 7  ? -2.187 -0.787 3.593  1.00 0.00 ? 11 ASN A CA   5  
ATOM   717  C C    . ASN A 1 7  ? -3.230 -1.785 3.064  1.00 0.00 ? 11 ASN A C    5  
ATOM   718  O O    . ASN A 1 7  ? -2.967 -2.473 2.073  1.00 0.00 ? 11 ASN A O    5  
ATOM   719  C CB   . ASN A 1 7  ? -2.502 0.615  3.064  1.00 0.00 ? 11 ASN A CB   5  
ATOM   720  C CG   . ASN A 1 7  ? -2.206 1.702  4.078  1.00 0.00 ? 11 ASN A CG   5  
ATOM   721  O OD1  . ASN A 1 7  ? -3.027 1.993  4.949  1.00 0.00 ? 11 ASN A OD1  5  
ATOM   722  N ND2  . ASN A 1 7  ? -1.037 2.317  3.962  1.00 0.00 ? 11 ASN A ND2  5  
ATOM   723  H H    . ASN A 1 7  ? -0.723 -1.633 2.327  1.00 0.00 ? 11 ASN A H    5  
ATOM   724  H HA   . ASN A 1 7  ? -2.226 -0.777 4.673  1.00 0.00 ? 11 ASN A HA   5  
ATOM   725  H HB2  . ASN A 1 7  ? -1.901 0.804  2.186  1.00 0.00 ? 11 ASN A HB2  5  
ATOM   726  H HB3  . ASN A 1 7  ? -3.545 0.666  2.800  1.00 0.00 ? 11 ASN A HB3  5  
ATOM   727  H HD21 . ASN A 1 7  ? -0.435 2.036  3.234  1.00 0.00 ? 11 ASN A HD21 5  
ATOM   728  H HD22 . ASN A 1 7  ? -0.823 3.028  4.605  1.00 0.00 ? 11 ASN A HD22 5  
ATOM   729  N N    . PRO A 1 8  ? -4.438 -1.884 3.708  1.00 0.00 ? 12 PRO A N    5  
ATOM   730  C CA   . PRO A 1 8  ? -5.506 -2.814 3.265  1.00 0.00 ? 12 PRO A CA   5  
ATOM   731  C C    . PRO A 1 8  ? -6.049 -2.501 1.860  1.00 0.00 ? 12 PRO A C    5  
ATOM   732  O O    . PRO A 1 8  ? -6.574 -3.389 1.181  1.00 0.00 ? 12 PRO A O    5  
ATOM   733  C CB   . PRO A 1 8  ? -6.612 -2.629 4.318  1.00 0.00 ? 12 PRO A CB   5  
ATOM   734  C CG   . PRO A 1 8  ? -6.342 -1.305 4.948  1.00 0.00 ? 12 PRO A CG   5  
ATOM   735  C CD   . PRO A 1 8  ? -4.851 -1.130 4.918  1.00 0.00 ? 12 PRO A CD   5  
ATOM   736  H HA   . PRO A 1 8  ? -5.161 -3.838 3.285  1.00 0.00 ? 12 PRO A HA   5  
ATOM   737  H HB2  . PRO A 1 8  ? -7.579 -2.649 3.827  1.00 0.00 ? 12 PRO A HB2  5  
ATOM   738  H HB3  . PRO A 1 8  ? -6.554 -3.420 5.050  1.00 0.00 ? 12 PRO A HB3  5  
ATOM   739  H HG2  . PRO A 1 8  ? -6.827 -0.522 4.377  1.00 0.00 ? 12 PRO A HG2  5  
ATOM   740  H HG3  . PRO A 1 8  ? -6.694 -1.302 5.969  1.00 0.00 ? 12 PRO A HG3  5  
ATOM   741  H HD2  . PRO A 1 8  ? -4.595 -0.083 4.825  1.00 0.00 ? 12 PRO A HD2  5  
ATOM   742  H HD3  . PRO A 1 8  ? -4.403 -1.553 5.807  1.00 0.00 ? 12 PRO A HD3  5  
ATOM   743  N N    . ALA A 1 9  ? -5.914 -1.236 1.442  1.00 0.00 ? 13 ALA A N    5  
ATOM   744  C CA   . ALA A 1 9  ? -6.381 -0.788 0.127  1.00 0.00 ? 13 ALA A CA   5  
ATOM   745  C C    . ALA A 1 9  ? -5.265 -0.088 -0.665 1.00 0.00 ? 13 ALA A C    5  
ATOM   746  O O    . ALA A 1 9  ? -5.499 0.422  -1.767 1.00 0.00 ? 13 ALA A O    5  
ATOM   747  C CB   . ALA A 1 9  ? -7.583 0.135  0.293  1.00 0.00 ? 13 ALA A CB   5  
ATOM   748  H H    . ALA A 1 9  ? -5.486 -0.586 2.039  1.00 0.00 ? 13 ALA A H    5  
ATOM   749  H HA   . ALA A 1 9  ? -6.703 -1.660 -0.423 1.00 0.00 ? 13 ALA A HA   5  
ATOM   750  H HB1  . ALA A 1 9  ? -8.354 -0.374 0.852  1.00 0.00 ? 13 ALA A HB1  5  
ATOM   751  H HB2  . ALA A 1 9  ? -7.964 0.408  -0.680 1.00 0.00 ? 13 ALA A HB2  5  
ATOM   752  H HB3  . ALA A 1 9  ? -7.281 1.026  0.823  1.00 0.00 ? 13 ALA A HB3  5  
ATOM   753  N N    . CYS A 1 10 ? -4.037 -0.085 -0.098 1.00 0.00 ? 14 CYS A N    5  
ATOM   754  C CA   . CYS A 1 10 ? -2.844 0.547  -0.712 1.00 0.00 ? 14 CYS A CA   5  
ATOM   755  C C    . CYS A 1 10 ? -3.030 2.063  -0.886 1.00 0.00 ? 14 CYS A C    5  
ATOM   756  O O    . CYS A 1 10 ? -3.622 2.525  -1.869 1.00 0.00 ? 14 CYS A O    5  
ATOM   757  C CB   . CYS A 1 10 ? -2.480 -0.117 -2.056 1.00 0.00 ? 14 CYS A CB   5  
ATOM   758  S SG   . CYS A 1 10 ? -2.357 -1.934 -1.974 1.00 0.00 ? 14 CYS A SG   5  
ATOM   759  H H    . CYS A 1 10 ? -3.929 -0.524 0.771  1.00 0.00 ? 14 CYS A H    5  
ATOM   760  H HA   . CYS A 1 10 ? -2.022 0.393  -0.028 1.00 0.00 ? 14 CYS A HA   5  
ATOM   761  H HB2  . CYS A 1 10 ? -3.237 0.127  -2.788 1.00 0.00 ? 14 CYS A HB2  5  
ATOM   762  H HB3  . CYS A 1 10 ? -1.523 0.263  -2.390 1.00 0.00 ? 14 CYS A HB3  5  
ATOM   763  N N    . ALA A 1 11 ? -2.533 2.822  0.101  1.00 0.00 ? 15 ALA A N    5  
ATOM   764  C CA   . ALA A 1 11 ? -2.626 4.285  0.092  1.00 0.00 ? 15 ALA A CA   5  
ATOM   765  C C    . ALA A 1 11 ? -1.321 4.920  0.561  1.00 0.00 ? 15 ALA A C    5  
ATOM   766  O O    . ALA A 1 11 ? -0.651 4.389  1.451  1.00 0.00 ? 15 ALA A O    5  
ATOM   767  C CB   . ALA A 1 11 ? -3.781 4.751  0.970  1.00 0.00 ? 15 ALA A CB   5  
ATOM   768  H H    . ALA A 1 11 ? -2.089 2.383  0.856  1.00 0.00 ? 15 ALA A H    5  
ATOM   769  H HA   . ALA A 1 11 ? -2.824 4.601  -0.922 1.00 0.00 ? 15 ALA A HA   5  
ATOM   770  H HB1  . ALA A 1 11 ? -3.868 5.827  0.910  1.00 0.00 ? 15 ALA A HB1  5  
ATOM   771  H HB2  . ALA A 1 11 ? -3.596 4.462  1.994  1.00 0.00 ? 15 ALA A HB2  5  
ATOM   772  H HB3  . ALA A 1 11 ? -4.700 4.297  0.628  1.00 0.00 ? 15 ALA A HB3  5  
HETATM 773  N N    . DLY A 1 12 ? -0.974 6.060  -0.048 1.00 0.00 ? 16 DLY A N    5  
HETATM 774  C CA   . DLY A 1 12 ? 0.254  6.792  0.293  1.00 0.00 ? 16 DLY A CA   5  
HETATM 775  C C    . DLY A 1 12 ? 1.431  6.347  -0.580 1.00 0.00 ? 16 DLY A C    5  
HETATM 776  O O    . DLY A 1 12 ? 2.577  6.328  -0.121 1.00 0.00 ? 16 DLY A O    5  
HETATM 777  C CB   . DLY A 1 12 ? 0.039  8.303  0.141  1.00 0.00 ? 16 DLY A CB   5  
HETATM 778  C CG   . DLY A 1 12 ? -0.834 8.912  1.228  1.00 0.00 ? 16 DLY A CG   5  
HETATM 779  C CD   . DLY A 1 12 ? -1.017 10.408 1.021  1.00 0.00 ? 16 DLY A CD   5  
HETATM 780  C CE   . DLY A 1 12 ? -1.885 11.018 2.108  1.00 0.00 ? 16 DLY A CE   5  
HETATM 781  N NZ   . DLY A 1 12 ? -2.065 12.485 1.918  1.00 0.00 ? 16 DLY A NZ   5  
HETATM 782  H H    . DLY A 1 12 ? -1.559 6.419  -0.746 1.00 0.00 ? 16 DLY A H    5  
HETATM 783  H HA   . DLY A 1 12 ? 0.488  6.576  1.325  1.00 0.00 ? 16 DLY A HA   5  
HETATM 784  H HB2  . DLY A 1 12 ? -0.431 8.491  -0.816 1.00 0.00 ? 16 DLY A HB2  5  
HETATM 785  H HB3  . DLY A 1 12 ? 1.002  8.795  0.165  1.00 0.00 ? 16 DLY A HB3  5  
HETATM 786  H HG2  . DLY A 1 12 ? -0.365 8.745  2.189  1.00 0.00 ? 16 DLY A HG2  5  
HETATM 787  H HG3  . DLY A 1 12 ? -1.805 8.436  1.208  1.00 0.00 ? 16 DLY A HG3  5  
HETATM 788  H HD2  . DLY A 1 12 ? -1.485 10.573 0.063  1.00 0.00 ? 16 DLY A HD2  5  
HETATM 789  H HD3  . DLY A 1 12 ? -0.048 10.884 1.038  1.00 0.00 ? 16 DLY A HD3  5  
HETATM 790  H HE2  . DLY A 1 12 ? -1.417 10.843 3.066  1.00 0.00 ? 16 DLY A HE2  5  
HETATM 791  H HE3  . DLY A 1 12 ? -2.854 10.541 2.089  1.00 0.00 ? 16 DLY A HE3  5  
HETATM 792  H HZ1  . DLY A 1 12 ? -1.142 12.962 1.933  1.00 0.00 ? 16 DLY A HZ1  5  
HETATM 793  H HZ2  . DLY A 1 12 ? -2.657 12.874 2.680  1.00 0.00 ? 16 DLY A HZ2  5  
HETATM 794  H HZ3  . DLY A 1 12 ? -2.527 12.672 1.005  1.00 0.00 ? 16 DLY A HZ3  5  
ATOM   795  N N    . CYS A 1 13 ? 1.132  5.992  -1.835 1.00 0.00 ? 17 CYS A N    5  
ATOM   796  C CA   . CYS A 1 13 ? 2.140  5.538  -2.784 1.00 0.00 ? 17 CYS A CA   5  
ATOM   797  C C    . CYS A 1 13 ? 2.380  6.584  -3.873 1.00 0.00 ? 17 CYS A C    5  
ATOM   798  O O    . CYS A 1 13 ? 1.417  6.930  -4.592 1.00 0.00 ? 17 CYS A O    5  
ATOM   799  C CB   . CYS A 1 13 ? 1.692  4.214  -3.400 1.00 0.00 ? 17 CYS A CB   5  
ATOM   800  S SG   . CYS A 1 13 ? 1.386  2.882  -2.192 1.00 0.00 ? 17 CYS A SG   5  
ATOM   801  O OXT  . CYS A 1 13 ? 3.533  7.050  -3.996 1.00 0.00 ? 17 CYS A OXT  5  
ATOM   802  H H    . CYS A 1 13 ? 0.201  6.028  -2.127 1.00 0.00 ? 17 CYS A H    5  
ATOM   803  H HA   . CYS A 1 13 ? 3.063  5.377  -2.244 1.00 0.00 ? 17 CYS A HA   5  
ATOM   804  H HB2  . CYS A 1 13 ? 0.770  4.373  -3.940 1.00 0.00 ? 17 CYS A HB2  5  
ATOM   805  H HB3  . CYS A 1 13 ? 2.451  3.872  -4.083 1.00 0.00 ? 17 CYS A HB3  5  
HETATM 806  N N    . DCY A 1 1  ? 4.201  -5.388 1.301  1.00 0.00 ? 5  DCY A N    6  
HETATM 807  C CA   . DCY A 1 1  ? 2.869  -4.784 1.033  1.00 0.00 ? 5  DCY A CA   6  
HETATM 808  C C    . DCY A 1 1  ? 2.301  -5.304 -0.283 1.00 0.00 ? 5  DCY A C    6  
HETATM 809  O O    . DCY A 1 1  ? 2.443  -6.489 -0.600 1.00 0.00 ? 5  DCY A O    6  
HETATM 810  C CB   . DCY A 1 1  ? 1.902  -5.103 2.177  1.00 0.00 ? 5  DCY A CB   6  
HETATM 811  S SG   . DCY A 1 1  ? 2.641  -4.994 3.842  1.00 0.00 ? 5  DCY A SG   6  
HETATM 812  H H1   . DCY A 1 1  ? 4.117  -6.424 1.362  1.00 0.00 ? 5  DCY A H1   6  
HETATM 813  H H2   . DCY A 1 1  ? 4.582  -5.029 2.199  1.00 0.00 ? 5  DCY A H2   6  
HETATM 814  H H3   . DCY A 1 1  ? 4.864  -5.149 0.535  1.00 0.00 ? 5  DCY A H3   6  
HETATM 815  H HA   . DCY A 1 1  ? 2.992  -3.713 0.959  1.00 0.00 ? 5  DCY A HA   6  
HETATM 816  H HB2  . DCY A 1 1  ? 1.526  -6.109 2.049  1.00 0.00 ? 5  DCY A HB2  6  
HETATM 817  H HB3  . DCY A 1 1  ? 1.074  -4.408 2.140  1.00 0.00 ? 5  DCY A HB3  6  
ATOM   818  N N    . CYS A 1 2  ? 1.657  -4.411 -1.042 1.00 0.00 ? 6  CYS A N    6  
ATOM   819  C CA   . CYS A 1 2  ? 1.062  -4.772 -2.330 1.00 0.00 ? 6  CYS A CA   6  
ATOM   820  C C    . CYS A 1 2  ? 1.960  -4.346 -3.495 1.00 0.00 ? 6  CYS A C    6  
ATOM   821  O O    . CYS A 1 2  ? 2.183  -5.125 -4.426 1.00 0.00 ? 6  CYS A O    6  
ATOM   822  C CB   . CYS A 1 2  ? -0.332 -4.152 -2.472 1.00 0.00 ? 6  CYS A CB   6  
ATOM   823  S SG   . CYS A 1 2  ? -0.374 -2.338 -2.296 1.00 0.00 ? 6  CYS A SG   6  
ATOM   824  H H    . CYS A 1 2  ? 1.580  -3.487 -0.726 1.00 0.00 ? 6  CYS A H    6  
ATOM   825  H HA   . CYS A 1 2  ? 0.966  -5.848 -2.352 1.00 0.00 ? 6  CYS A HA   6  
ATOM   826  H HB2  . CYS A 1 2  ? -0.726 -4.394 -3.451 1.00 0.00 ? 6  CYS A HB2  6  
ATOM   827  H HB3  . CYS A 1 2  ? -0.981 -4.571 -1.713 1.00 0.00 ? 6  CYS A HB3  6  
ATOM   828  N N    . ASP A 1 3  ? 2.471  -3.108 -3.433 1.00 0.00 ? 7  ASP A N    6  
ATOM   829  C CA   . ASP A 1 3  ? 3.353  -2.568 -4.474 1.00 0.00 ? 7  ASP A CA   6  
ATOM   830  C C    . ASP A 1 3  ? 4.530  -1.812 -3.854 1.00 0.00 ? 7  ASP A C    6  
ATOM   831  O O    . ASP A 1 3  ? 5.685  -2.036 -4.229 1.00 0.00 ? 7  ASP A O    6  
ATOM   832  C CB   . ASP A 1 3  ? 2.575  -1.646 -5.425 1.00 0.00 ? 7  ASP A CB   6  
ATOM   833  C CG   . ASP A 1 3  ? 1.590  -2.404 -6.298 1.00 0.00 ? 7  ASP A CG   6  
ATOM   834  O OD1  . ASP A 1 3  ? 0.427  -2.569 -5.874 1.00 0.00 ? 7  ASP A OD1  6  
ATOM   835  O OD2  . ASP A 1 3  ? 1.983  -2.830 -7.403 1.00 0.00 ? 7  ASP A OD2  6  
ATOM   836  H H    . ASP A 1 3  ? 2.247  -2.542 -2.664 1.00 0.00 ? 7  ASP A H    6  
ATOM   837  H HA   . ASP A 1 3  ? 3.740  -3.404 -5.039 1.00 0.00 ? 7  ASP A HA   6  
ATOM   838  H HB2  . ASP A 1 3  ? 2.023  -0.921 -4.841 1.00 0.00 ? 7  ASP A HB2  6  
ATOM   839  H HB3  . ASP A 1 3  ? 3.275  -1.129 -6.069 1.00 0.00 ? 7  ASP A HB3  6  
ATOM   840  N N    . VAL A 1 4  ? 4.223  -0.918 -2.903 1.00 0.00 ? 8  VAL A N    6  
ATOM   841  C CA   . VAL A 1 4  ? 5.240  -0.115 -2.208 1.00 0.00 ? 8  VAL A CA   6  
ATOM   842  C C    . VAL A 1 4  ? 4.821  0.178  -0.764 1.00 0.00 ? 8  VAL A C    6  
ATOM   843  O O    . VAL A 1 4  ? 5.626  0.049  0.163  1.00 0.00 ? 8  VAL A O    6  
ATOM   844  C CB   . VAL A 1 4  ? 5.550  1.231  -2.936 1.00 0.00 ? 8  VAL A CB   6  
ATOM   845  C CG1  . VAL A 1 4  ? 6.472  1.001  -4.119 1.00 0.00 ? 8  VAL A CG1  6  
ATOM   846  C CG2  . VAL A 1 4  ? 4.281  1.953  -3.397 1.00 0.00 ? 8  VAL A CG2  6  
ATOM   847  H H    . VAL A 1 4  ? 3.281  -0.796 -2.661 1.00 0.00 ? 8  VAL A H    6  
ATOM   848  H HA   . VAL A 1 4  ? 6.150  -0.698 -2.185 1.00 0.00 ? 8  VAL A HA   6  
ATOM   849  H HB   . VAL A 1 4  ? 6.065  1.875  -2.237 1.00 0.00 ? 8  VAL A HB   6  
ATOM   850  H HG11 . VAL A 1 4  ? 6.647  1.940  -4.625 1.00 0.00 ? 8  VAL A HG11 6  
ATOM   851  H HG12 . VAL A 1 4  ? 6.013  0.304  -4.803 1.00 0.00 ? 8  VAL A HG12 6  
ATOM   852  H HG13 . VAL A 1 4  ? 7.412  0.600  -3.771 1.00 0.00 ? 8  VAL A HG13 6  
ATOM   853  H HG21 . VAL A 1 4  ? 4.552  2.875  -3.892 1.00 0.00 ? 8  VAL A HG21 6  
ATOM   854  H HG22 . VAL A 1 4  ? 3.661  2.173  -2.541 1.00 0.00 ? 8  VAL A HG22 6  
ATOM   855  H HG23 . VAL A 1 4  ? 3.737  1.321  -4.083 1.00 0.00 ? 8  VAL A HG23 6  
ATOM   856  N N    . CYS A 1 5  ? 3.553  0.571  -0.596 1.00 0.00 ? 9  CYS A N    6  
ATOM   857  C CA   . CYS A 1 5  ? 2.995  0.901  0.713  1.00 0.00 ? 9  CYS A CA   6  
ATOM   858  C C    . CYS A 1 5  ? 2.256  -0.293 1.311  1.00 0.00 ? 9  CYS A C    6  
ATOM   859  O O    . CYS A 1 5  ? 1.719  -1.129 0.578  1.00 0.00 ? 9  CYS A O    6  
ATOM   860  C CB   . CYS A 1 5  ? 2.034  2.085  0.579  1.00 0.00 ? 9  CYS A CB   6  
ATOM   861  S SG   . CYS A 1 5  ? 2.547  3.329  -0.644 1.00 0.00 ? 9  CYS A SG   6  
ATOM   862  H H    . CYS A 1 5  ? 2.975  0.646  -1.382 1.00 0.00 ? 9  CYS A H    6  
ATOM   863  H HA   . CYS A 1 5  ? 3.808  1.177  1.366  1.00 0.00 ? 9  CYS A HA   6  
ATOM   864  H HB2  . CYS A 1 5  ? 1.062  1.719  0.275  1.00 0.00 ? 9  CYS A HB2  6  
ATOM   865  H HB3  . CYS A 1 5  ? 1.949  2.578  1.535  1.00 0.00 ? 9  CYS A HB3  6  
ATOM   866  N N    . CYS A 1 6  ? 2.234  -0.361 2.646  1.00 0.00 ? 10 CYS A N    6  
ATOM   867  C CA   . CYS A 1 6  ? 1.555  -1.443 3.355  1.00 0.00 ? 10 CYS A CA   6  
ATOM   868  C C    . CYS A 1 6  ? 0.232  -0.960 3.950  1.00 0.00 ? 10 CYS A C    6  
ATOM   869  O O    . CYS A 1 6  ? 0.191  -0.386 5.046  1.00 0.00 ? 10 CYS A O    6  
ATOM   870  C CB   . CYS A 1 6  ? 2.465  -2.029 4.441  1.00 0.00 ? 10 CYS A CB   6  
ATOM   871  S SG   . CYS A 1 6  ? 3.670  -3.243 3.817  1.00 0.00 ? 10 CYS A SG   6  
ATOM   872  H H    . CYS A 1 6  ? 2.686  0.338  3.165  1.00 0.00 ? 10 CYS A H    6  
ATOM   873  H HA   . CYS A 1 6  ? 1.340  -2.213 2.632  1.00 0.00 ? 10 CYS A HA   6  
ATOM   874  H HB2  . CYS A 1 6  ? 3.017  -1.228 4.909  1.00 0.00 ? 10 CYS A HB2  6  
ATOM   875  H HB3  . CYS A 1 6  ? 1.855  -2.522 5.184  1.00 0.00 ? 10 CYS A HB3  6  
ATOM   876  N N    . ASN A 1 7  ? -0.849 -1.181 3.190  1.00 0.00 ? 11 ASN A N    6  
ATOM   877  C CA   . ASN A 1 7  ? -2.199 -0.787 3.594  1.00 0.00 ? 11 ASN A CA   6  
ATOM   878  C C    . ASN A 1 7  ? -3.237 -1.785 3.057  1.00 0.00 ? 11 ASN A C    6  
ATOM   879  O O    . ASN A 1 7  ? -2.970 -2.467 2.063  1.00 0.00 ? 11 ASN A O    6  
ATOM   880  C CB   . ASN A 1 7  ? -2.520 0.618  3.073  1.00 0.00 ? 11 ASN A CB   6  
ATOM   881  C CG   . ASN A 1 7  ? -2.223 1.700  4.091  1.00 0.00 ? 11 ASN A CG   6  
ATOM   882  O OD1  . ASN A 1 7  ? -3.044 1.993  4.960  1.00 0.00 ? 11 ASN A OD1  6  
ATOM   883  N ND2  . ASN A 1 7  ? -1.050 2.308  3.981  1.00 0.00 ? 11 ASN A ND2  6  
ATOM   884  H H    . ASN A 1 7  ? -0.733 -1.622 2.325  1.00 0.00 ? 11 ASN A H    6  
ATOM   885  H HA   . ASN A 1 7  ? -2.239 -0.784 4.673  1.00 0.00 ? 11 ASN A HA   6  
ATOM   886  H HB2  . ASN A 1 7  ? -1.924 0.811  2.193  1.00 0.00 ? 11 ASN A HB2  6  
ATOM   887  H HB3  . ASN A 1 7  ? -3.565 0.665  2.815  1.00 0.00 ? 11 ASN A HB3  6  
ATOM   888  H HD21 . ASN A 1 7  ? -0.447 2.025  3.255  1.00 0.00 ? 11 ASN A HD21 6  
ATOM   889  H HD22 . ASN A 1 7  ? -0.835 3.016  4.625  1.00 0.00 ? 11 ASN A HD22 6  
ATOM   890  N N    . PRO A 1 8  ? -4.446 -1.895 3.699  1.00 0.00 ? 12 PRO A N    6  
ATOM   891  C CA   . PRO A 1 8  ? -5.510 -2.826 3.248  1.00 0.00 ? 12 PRO A CA   6  
ATOM   892  C C    . PRO A 1 8  ? -6.047 -2.510 1.841  1.00 0.00 ? 12 PRO A C    6  
ATOM   893  O O    . PRO A 1 8  ? -6.573 -3.394 1.161  1.00 0.00 ? 12 PRO A O    6  
ATOM   894  C CB   . PRO A 1 8  ? -6.621 -2.647 4.295  1.00 0.00 ? 12 PRO A CB   6  
ATOM   895  C CG   . PRO A 1 8  ? -6.355 -1.326 4.935  1.00 0.00 ? 12 PRO A CG   6  
ATOM   896  C CD   . PRO A 1 8  ? -4.864 -1.150 4.913  1.00 0.00 ? 12 PRO A CD   6  
ATOM   897  H HA   . PRO A 1 8  ? -5.162 -3.849 3.267  1.00 0.00 ? 12 PRO A HA   6  
ATOM   898  H HB2  . PRO A 1 8  ? -7.586 -2.666 3.800  1.00 0.00 ? 12 PRO A HB2  6  
ATOM   899  H HB3  . PRO A 1 8  ? -6.566 -3.442 5.025  1.00 0.00 ? 12 PRO A HB3  6  
ATOM   900  H HG2  . PRO A 1 8  ? -6.838 -0.540 4.365  1.00 0.00 ? 12 PRO A HG2  6  
ATOM   901  H HG3  . PRO A 1 8  ? -6.712 -1.330 5.954  1.00 0.00 ? 12 PRO A HG3  6  
ATOM   902  H HD2  . PRO A 1 8  ? -4.609 -0.102 4.829  1.00 0.00 ? 12 PRO A HD2  6  
ATOM   903  H HD3  . PRO A 1 8  ? -4.420 -1.580 5.800  1.00 0.00 ? 12 PRO A HD3  6  
ATOM   904  N N    . ALA A 1 9  ? -5.902 -1.245 1.425  1.00 0.00 ? 13 ALA A N    6  
ATOM   905  C CA   . ALA A 1 9  ? -6.361 -0.793 0.108  1.00 0.00 ? 13 ALA A CA   6  
ATOM   906  C C    . ALA A 1 9  ? -5.239 -0.094 -0.676 1.00 0.00 ? 13 ALA A C    6  
ATOM   907  O O    . ALA A 1 9  ? -5.466 0.419  -1.778 1.00 0.00 ? 13 ALA A O    6  
ATOM   908  C CB   . ALA A 1 9  ? -7.563 0.132  0.269  1.00 0.00 ? 13 ALA A CB   6  
ATOM   909  H H    . ALA A 1 9  ? -5.474 -0.597 2.023  1.00 0.00 ? 13 ALA A H    6  
ATOM   910  H HA   . ALA A 1 9  ? -6.682 -1.663 -0.447 1.00 0.00 ? 13 ALA A HA   6  
ATOM   911  H HB1  . ALA A 1 9  ? -7.263 1.021  0.805  1.00 0.00 ? 13 ALA A HB1  6  
ATOM   912  H HB2  . ALA A 1 9  ? -8.338 -0.377 0.822  1.00 0.00 ? 13 ALA A HB2  6  
ATOM   913  H HB3  . ALA A 1 9  ? -7.937 0.409  -0.705 1.00 0.00 ? 13 ALA A HB3  6  
ATOM   914  N N    . CYS A 1 10 ? -4.015 -0.093 -0.101 1.00 0.00 ? 14 CYS A N    6  
ATOM   915  C CA   . CYS A 1 10 ? -2.817 0.537  -0.706 1.00 0.00 ? 14 CYS A CA   6  
ATOM   916  C C    . CYS A 1 10 ? -2.997 2.055  -0.876 1.00 0.00 ? 14 CYS A C    6  
ATOM   917  O O    . CYS A 1 10 ? -3.592 2.521  -1.856 1.00 0.00 ? 14 CYS A O    6  
ATOM   918  C CB   . CYS A 1 10 ? -2.447 -0.123 -2.051 1.00 0.00 ? 14 CYS A CB   6  
ATOM   919  S SG   . CYS A 1 10 ? -2.339 -1.941 -1.976 1.00 0.00 ? 14 CYS A SG   6  
ATOM   920  H H    . CYS A 1 10 ? -3.913 -0.535 0.768  1.00 0.00 ? 14 CYS A H    6  
ATOM   921  H HA   . CYS A 1 10 ? -2.000 0.379  -0.017 1.00 0.00 ? 14 CYS A HA   6  
ATOM   922  H HB2  . CYS A 1 10 ? -3.196 0.131  -2.787 1.00 0.00 ? 14 CYS A HB2  6  
ATOM   923  H HB3  . CYS A 1 10 ? -1.484 0.252  -2.374 1.00 0.00 ? 14 CYS A HB3  6  
ATOM   924  N N    . ALA A 1 11 ? -2.494 2.811  0.110  1.00 0.00 ? 15 ALA A N    6  
ATOM   925  C CA   . ALA A 1 11 ? -2.582 4.274  0.104  1.00 0.00 ? 15 ALA A CA   6  
ATOM   926  C C    . ALA A 1 11 ? -1.273 4.905  0.570  1.00 0.00 ? 15 ALA A C    6  
ATOM   927  O O    . ALA A 1 11 ? -0.580 4.349  1.428  1.00 0.00 ? 15 ALA A O    6  
ATOM   928  C CB   . ALA A 1 11 ? -3.733 4.744  0.987  1.00 0.00 ? 15 ALA A CB   6  
ATOM   929  H H    . ALA A 1 11 ? -2.050 2.369  0.863  1.00 0.00 ? 15 ALA A H    6  
ATOM   930  H HA   . ALA A 1 11 ? -2.784 4.592  -0.909 1.00 0.00 ? 15 ALA A HA   6  
ATOM   931  H HB1  . ALA A 1 11 ? -3.817 5.818  0.927  1.00 0.00 ? 15 ALA A HB1  6  
ATOM   932  H HB2  . ALA A 1 11 ? -3.544 4.454  2.010  1.00 0.00 ? 15 ALA A HB2  6  
ATOM   933  H HB3  . ALA A 1 11 ? -4.654 4.291  0.649  1.00 0.00 ? 15 ALA A HB3  6  
HETATM 934  N N    . DLY A 1 12 ? -0.947 6.068  -0.006 1.00 0.00 ? 16 DLY A N    6  
HETATM 935  C CA   . DLY A 1 12 ? 0.282  6.799  0.336  1.00 0.00 ? 16 DLY A CA   6  
HETATM 936  C C    . DLY A 1 12 ? 1.448  6.388  -0.567 1.00 0.00 ? 16 DLY A C    6  
HETATM 937  O O    . DLY A 1 12 ? 2.607  6.410  -0.140 1.00 0.00 ? 16 DLY A O    6  
HETATM 938  C CB   . DLY A 1 12 ? 0.053  8.311  0.232  1.00 0.00 ? 16 DLY A CB   6  
HETATM 939  C CG   . DLY A 1 12 ? -0.798 8.884  1.356  1.00 0.00 ? 16 DLY A CG   6  
HETATM 940  C CD   . DLY A 1 12 ? -0.991 10.385 1.198  1.00 0.00 ? 16 DLY A CD   6  
HETATM 941  C CE   . DLY A 1 12 ? -1.838 10.967 2.323  1.00 0.00 ? 16 DLY A CE   6  
HETATM 942  N NZ   . DLY A 1 12 ? -1.093 11.036 3.612  1.00 0.00 ? 16 DLY A NZ   6  
HETATM 943  H H    . DLY A 1 12 ? -1.549 6.447  -0.680 1.00 0.00 ? 16 DLY A H    6  
HETATM 944  H HA   . DLY A 1 12 ? 0.534  6.554  1.358  1.00 0.00 ? 16 DLY A HA   6  
HETATM 945  H HB2  . DLY A 1 12 ? -0.440 8.523  -0.708 1.00 0.00 ? 16 DLY A HB2  6  
HETATM 946  H HB3  . DLY A 1 12 ? 1.013  8.809  0.248  1.00 0.00 ? 16 DLY A HB3  6  
HETATM 947  H HG2  . DLY A 1 12 ? -0.306 8.690  2.301  1.00 0.00 ? 16 DLY A HG2  6  
HETATM 948  H HG3  . DLY A 1 12 ? -1.766 8.404  1.344  1.00 0.00 ? 16 DLY A HG3  6  
HETATM 949  H HD2  . DLY A 1 12 ? -1.480 10.578 0.255  1.00 0.00 ? 16 DLY A HD2  6  
HETATM 950  H HD3  . DLY A 1 12 ? -0.023 10.865 1.208  1.00 0.00 ? 16 DLY A HD3  6  
HETATM 951  H HE2  . DLY A 1 12 ? -2.711 10.346 2.455  1.00 0.00 ? 16 DLY A HE2  6  
HETATM 952  H HE3  . DLY A 1 12 ? -2.146 11.964 2.043  1.00 0.00 ? 16 DLY A HE3  6  
HETATM 953  H HZ1  . DLY A 1 12 ? -1.700 11.438 4.355  1.00 0.00 ? 16 DLY A HZ1  6  
HETATM 954  H HZ2  . DLY A 1 12 ? -0.250 11.636 3.506  1.00 0.00 ? 16 DLY A HZ2  6  
HETATM 955  H HZ3  . DLY A 1 12 ? -0.792 10.084 3.903  1.00 0.00 ? 16 DLY A HZ3  6  
ATOM   956  N N    . CYS A 1 13 ? 1.127  6.015  -1.811 1.00 0.00 ? 17 CYS A N    6  
ATOM   957  C CA   . CYS A 1 13 ? 2.122  5.588  -2.786 1.00 0.00 ? 17 CYS A CA   6  
ATOM   958  C C    . CYS A 1 13 ? 2.337  6.658  -3.856 1.00 0.00 ? 17 CYS A C    6  
ATOM   959  O O    . CYS A 1 13 ? 3.481  7.141  -3.985 1.00 0.00 ? 17 CYS A O    6  
ATOM   960  C CB   . CYS A 1 13 ? 1.674  4.274  -3.422 1.00 0.00 ? 17 CYS A CB   6  
ATOM   961  S SG   . CYS A 1 13 ? 1.341  2.932  -2.231 1.00 0.00 ? 17 CYS A SG   6  
ATOM   962  O OXT  . CYS A 1 13 ? 1.358  7.012  -4.551 1.00 0.00 ? 17 CYS A OXT  6  
ATOM   963  H H    . CYS A 1 13 ? 0.187  6.018  -2.078 1.00 0.00 ? 17 CYS A H    6  
ATOM   964  H HA   . CYS A 1 13 ? 3.055  5.424  -2.264 1.00 0.00 ? 17 CYS A HA   6  
ATOM   965  H HB2  . CYS A 1 13 ? 0.762  4.444  -3.973 1.00 0.00 ? 17 CYS A HB2  6  
ATOM   966  H HB3  . CYS A 1 13 ? 2.442  3.932  -4.096 1.00 0.00 ? 17 CYS A HB3  6  
HETATM 967  N N    . DCY A 1 1  ? 4.073  -5.184 1.306  1.00 0.00 ? 5  DCY A N    7  
HETATM 968  C CA   . DCY A 1 1  ? 2.669  -4.732 1.123  1.00 0.00 ? 5  DCY A CA   7  
HETATM 969  C C    . DCY A 1 1  ? 2.108  -5.264 -0.195 1.00 0.00 ? 5  DCY A C    7  
HETATM 970  O O    . DCY A 1 1  ? 2.108  -6.478 -0.431 1.00 0.00 ? 5  DCY A O    7  
HETATM 971  C CB   . DCY A 1 1  ? 1.797  -5.207 2.294  1.00 0.00 ? 5  DCY A CB   7  
HETATM 972  S SG   . DCY A 1 1  ? 2.659  -5.260 3.904  1.00 0.00 ? 5  DCY A SG   7  
HETATM 973  H H1   . DCY A 1 1  ? 4.452  -4.821 2.204  1.00 0.00 ? 5  DCY A H1   7  
HETATM 974  H H2   . DCY A 1 1  ? 4.666  -4.836 0.527  1.00 0.00 ? 5  DCY A H2   7  
HETATM 975  H H3   . DCY A 1 1  ? 4.114  -6.223 1.320  1.00 0.00 ? 5  DCY A H3   7  
HETATM 976  H HA   . DCY A 1 1  ? 2.663  -3.651 1.092  1.00 0.00 ? 5  DCY A HA   7  
HETATM 977  H HB2  . DCY A 1 1  ? 1.437  -6.205 2.082  1.00 0.00 ? 5  DCY A HB2  7  
HETATM 978  H HB3  . DCY A 1 1  ? 0.952  -4.542 2.399  1.00 0.00 ? 5  DCY A HB3  7  
ATOM   979  N N    . CYS A 1 2  ? 1.639  -4.349 -1.050 1.00 0.00 ? 6  CYS A N    7  
ATOM   980  C CA   . CYS A 1 2  ? 1.077  -4.718 -2.351 1.00 0.00 ? 6  CYS A CA   7  
ATOM   981  C C    . CYS A 1 2  ? 2.000  -4.297 -3.498 1.00 0.00 ? 6  CYS A C    7  
ATOM   982  O O    . CYS A 1 2  ? 2.246  -5.083 -4.417 1.00 0.00 ? 6  CYS A O    7  
ATOM   983  C CB   . CYS A 1 2  ? -0.316 -4.104 -2.531 1.00 0.00 ? 6  CYS A CB   7  
ATOM   984  S SG   . CYS A 1 2  ? -0.385 -2.300 -2.281 1.00 0.00 ? 6  CYS A SG   7  
ATOM   985  H H    . CYS A 1 2  ? 1.672  -3.402 -0.798 1.00 0.00 ? 6  CYS A H    7  
ATOM   986  H HA   . CYS A 1 2  ? 0.984  -5.794 -2.368 1.00 0.00 ? 6  CYS A HA   7  
ATOM   987  H HB2  . CYS A 1 2  ? -0.661 -4.307 -3.536 1.00 0.00 ? 6  CYS A HB2  7  
ATOM   988  H HB3  . CYS A 1 2  ? -0.996 -4.561 -1.823 1.00 0.00 ? 6  CYS A HB3  7  
ATOM   989  N N    . ASP A 1 3  ? 2.507  -3.057 -3.434 1.00 0.00 ? 7  ASP A N    7  
ATOM   990  C CA   . ASP A 1 3  ? 3.410  -2.525 -4.463 1.00 0.00 ? 7  ASP A CA   7  
ATOM   991  C C    . ASP A 1 3  ? 4.592  -1.792 -3.824 1.00 0.00 ? 7  ASP A C    7  
ATOM   992  O O    . ASP A 1 3  ? 5.748  -2.042 -4.179 1.00 0.00 ? 7  ASP A O    7  
ATOM   993  C CB   . ASP A 1 3  ? 2.657  -1.586 -5.417 1.00 0.00 ? 7  ASP A CB   7  
ATOM   994  C CG   . ASP A 1 3  ? 1.675  -2.324 -6.309 1.00 0.00 ? 7  ASP A CG   7  
ATOM   995  O OD1  . ASP A 1 3  ? 2.079  -2.752 -7.410 1.00 0.00 ? 7  ASP A OD1  7  
ATOM   996  O OD2  . ASP A 1 3  ? 0.503  -2.476 -5.904 1.00 0.00 ? 7  ASP A OD2  7  
ATOM   997  H H    . ASP A 1 3  ? 2.266  -2.485 -2.676 1.00 0.00 ? 7  ASP A H    7  
ATOM   998  H HA   . ASP A 1 3  ? 3.790  -3.364 -5.027 1.00 0.00 ? 7  ASP A HA   7  
ATOM   999  H HB2  . ASP A 1 3  ? 2.106  -0.859 -4.836 1.00 0.00 ? 7  ASP A HB2  7  
ATOM   1000 H HB3  . ASP A 1 3  ? 3.373  -1.074 -6.047 1.00 0.00 ? 7  ASP A HB3  7  
ATOM   1001 N N    . VAL A 1 4  ? 4.287  -0.889 -2.884 1.00 0.00 ? 8  VAL A N    7  
ATOM   1002 C CA   . VAL A 1 4  ? 5.309  -0.105 -2.173 1.00 0.00 ? 8  VAL A CA   7  
ATOM   1003 C C    . VAL A 1 4  ? 4.880  0.172  -0.729 1.00 0.00 ? 8  VAL A C    7  
ATOM   1004 O O    . VAL A 1 4  ? 5.673  0.018  0.205  1.00 0.00 ? 8  VAL A O    7  
ATOM   1005 C CB   . VAL A 1 4  ? 5.640  1.246  -2.883 1.00 0.00 ? 8  VAL A CB   7  
ATOM   1006 C CG1  . VAL A 1 4  ? 6.558  1.016  -4.070 1.00 0.00 ? 8  VAL A CG1  7  
ATOM   1007 C CG2  . VAL A 1 4  ? 4.383  1.996  -3.333 1.00 0.00 ? 8  VAL A CG2  7  
ATOM   1008 H H    . VAL A 1 4  ? 3.344  -0.743 -2.660 1.00 0.00 ? 8  VAL A H    7  
ATOM   1009 H HA   . VAL A 1 4  ? 6.211  -0.699 -2.150 1.00 0.00 ? 8  VAL A HA   7  
ATOM   1010 H HB   . VAL A 1 4  ? 6.167  1.872  -2.176 1.00 0.00 ? 8  VAL A HB   7  
ATOM   1011 H HG11 . VAL A 1 4  ? 6.735  1.956  -4.571 1.00 0.00 ? 8  VAL A HG11 7  
ATOM   1012 H HG12 . VAL A 1 4  ? 6.092  0.324  -4.756 1.00 0.00 ? 8  VAL A HG12 7  
ATOM   1013 H HG13 . VAL A 1 4  ? 7.496  0.608  -3.727 1.00 0.00 ? 8  VAL A HG13 7  
ATOM   1014 H HG21 . VAL A 1 4  ? 3.828  1.382  -4.027 1.00 0.00 ? 8  VAL A HG21 7  
ATOM   1015 H HG22 . VAL A 1 4  ? 4.668  2.918  -3.817 1.00 0.00 ? 8  VAL A HG22 7  
ATOM   1016 H HG23 . VAL A 1 4  ? 3.768  2.215  -2.474 1.00 0.00 ? 8  VAL A HG23 7  
ATOM   1017 N N    . CYS A 1 5  ? 3.616  0.581  -0.569 1.00 0.00 ? 9  CYS A N    7  
ATOM   1018 C CA   . CYS A 1 5  ? 3.044  0.893  0.738  1.00 0.00 ? 9  CYS A CA   7  
ATOM   1019 C C    . CYS A 1 5  ? 2.264  -0.299 1.281  1.00 0.00 ? 9  CYS A C    7  
ATOM   1020 O O    . CYS A 1 5  ? 1.639  -1.037 0.514  1.00 0.00 ? 9  CYS A O    7  
ATOM   1021 C CB   . CYS A 1 5  ? 2.116  2.106  0.623  1.00 0.00 ? 9  CYS A CB   7  
ATOM   1022 S SG   . CYS A 1 5  ? 2.625  3.323  -0.630 1.00 0.00 ? 9  CYS A SG   7  
ATOM   1023 H H    . CYS A 1 5  ? 3.050  0.683  -1.361 1.00 0.00 ? 9  CYS A H    7  
ATOM   1024 H HA   . CYS A 1 5  ? 3.853  1.126  1.414  1.00 0.00 ? 9  CYS A HA   7  
ATOM   1025 H HB2  . CYS A 1 5  ? 1.124  1.767  0.356  1.00 0.00 ? 9  CYS A HB2  7  
ATOM   1026 H HB3  . CYS A 1 5  ? 2.078  2.610  1.576  1.00 0.00 ? 9  CYS A HB3  7  
ATOM   1027 N N    . CYS A 1 6  ? 2.304  -0.479 2.604  1.00 0.00 ? 10 CYS A N    7  
ATOM   1028 C CA   . CYS A 1 6  ? 1.596  -1.580 3.251  1.00 0.00 ? 10 CYS A CA   7  
ATOM   1029 C C    . CYS A 1 6  ? 0.291  -1.092 3.883  1.00 0.00 ? 10 CYS A C    7  
ATOM   1030 O O    . CYS A 1 6  ? 0.277  -0.563 5.002  1.00 0.00 ? 10 CYS A O    7  
ATOM   1031 C CB   . CYS A 1 6  ? 2.489  -2.258 4.297  1.00 0.00 ? 10 CYS A CB   7  
ATOM   1032 S SG   . CYS A 1 6  ? 1.780  -3.786 4.989  1.00 0.00 ? 10 CYS A SG   7  
ATOM   1033 H H    . CYS A 1 6  ? 2.822  0.145  3.156  1.00 0.00 ? 10 CYS A H    7  
ATOM   1034 H HA   . CYS A 1 6  ? 1.353  -2.300 2.484  1.00 0.00 ? 10 CYS A HA   7  
ATOM   1035 H HB2  . CYS A 1 6  ? 3.435  -2.510 3.843  1.00 0.00 ? 10 CYS A HB2  7  
ATOM   1036 H HB3  . CYS A 1 6  ? 2.657  -1.573 5.115  1.00 0.00 ? 10 CYS A HB3  7  
ATOM   1037 N N    . ASN A 1 7  ? -0.804 -1.255 3.130  1.00 0.00 ? 11 ASN A N    7  
ATOM   1038 C CA   . ASN A 1 7  ? -2.139 -0.848 3.569  1.00 0.00 ? 11 ASN A CA   7  
ATOM   1039 C C    . ASN A 1 7  ? -3.204 -1.826 3.045  1.00 0.00 ? 11 ASN A C    7  
ATOM   1040 O O    . ASN A 1 7  ? -2.969 -2.499 2.037  1.00 0.00 ? 11 ASN A O    7  
ATOM   1041 C CB   . ASN A 1 7  ? -2.453 0.569  3.073  1.00 0.00 ? 11 ASN A CB   7  
ATOM   1042 C CG   . ASN A 1 7  ? -2.105 1.635  4.092  1.00 0.00 ? 11 ASN A CG   7  
ATOM   1043 O OD1  . ASN A 1 7  ? -2.879 1.908  5.010  1.00 0.00 ? 11 ASN A OD1  7  
ATOM   1044 N ND2  . ASN A 1 7  ? -0.943 2.253  3.928  1.00 0.00 ? 11 ASN A ND2  7  
ATOM   1045 H H    . ASN A 1 7  ? -0.710 -1.663 2.245  1.00 0.00 ? 11 ASN A H    7  
ATOM   1046 H HA   . ASN A 1 7  ? -2.154 -0.857 4.648  1.00 0.00 ? 11 ASN A HA   7  
ATOM   1047 H HB2  . ASN A 1 7  ? -1.880 0.762  2.177  1.00 0.00 ? 11 ASN A HB2  7  
ATOM   1048 H HB3  . ASN A 1 7  ? -3.503 0.637  2.847  1.00 0.00 ? 11 ASN A HB3  7  
ATOM   1049 H HD21 . ASN A 1 7  ? -0.380 1.989  3.165  1.00 0.00 ? 11 ASN A HD21 7  
ATOM   1050 H HD22 . ASN A 1 7  ? -0.696 2.951  4.574  1.00 0.00 ? 11 ASN A HD22 7  
ATOM   1051 N N    . PRO A 1 8  ? -4.398 -1.927 3.714  1.00 0.00 ? 12 PRO A N    7  
ATOM   1052 C CA   . PRO A 1 8  ? -5.484 -2.839 3.279  1.00 0.00 ? 12 PRO A CA   7  
ATOM   1053 C C    . PRO A 1 8  ? -6.053 -2.500 1.889  1.00 0.00 ? 12 PRO A C    7  
ATOM   1054 O O    . PRO A 1 8  ? -6.611 -3.370 1.215  1.00 0.00 ? 12 PRO A O    7  
ATOM   1055 C CB   . PRO A 1 8  ? -6.565 -2.660 4.356  1.00 0.00 ? 12 PRO A CB   7  
ATOM   1056 C CG   . PRO A 1 8  ? -6.269 -1.349 5.002  1.00 0.00 ? 12 PRO A CG   7  
ATOM   1057 C CD   . PRO A 1 8  ? -4.779 -1.188 4.945  1.00 0.00 ? 12 PRO A CD   7  
ATOM   1058 H HA   . PRO A 1 8  ? -5.148 -3.866 3.276  1.00 0.00 ? 12 PRO A HA   7  
ATOM   1059 H HB2  . PRO A 1 8  ? -7.544 -2.663 3.885  1.00 0.00 ? 12 PRO A HB2  7  
ATOM   1060 H HB3  . PRO A 1 8  ? -6.501 -3.463 5.076  1.00 0.00 ? 12 PRO A HB3  7  
ATOM   1061 H HG2  . PRO A 1 8  ? -6.759 -0.553 4.453  1.00 0.00 ? 12 PRO A HG2  7  
ATOM   1062 H HG3  . PRO A 1 8  ? -6.601 -1.359 6.030  1.00 0.00 ? 12 PRO A HG3  7  
ATOM   1063 H HD2  . PRO A 1 8  ? -4.514 -0.143 4.865  1.00 0.00 ? 12 PRO A HD2  7  
ATOM   1064 H HD3  . PRO A 1 8  ? -4.316 -1.632 5.816  1.00 0.00 ? 12 PRO A HD3  7  
ATOM   1065 N N    . ALA A 1 9  ? -5.902 -1.234 1.482  1.00 0.00 ? 13 ALA A N    7  
ATOM   1066 C CA   . ALA A 1 9  ? -6.391 -0.762 0.183  1.00 0.00 ? 13 ALA A CA   7  
ATOM   1067 C C    . ALA A 1 9  ? -5.281 -0.075 -0.629 1.00 0.00 ? 13 ALA A C    7  
ATOM   1068 O O    . ALA A 1 9  ? -5.528 0.430  -1.730 1.00 0.00 ? 13 ALA A O    7  
ATOM   1069 C CB   . ALA A 1 9  ? -7.572 0.181  0.385  1.00 0.00 ? 13 ALA A CB   7  
ATOM   1070 H H    . ALA A 1 9  ? -5.447 -0.598 2.073  1.00 0.00 ? 13 ALA A H    7  
ATOM   1071 H HA   . ALA A 1 9  ? -6.742 -1.622 -0.370 1.00 0.00 ? 13 ALA A HA   7  
ATOM   1072 H HB1  . ALA A 1 9  ? -7.240 1.064  0.911  1.00 0.00 ? 13 ALA A HB1  7  
ATOM   1073 H HB2  . ALA A 1 9  ? -8.334 -0.317 0.964  1.00 0.00 ? 13 ALA A HB2  7  
ATOM   1074 H HB3  . ALA A 1 9  ? -7.976 0.463  -0.576 1.00 0.00 ? 13 ALA A HB3  7  
ATOM   1075 N N    . CYS A 1 10 ? -4.046 -0.075 -0.078 1.00 0.00 ? 14 CYS A N    7  
ATOM   1076 C CA   . CYS A 1 10 ? -2.858 0.545  -0.714 1.00 0.00 ? 14 CYS A CA   7  
ATOM   1077 C C    . CYS A 1 10 ? -3.040 2.061  -0.899 1.00 0.00 ? 14 CYS A C    7  
ATOM   1078 O O    . CYS A 1 10 ? -3.623 2.517  -1.891 1.00 0.00 ? 14 CYS A O    7  
ATOM   1079 C CB   . CYS A 1 10 ? -2.512 -0.134 -2.054 1.00 0.00 ? 14 CYS A CB   7  
ATOM   1080 S SG   . CYS A 1 10 ? -2.357 -1.947 -1.946 1.00 0.00 ? 14 CYS A SG   7  
ATOM   1081 H H    . CYS A 1 10 ? -3.928 -0.511 0.791  1.00 0.00 ? 14 CYS A H    7  
ATOM   1082 H HA   . CYS A 1 10 ? -2.029 0.395  -0.037 1.00 0.00 ? 14 CYS A HA   7  
ATOM   1083 H HB2  . CYS A 1 10 ? -3.289 0.086  -2.773 1.00 0.00 ? 14 CYS A HB2  7  
ATOM   1084 H HB3  . CYS A 1 10 ? -1.569 0.256  -2.415 1.00 0.00 ? 14 CYS A HB3  7  
ATOM   1085 N N    . ALA A 1 11 ? -2.551 2.826  0.086  1.00 0.00 ? 15 ALA A N    7  
ATOM   1086 C CA   . ALA A 1 11 ? -2.641 4.289  0.067  1.00 0.00 ? 15 ALA A CA   7  
ATOM   1087 C C    . ALA A 1 11 ? -1.341 4.924  0.548  1.00 0.00 ? 15 ALA A C    7  
ATOM   1088 O O    . ALA A 1 11 ? -0.682 4.399  1.450  1.00 0.00 ? 15 ALA A O    7  
ATOM   1089 C CB   . ALA A 1 11 ? -3.806 4.763  0.928  1.00 0.00 ? 15 ALA A CB   7  
ATOM   1090 H H    . ALA A 1 11 ? -2.115 2.391  0.849  1.00 0.00 ? 15 ALA A H    7  
ATOM   1091 H HA   . ALA A 1 11 ? -2.828 4.598  -0.951 1.00 0.00 ? 15 ALA A HA   7  
ATOM   1092 H HB1  . ALA A 1 11 ? -3.890 5.838  0.860  1.00 0.00 ? 15 ALA A HB1  7  
ATOM   1093 H HB2  . ALA A 1 11 ? -3.633 4.481  1.956  1.00 0.00 ? 15 ALA A HB2  7  
ATOM   1094 H HB3  . ALA A 1 11 ? -4.721 4.309  0.580  1.00 0.00 ? 15 ALA A HB3  7  
HETATM 1095 N N    . DLY A 1 12 ? -0.982 6.058  -0.066 1.00 0.00 ? 16 DLY A N    7  
HETATM 1096 C CA   . DLY A 1 12 ? 0.243  6.788  0.284  1.00 0.00 ? 16 DLY A CA   7  
HETATM 1097 C C    . DLY A 1 12 ? 1.426  6.343  -0.579 1.00 0.00 ? 16 DLY A C    7  
HETATM 1098 O O    . DLY A 1 12 ? 2.565  6.302  -0.105 1.00 0.00 ? 16 DLY A O    7  
HETATM 1099 C CB   . DLY A 1 12 ? 0.031  8.299  0.130  1.00 0.00 ? 16 DLY A CB   7  
HETATM 1100 C CG   . DLY A 1 12 ? -0.857 8.910  1.206  1.00 0.00 ? 16 DLY A CG   7  
HETATM 1101 C CD   . DLY A 1 12 ? -1.038 10.404 0.994  1.00 0.00 ? 16 DLY A CD   7  
HETATM 1102 C CE   . DLY A 1 12 ? -1.928 11.014 2.065  1.00 0.00 ? 16 DLY A CE   7  
HETATM 1103 N NZ   . DLY A 1 12 ? -2.117 12.477 1.862  1.00 0.00 ? 16 DLY A NZ   7  
HETATM 1104 H H    . DLY A 1 12 ? -1.557 6.413  -0.775 1.00 0.00 ? 16 DLY A H    7  
HETATM 1105 H HA   . DLY A 1 12 ? 0.469  6.571  1.318  1.00 0.00 ? 16 DLY A HA   7  
HETATM 1106 H HB2  . DLY A 1 12 ? -0.426 8.489  -0.832 1.00 0.00 ? 16 DLY A HB2  7  
HETATM 1107 H HB3  . DLY A 1 12 ? 0.994  8.791  0.169  1.00 0.00 ? 16 DLY A HB3  7  
HETATM 1108 H HG2  . DLY A 1 12 ? -0.400 8.744  2.173  1.00 0.00 ? 16 DLY A HG2  7  
HETATM 1109 H HG3  . DLY A 1 12 ? -1.826 8.431  1.173  1.00 0.00 ? 16 DLY A HG3  7  
HETATM 1110 H HD2  . DLY A 1 12 ? -1.490 10.568 0.027  1.00 0.00 ? 16 DLY A HD2  7  
HETATM 1111 H HD3  . DLY A 1 12 ? -0.071 10.883 1.028  1.00 0.00 ? 16 DLY A HD3  7  
HETATM 1112 H HE2  . DLY A 1 12 ? -1.472 10.849 3.031  1.00 0.00 ? 16 DLY A HE2  7  
HETATM 1113 H HE3  . DLY A 1 12 ? -2.891 10.529 2.035  1.00 0.00 ? 16 DLY A HE3  7  
HETATM 1114 H HZ1  . DLY A 1 12 ? -1.197 12.962 1.878  1.00 0.00 ? 16 DLY A HZ1  7  
HETATM 1115 H HZ2  . DLY A 1 12 ? -2.715 12.869 2.618  1.00 0.00 ? 16 DLY A HZ2  7  
HETATM 1116 H HZ3  . DLY A 1 12 ? -2.575 12.655 0.946  1.00 0.00 ? 16 DLY A HZ3  7  
ATOM   1117 N N    . CYS A 1 13 ? 1.140  6.010  -1.843 1.00 0.00 ? 17 CYS A N    7  
ATOM   1118 C CA   . CYS A 1 13 ? 2.154  5.558  -2.787 1.00 0.00 ? 17 CYS A CA   7  
ATOM   1119 C C    . CYS A 1 13 ? 2.399  6.605  -3.873 1.00 0.00 ? 17 CYS A C    7  
ATOM   1120 O O    . CYS A 1 13 ? 1.439  6.949  -4.597 1.00 0.00 ? 17 CYS A O    7  
ATOM   1121 C CB   . CYS A 1 13 ? 1.711  4.233  -3.405 1.00 0.00 ? 17 CYS A CB   7  
ATOM   1122 S SG   . CYS A 1 13 ? 1.405  2.899  -2.199 1.00 0.00 ? 17 CYS A SG   7  
ATOM   1123 O OXT  . CYS A 1 13 ? 3.551  7.072  -3.989 1.00 0.00 ? 17 CYS A OXT  7  
ATOM   1124 H H    . CYS A 1 13 ? 0.212  6.061  -2.147 1.00 0.00 ? 17 CYS A H    7  
ATOM   1125 H HA   . CYS A 1 13 ? 3.073  5.398  -2.241 1.00 0.00 ? 17 CYS A HA   7  
ATOM   1126 H HB2  . CYS A 1 13 ? 0.790  4.390  -3.947 1.00 0.00 ? 17 CYS A HB2  7  
ATOM   1127 H HB3  . CYS A 1 13 ? 2.473  3.894  -4.086 1.00 0.00 ? 17 CYS A HB3  7  
HETATM 1128 N N    . DCY A 1 1  ? 4.203  -5.572 1.197  1.00 0.00 ? 5  DCY A N    8  
HETATM 1129 C CA   . DCY A 1 1  ? 2.906  -4.898 0.927  1.00 0.00 ? 5  DCY A CA   8  
HETATM 1130 C C    . DCY A 1 1  ? 2.333  -5.354 -0.411 1.00 0.00 ? 5  DCY A C    8  
HETATM 1131 O O    . DCY A 1 1  ? 2.486  -6.517 -0.792 1.00 0.00 ? 5  DCY A O    8  
HETATM 1132 C CB   . DCY A 1 1  ? 1.908  -5.203 2.048  1.00 0.00 ? 5  DCY A CB   8  
HETATM 1133 S SG   . DCY A 1 1  ? 2.621  -5.136 3.725  1.00 0.00 ? 5  DCY A SG   8  
HETATM 1134 H H1   . DCY A 1 1  ? 4.070  -6.603 1.226  1.00 0.00 ? 5  DCY A H1   8  
HETATM 1135 H H2   . DCY A 1 1  ? 4.587  -5.256 2.109  1.00 0.00 ? 5  DCY A H2   8  
HETATM 1136 H H3   . DCY A 1 1  ? 4.887  -5.343 0.447  1.00 0.00 ? 5  DCY A H3   8  
HETATM 1137 H HA   . DCY A 1 1  ? 3.080  -3.832 0.887  1.00 0.00 ? 5  DCY A HA   8  
HETATM 1138 H HB2  . DCY A 1 1  ? 1.506  -6.196 1.900  1.00 0.00 ? 5  DCY A HB2  8  
HETATM 1139 H HB3  . DCY A 1 1  ? 1.103  -4.482 2.007  1.00 0.00 ? 5  DCY A HB3  8  
ATOM   1140 N N    . CYS A 1 2  ? 1.675  -4.427 -1.117 1.00 0.00 ? 6  CYS A N    8  
ATOM   1141 C CA   . CYS A 1 2  ? 1.076  -4.723 -2.420 1.00 0.00 ? 6  CYS A CA   8  
ATOM   1142 C C    . CYS A 1 2  ? 1.970  -4.239 -3.564 1.00 0.00 ? 6  CYS A C    8  
ATOM   1143 O O    . CYS A 1 2  ? 2.178  -4.964 -4.542 1.00 0.00 ? 6  CYS A O    8  
ATOM   1144 C CB   . CYS A 1 2  ? -0.318 -4.095 -2.526 1.00 0.00 ? 6  CYS A CB   8  
ATOM   1145 S SG   . CYS A 1 2  ? -0.356 -2.291 -2.276 1.00 0.00 ? 6  CYS A SG   8  
ATOM   1146 H H    . CYS A 1 2  ? 1.592  -3.522 -0.751 1.00 0.00 ? 6  CYS A H    8  
ATOM   1147 H HA   . CYS A 1 2  ? 0.978  -5.797 -2.495 1.00 0.00 ? 6  CYS A HA   8  
ATOM   1148 H HB2  . CYS A 1 2  ? -0.721 -4.297 -3.509 1.00 0.00 ? 6  CYS A HB2  8  
ATOM   1149 H HB3  . CYS A 1 2  ? -0.962 -4.544 -1.779 1.00 0.00 ? 6  CYS A HB3  8  
ATOM   1150 N N    . ASP A 1 3  ? 2.494  -3.012 -3.433 1.00 0.00 ? 7  ASP A N    8  
ATOM   1151 C CA   . ASP A 1 3  ? 3.376  -2.422 -4.445 1.00 0.00 ? 7  ASP A CA   8  
ATOM   1152 C C    . ASP A 1 3  ? 4.571  -1.729 -3.785 1.00 0.00 ? 7  ASP A C    8  
ATOM   1153 O O    . ASP A 1 3  ? 5.721  -1.972 -4.160 1.00 0.00 ? 7  ASP A O    8  
ATOM   1154 C CB   . ASP A 1 3  ? 2.606  -1.426 -5.328 1.00 0.00 ? 7  ASP A CB   8  
ATOM   1155 C CG   . ASP A 1 3  ? 1.600  -2.108 -6.236 1.00 0.00 ? 7  ASP A CG   8  
ATOM   1156 O OD1  . ASP A 1 3  ? 1.976  -2.471 -7.371 1.00 0.00 ? 7  ASP A OD1  8  
ATOM   1157 O OD2  . ASP A 1 3  ? 0.438  -2.281 -5.813 1.00 0.00 ? 7  ASP A OD2  8  
ATOM   1158 H H    . ASP A 1 3  ? 2.280  -2.491 -2.631 1.00 0.00 ? 7  ASP A H    8  
ATOM   1159 H HA   . ASP A 1 3  ? 3.746  -3.225 -5.065 1.00 0.00 ? 7  ASP A HA   8  
ATOM   1160 H HB2  . ASP A 1 3  ? 2.073  -0.730 -4.693 1.00 0.00 ? 7  ASP A HB2  8  
ATOM   1161 H HB3  . ASP A 1 3  ? 3.310  -0.882 -5.944 1.00 0.00 ? 7  ASP A HB3  8  
ATOM   1162 N N    . VAL A 1 4  ? 4.281  -0.866 -2.799 1.00 0.00 ? 8  VAL A N    8  
ATOM   1163 C CA   . VAL A 1 4  ? 5.314  -0.125 -2.059 1.00 0.00 ? 8  VAL A CA   8  
ATOM   1164 C C    . VAL A 1 4  ? 4.866  0.154  -0.621 1.00 0.00 ? 8  VAL A C    8  
ATOM   1165 O O    . VAL A 1 4  ? 5.637  -0.029 0.325  1.00 0.00 ? 8  VAL A O    8  
ATOM   1166 C CB   . VAL A 1 4  ? 5.706  1.222  -2.745 1.00 0.00 ? 8  VAL A CB   8  
ATOM   1167 C CG1  . VAL A 1 4  ? 6.652  0.976  -3.908 1.00 0.00 ? 8  VAL A CG1  8  
ATOM   1168 C CG2  . VAL A 1 4  ? 4.487  2.014  -3.222 1.00 0.00 ? 8  VAL A CG2  8  
ATOM   1169 H H    . VAL A 1 4  ? 3.341  -0.724 -2.562 1.00 0.00 ? 8  VAL A H    8  
ATOM   1170 H HA   . VAL A 1 4  ? 6.195  -0.750 -2.024 1.00 0.00 ? 8  VAL A HA   8  
ATOM   1171 H HB   . VAL A 1 4  ? 6.232  1.825  -2.018 1.00 0.00 ? 8  VAL A HB   8  
ATOM   1172 H HG11 . VAL A 1 4  ? 6.177  0.321  -4.624 1.00 0.00 ? 8  VAL A HG11 8  
ATOM   1173 H HG12 . VAL A 1 4  ? 7.559  0.518  -3.545 1.00 0.00 ? 8  VAL A HG12 8  
ATOM   1174 H HG13 . VAL A 1 4  ? 6.888  1.917  -4.383 1.00 0.00 ? 8  VAL A HG13 8  
ATOM   1175 H HG21 . VAL A 1 4  ? 4.812  2.931  -3.690 1.00 0.00 ? 8  VAL A HG21 8  
ATOM   1176 H HG22 . VAL A 1 4  ? 3.854  2.245  -2.378 1.00 0.00 ? 8  VAL A HG22 8  
ATOM   1177 H HG23 . VAL A 1 4  ? 3.931  1.424  -3.936 1.00 0.00 ? 8  VAL A HG23 8  
ATOM   1178 N N    . CYS A 1 5  ? 3.609  0.596  -0.479 1.00 0.00 ? 9  CYS A N    8  
ATOM   1179 C CA   . CYS A 1 5  ? 3.026  0.918  0.821  1.00 0.00 ? 9  CYS A CA   8  
ATOM   1180 C C    . CYS A 1 5  ? 2.236  -0.268 1.369  1.00 0.00 ? 9  CYS A C    8  
ATOM   1181 O O    . CYS A 1 5  ? 1.599  -1.001 0.606  1.00 0.00 ? 9  CYS A O    8  
ATOM   1182 C CB   . CYS A 1 5  ? 2.104  2.135  0.694  1.00 0.00 ? 9  CYS A CB   8  
ATOM   1183 S SG   . CYS A 1 5  ? 2.612  3.332  -0.581 1.00 0.00 ? 9  CYS A SG   8  
ATOM   1184 H H    . CYS A 1 5  ? 3.059  0.716  -1.280 1.00 0.00 ? 9  CYS A H    8  
ATOM   1185 H HA   . CYS A 1 5  ? 3.830  1.151  1.503  1.00 0.00 ? 9  CYS A HA   8  
ATOM   1186 H HB2  . CYS A 1 5  ? 1.107  1.800  0.438  1.00 0.00 ? 9  CYS A HB2  8  
ATOM   1187 H HB3  . CYS A 1 5  ? 2.075  2.655  1.639  1.00 0.00 ? 9  CYS A HB3  8  
ATOM   1188 N N    . CYS A 1 6  ? 2.285  -0.448 2.693  1.00 0.00 ? 10 CYS A N    8  
ATOM   1189 C CA   . CYS A 1 6  ? 1.572  -1.541 3.354  1.00 0.00 ? 10 CYS A CA   8  
ATOM   1190 C C    . CYS A 1 6  ? 0.257  -1.050 3.961  1.00 0.00 ? 10 CYS A C    8  
ATOM   1191 O O    . CYS A 1 6  ? 0.232  -0.471 5.055  1.00 0.00 ? 10 CYS A O    8  
ATOM   1192 C CB   . CYS A 1 6  ? 2.458  -2.193 4.421  1.00 0.00 ? 10 CYS A CB   8  
ATOM   1193 S SG   . CYS A 1 6  ? 3.658  -3.391 3.755  1.00 0.00 ? 10 CYS A SG   8  
ATOM   1194 H H    . CYS A 1 6  ? 2.814  0.171  3.237  1.00 0.00 ? 10 CYS A H    8  
ATOM   1195 H HA   . CYS A 1 6  ? 1.343  -2.278 2.599  1.00 0.00 ? 10 CYS A HA   8  
ATOM   1196 H HB2  . CYS A 1 6  ? 3.014  -1.424 4.936  1.00 0.00 ? 10 CYS A HB2  8  
ATOM   1197 H HB3  . CYS A 1 6  ? 1.831  -2.714 5.130  1.00 0.00 ? 10 CYS A HB3  8  
ATOM   1198 N N    . ASN A 1 7  ? -0.834 -1.271 3.217  1.00 0.00 ? 11 ASN A N    8  
ATOM   1199 C CA   . ASN A 1 7  ? -2.179 -0.870 3.638  1.00 0.00 ? 11 ASN A CA   8  
ATOM   1200 C C    . ASN A 1 7  ? -3.233 -1.844 3.088  1.00 0.00 ? 11 ASN A C    8  
ATOM   1201 O O    . ASN A 1 7  ? -2.983 -2.504 2.074  1.00 0.00 ? 11 ASN A O    8  
ATOM   1202 C CB   . ASN A 1 7  ? -2.486 0.553  3.150  1.00 0.00 ? 11 ASN A CB   8  
ATOM   1203 C CG   . ASN A 1 7  ? -2.248 1.615  4.212  1.00 0.00 ? 11 ASN A CG   8  
ATOM   1204 O OD1  . ASN A 1 7  ? -2.468 1.390  5.405  1.00 0.00 ? 11 ASN A OD1  8  
ATOM   1205 N ND2  . ASN A 1 7  ? -1.794 2.786  3.780  1.00 0.00 ? 11 ASN A ND2  8  
ATOM   1206 H H    . ASN A 1 7  ? -0.732 -1.719 2.352  1.00 0.00 ? 11 ASN A H    8  
ATOM   1207 H HA   . ASN A 1 7  ? -2.212 -0.889 4.717  1.00 0.00 ? 11 ASN A HA   8  
ATOM   1208 H HB2  . ASN A 1 7  ? -1.851 0.777  2.305  1.00 0.00 ? 11 ASN A HB2  8  
ATOM   1209 H HB3  . ASN A 1 7  ? -3.520 0.599  2.841  1.00 0.00 ? 11 ASN A HB3  8  
ATOM   1210 H HD21 . ASN A 1 7  ? -1.641 2.895  2.813  1.00 0.00 ? 11 ASN A HD21 8  
ATOM   1211 H HD22 . ASN A 1 7  ? -1.628 3.494  4.442  1.00 0.00 ? 11 ASN A HD22 8  
ATOM   1212 N N    . PRO A 1 8  ? -4.435 -1.956 3.740  1.00 0.00 ? 12 PRO A N    8  
ATOM   1213 C CA   . PRO A 1 8  ? -5.515 -2.864 3.280  1.00 0.00 ? 12 PRO A CA   8  
ATOM   1214 C C    . PRO A 1 8  ? -6.075 -2.499 1.893  1.00 0.00 ? 12 PRO A C    8  
ATOM   1215 O O    . PRO A 1 8  ? -6.629 -3.356 1.198  1.00 0.00 ? 12 PRO A O    8  
ATOM   1216 C CB   . PRO A 1 8  ? -6.604 -2.710 4.353  1.00 0.00 ? 12 PRO A CB   8  
ATOM   1217 C CG   . PRO A 1 8  ? -6.323 -1.406 5.019  1.00 0.00 ? 12 PRO A CG   8  
ATOM   1218 C CD   . PRO A 1 8  ? -4.832 -1.234 4.976  1.00 0.00 ? 12 PRO A CD   8  
ATOM   1219 H HA   . PRO A 1 8  ? -5.174 -3.889 3.259  1.00 0.00 ? 12 PRO A HA   8  
ATOM   1220 H HB2  . PRO A 1 8  ? -7.580 -2.715 3.877  1.00 0.00 ? 12 PRO A HB2  8  
ATOM   1221 H HB3  . PRO A 1 8  ? -6.537 -3.523 5.061  1.00 0.00 ? 12 PRO A HB3  8  
ATOM   1222 H HG2  . PRO A 1 8  ? -6.813 -0.605 4.478  1.00 0.00 ? 12 PRO A HG2  8  
ATOM   1223 H HG3  . PRO A 1 8  ? -6.661 -1.434 6.045  1.00 0.00 ? 12 PRO A HG3  8  
ATOM   1224 H HD2  . PRO A 1 8  ? -4.574 -0.185 4.910  1.00 0.00 ? 12 PRO A HD2  8  
ATOM   1225 H HD3  . PRO A 1 8  ? -4.374 -1.684 5.847  1.00 0.00 ? 12 PRO A HD3  8  
ATOM   1226 N N    . ALA A 1 9  ? -5.921 -1.225 1.510  1.00 0.00 ? 13 ALA A N    8  
ATOM   1227 C CA   . ALA A 1 9  ? -6.401 -0.730 0.218  1.00 0.00 ? 13 ALA A CA   8  
ATOM   1228 C C    . ALA A 1 9  ? -5.278 -0.057 -0.587 1.00 0.00 ? 13 ALA A C    8  
ATOM   1229 O O    . ALA A 1 9  ? -5.500 0.403  -1.713 1.00 0.00 ? 13 ALA A O    8  
ATOM   1230 C CB   . ALA A 1 9  ? -7.560 0.236  0.430  1.00 0.00 ? 13 ALA A CB   8  
ATOM   1231 H H    . ALA A 1 9  ? -5.470 -0.602 2.117  1.00 0.00 ? 13 ALA A H    8  
ATOM   1232 H HA   . ALA A 1 9  ? -6.770 -1.576 -0.344 1.00 0.00 ? 13 ALA A HA   8  
ATOM   1233 H HB1  . ALA A 1 9  ? -8.337 -0.256 0.997  1.00 0.00 ? 13 ALA A HB1  8  
ATOM   1234 H HB2  . ALA A 1 9  ? -7.952 0.544  -0.528 1.00 0.00 ? 13 ALA A HB2  8  
ATOM   1235 H HB3  . ALA A 1 9  ? -7.211 1.101  0.973  1.00 0.00 ? 13 ALA A HB3  8  
ATOM   1236 N N    . CYS A 1 10 ? -4.060 -0.015 0.000  1.00 0.00 ? 14 CYS A N    8  
ATOM   1237 C CA   . CYS A 1 10 ? -2.862 0.598  -0.624 1.00 0.00 ? 14 CYS A CA   8  
ATOM   1238 C C    . CYS A 1 10 ? -3.057 2.102  -0.872 1.00 0.00 ? 14 CYS A C    8  
ATOM   1239 O O    . CYS A 1 10 ? -3.631 2.513  -1.889 1.00 0.00 ? 14 CYS A O    8  
ATOM   1240 C CB   . CYS A 1 10 ? -2.468 -0.127 -1.926 1.00 0.00 ? 14 CYS A CB   8  
ATOM   1241 S SG   . CYS A 1 10 ? -2.281 -1.930 -1.740 1.00 0.00 ? 14 CYS A SG   8  
ATOM   1242 H H    . CYS A 1 10 ? -3.964 -0.415 0.889  1.00 0.00 ? 14 CYS A H    8  
ATOM   1243 H HA   . CYS A 1 10 ? -2.053 0.484  0.082  1.00 0.00 ? 14 CYS A HA   8  
ATOM   1244 H HB2  . CYS A 1 10 ? -3.230 0.049  -2.673 1.00 0.00 ? 14 CYS A HB2  8  
ATOM   1245 H HB3  . CYS A 1 10 ? -1.523 0.268  -2.277 1.00 0.00 ? 14 CYS A HB3  8  
ATOM   1246 N N    . ALA A 1 11 ? -2.590 2.911  0.090  1.00 0.00 ? 15 ALA A N    8  
ATOM   1247 C CA   . ALA A 1 11 ? -2.695 4.370  0.013  1.00 0.00 ? 15 ALA A CA   8  
ATOM   1248 C C    . ALA A 1 11 ? -1.406 5.035  0.487  1.00 0.00 ? 15 ALA A C    8  
ATOM   1249 O O    . ALA A 1 11 ? -0.787 4.581  1.453  1.00 0.00 ? 15 ALA A O    8  
ATOM   1250 C CB   . ALA A 1 11 ? -3.875 4.866  0.838  1.00 0.00 ? 15 ALA A CB   8  
ATOM   1251 H H    . ALA A 1 11 ? -2.162 2.511  0.875  1.00 0.00 ? 15 ALA A H    8  
ATOM   1252 H HA   . ALA A 1 11 ? -2.867 4.639  -1.020 1.00 0.00 ? 15 ALA A HA   8  
ATOM   1253 H HB1  . ALA A 1 11 ? -3.714 4.625  1.878  1.00 0.00 ? 15 ALA A HB1  8  
ATOM   1254 H HB2  . ALA A 1 11 ? -4.781 4.389  0.494  1.00 0.00 ? 15 ALA A HB2  8  
ATOM   1255 H HB3  . ALA A 1 11 ? -3.969 5.936  0.727  1.00 0.00 ? 15 ALA A HB3  8  
HETATM 1256 N N    . DLY A 1 12 ? -1.016 6.112  -0.203 1.00 0.00 ? 16 DLY A N    8  
HETATM 1257 C CA   . DLY A 1 12 ? 0.203  6.860  0.132  1.00 0.00 ? 16 DLY A CA   8  
HETATM 1258 C C    . DLY A 1 12 ? 1.403  6.362  -0.676 1.00 0.00 ? 16 DLY A C    8  
HETATM 1259 O O    . DLY A 1 12 ? 2.526  6.322  -0.166 1.00 0.00 ? 16 DLY A O    8  
HETATM 1260 C CB   . DLY A 1 12 ? -0.002 8.360  -0.116 1.00 0.00 ? 16 DLY A CB   8  
HETATM 1261 C CG   . DLY A 1 12 ? -0.911 9.035  0.902  1.00 0.00 ? 16 DLY A CG   8  
HETATM 1262 C CD   . DLY A 1 12 ? -1.091 10.512 0.594  1.00 0.00 ? 16 DLY A CD   8  
HETATM 1263 C CE   . DLY A 1 12 ? -2.004 11.185 1.605  1.00 0.00 ? 16 DLY A CE   8  
HETATM 1264 N NZ   . DLY A 1 12 ? -2.188 12.633 1.310  1.00 0.00 ? 16 DLY A NZ   8  
HETATM 1265 H H    . DLY A 1 12 ? -1.561 6.412  -0.960 1.00 0.00 ? 16 DLY A H    8  
HETATM 1266 H HA   . DLY A 1 12 ? 0.404  6.704  1.181  1.00 0.00 ? 16 DLY A HA   8  
HETATM 1267 H HB2  . DLY A 1 12 ? -0.437 8.493  -1.098 1.00 0.00 ? 16 DLY A HB2  8  
HETATM 1268 H HB3  . DLY A 1 12 ? 0.961  8.851  -0.086 1.00 0.00 ? 16 DLY A HB3  8  
HETATM 1269 H HG2  . DLY A 1 12 ? -0.472 8.931  1.886  1.00 0.00 ? 16 DLY A HG2  8  
HETATM 1270 H HG3  . DLY A 1 12 ? -1.879 8.552  0.882  1.00 0.00 ? 16 DLY A HG3  8  
HETATM 1271 H HD2  . DLY A 1 12 ? -1.523 10.613 -0.392 1.00 0.00 ? 16 DLY A HD2  8  
HETATM 1272 H HD3  . DLY A 1 12 ? -0.126 10.995 0.617  1.00 0.00 ? 16 DLY A HD3  8  
HETATM 1273 H HE2  . DLY A 1 12 ? -1.573 11.077 2.589  1.00 0.00 ? 16 DLY A HE2  8  
HETATM 1274 H HE3  . DLY A 1 12 ? -2.968 10.697 1.581  1.00 0.00 ? 16 DLY A HE3  8  
HETATM 1275 H HZ1  . DLY A 1 12 ? -2.815 13.065 2.020  1.00 0.00 ? 16 DLY A HZ1  8  
HETATM 1276 H HZ2  . DLY A 1 12 ? -2.611 12.756 0.369  1.00 0.00 ? 16 DLY A HZ2  8  
HETATM 1277 H HZ3  . DLY A 1 12 ? -1.269 13.121 1.332  1.00 0.00 ? 16 DLY A HZ3  8  
ATOM   1278 N N    . CYS A 1 13 ? 1.149  5.984  -1.934 1.00 0.00 ? 17 CYS A N    8  
ATOM   1279 C CA   . CYS A 1 13 ? 2.184  5.481  -2.826 1.00 0.00 ? 17 CYS A CA   8  
ATOM   1280 C C    . CYS A 1 13 ? 2.479  6.480  -3.945 1.00 0.00 ? 17 CYS A C    8  
ATOM   1281 O O    . CYS A 1 13 ? 3.640  6.932  -4.039 1.00 0.00 ? 17 CYS A O    8  
ATOM   1282 C CB   . CYS A 1 13 ? 1.743  4.138  -3.407 1.00 0.00 ? 17 CYS A CB   8  
ATOM   1283 S SG   . CYS A 1 13 ? 1.443  2.834  -2.167 1.00 0.00 ? 17 CYS A SG   8  
ATOM   1284 O OXT  . CYS A 1 13 ? 1.548  6.812  -4.710 1.00 0.00 ? 17 CYS A OXT  8  
ATOM   1285 H H    . CYS A 1 13 ? 0.233  6.038  -2.269 1.00 0.00 ? 17 CYS A H    8  
ATOM   1286 H HA   . CYS A 1 13 ? 3.084  5.331  -2.246 1.00 0.00 ? 17 CYS A HA   8  
ATOM   1287 H HB2  . CYS A 1 13 ? 0.820  4.280  -3.951 1.00 0.00 ? 17 CYS A HB2  8  
ATOM   1288 H HB3  . CYS A 1 13 ? 2.504  3.784  -4.083 1.00 0.00 ? 17 CYS A HB3  8  
HETATM 1289 N N    . DCY A 1 1  ? 4.188  -5.390 1.237  1.00 0.00 ? 5  DCY A N    9  
HETATM 1290 C CA   . DCY A 1 1  ? 2.853  -4.788 0.989  1.00 0.00 ? 5  DCY A CA   9  
HETATM 1291 C C    . DCY A 1 1  ? 2.279  -5.286 -0.334 1.00 0.00 ? 5  DCY A C    9  
HETATM 1292 O O    . DCY A 1 1  ? 2.406  -6.470 -0.662 1.00 0.00 ? 5  DCY A O    9  
HETATM 1293 C CB   . DCY A 1 1  ? 1.893  -5.136 2.132  1.00 0.00 ? 5  DCY A CB   9  
HETATM 1294 S SG   . DCY A 1 1  ? 2.645  -5.073 3.793  1.00 0.00 ? 5  DCY A SG   9  
HETATM 1295 H H1   . DCY A 1 1  ? 4.111  -6.426 1.281  1.00 0.00 ? 5  DCY A H1   9  
HETATM 1296 H H2   . DCY A 1 1  ? 4.575  -5.044 2.139  1.00 0.00 ? 5  DCY A H2   9  
HETATM 1297 H H3   . DCY A 1 1  ? 4.845  -5.134 0.472  1.00 0.00 ? 5  DCY A H3   9  
HETATM 1298 H HA   . DCY A 1 1  ? 2.968  -3.714 0.936  1.00 0.00 ? 5  DCY A HA   9  
HETATM 1299 H HB2  . DCY A 1 1  ? 1.514  -6.137 1.980  1.00 0.00 ? 5  DCY A HB2  9  
HETATM 1300 H HB3  . DCY A 1 1  ? 1.067  -4.439 2.121  1.00 0.00 ? 5  DCY A HB3  9  
ATOM   1301 N N    . CYS A 1 2  ? 1.651  -4.376 -1.085 1.00 0.00 ? 6  CYS A N    9  
ATOM   1302 C CA   . CYS A 1 2  ? 1.054  -4.715 -2.379 1.00 0.00 ? 6  CYS A CA   9  
ATOM   1303 C C    . CYS A 1 2  ? 1.942  -4.255 -3.538 1.00 0.00 ? 6  CYS A C    9  
ATOM   1304 O O    . CYS A 1 2  ? 2.147  -5.003 -4.499 1.00 0.00 ? 6  CYS A O    9  
ATOM   1305 C CB   . CYS A 1 2  ? -0.348 -4.108 -2.502 1.00 0.00 ? 6  CYS A CB   9  
ATOM   1306 S SG   . CYS A 1 2  ? -0.410 -2.298 -2.302 1.00 0.00 ? 6  CYS A SG   9  
ATOM   1307 H H    . CYS A 1 2  ? 1.587  -3.453 -0.761 1.00 0.00 ? 6  CYS A H    9  
ATOM   1308 H HA   . CYS A 1 2  ? 0.970  -5.791 -2.422 1.00 0.00 ? 6  CYS A HA   9  
ATOM   1309 H HB2  . CYS A 1 2  ? -0.747 -4.342 -3.480 1.00 0.00 ? 6  CYS A HB2  9  
ATOM   1310 H HB3  . CYS A 1 2  ? -0.986 -4.544 -1.743 1.00 0.00 ? 6  CYS A HB3  9  
ATOM   1311 N N    . ASP A 1 3  ? 2.463  -3.024 -3.440 1.00 0.00 ? 7  ASP A N    9  
ATOM   1312 C CA   . ASP A 1 3  ? 3.337  -2.457 -4.473 1.00 0.00 ? 7  ASP A CA   9  
ATOM   1313 C C    . ASP A 1 3  ? 4.544  -1.760 -3.838 1.00 0.00 ? 7  ASP A C    9  
ATOM   1314 O O    . ASP A 1 3  ? 5.688  -2.009 -4.231 1.00 0.00 ? 7  ASP A O    9  
ATOM   1315 C CB   . ASP A 1 3  ? 2.563  -1.474 -5.364 1.00 0.00 ? 7  ASP A CB   9  
ATOM   1316 C CG   . ASP A 1 3  ? 1.551  -2.169 -6.257 1.00 0.00 ? 7  ASP A CG   9  
ATOM   1317 O OD1  . ASP A 1 3  ? 1.919  -2.553 -7.386 1.00 0.00 ? 7  ASP A OD1  9  
ATOM   1318 O OD2  . ASP A 1 3  ? 0.390  -2.330 -5.824 1.00 0.00 ? 7  ASP A OD2  9  
ATOM   1319 H H    . ASP A 1 3  ? 2.252  -2.483 -2.650 1.00 0.00 ? 7  ASP A H    9  
ATOM   1320 H HA   . ASP A 1 3  ? 3.694  -3.274 -5.082 1.00 0.00 ? 7  ASP A HA   9  
ATOM   1321 H HB2  . ASP A 1 3  ? 2.036  -0.768 -4.737 1.00 0.00 ? 7  ASP A HB2  9  
ATOM   1322 H HB3  . ASP A 1 3  ? 3.264  -0.941 -5.994 1.00 0.00 ? 7  ASP A HB3  9  
ATOM   1323 N N    . VAL A 1 4  ? 4.273  -0.887 -2.858 1.00 0.00 ? 8  VAL A N    9  
ATOM   1324 C CA   . VAL A 1 4  ? 5.319  -0.140 -2.144 1.00 0.00 ? 8  VAL A CA   9  
ATOM   1325 C C    . VAL A 1 4  ? 4.906  0.133  -0.694 1.00 0.00 ? 8  VAL A C    9  
ATOM   1326 O O    . VAL A 1 4  ? 5.706  -0.039 0.232  1.00 0.00 ? 8  VAL A O    9  
ATOM   1327 C CB   . VAL A 1 4  ? 5.683  1.212  -2.836 1.00 0.00 ? 8  VAL A CB   9  
ATOM   1328 C CG1  . VAL A 1 4  ? 6.589  0.977  -4.032 1.00 0.00 ? 8  VAL A CG1  9  
ATOM   1329 C CG2  . VAL A 1 4  ? 4.444  2.001  -3.268 1.00 0.00 ? 8  VAL A CG2  9  
ATOM   1330 H H    . VAL A 1 4  ? 3.337  -0.739 -2.607 1.00 0.00 ? 8  VAL A H    9  
ATOM   1331 H HA   . VAL A 1 4  ? 6.207  -0.758 -2.133 1.00 0.00 ? 8  VAL A HA   9  
ATOM   1332 H HB   . VAL A 1 4  ? 6.230  1.814  -2.123 1.00 0.00 ? 8  VAL A HB   9  
ATOM   1333 H HG11 . VAL A 1 4  ? 6.104  0.306  -4.725 1.00 0.00 ? 8  VAL A HG11 9  
ATOM   1334 H HG12 . VAL A 1 4  ? 7.519  0.542  -3.700 1.00 0.00 ? 8  VAL A HG12 9  
ATOM   1335 H HG13 . VAL A 1 4  ? 6.786  1.920  -4.522 1.00 0.00 ? 8  VAL A HG13 9  
ATOM   1336 H HG21 . VAL A 1 4  ? 3.837  2.221  -2.402 1.00 0.00 ? 8  VAL A HG21 9  
ATOM   1337 H HG22 . VAL A 1 4  ? 3.871  1.415  -3.971 1.00 0.00 ? 8  VAL A HG22 9  
ATOM   1338 H HG23 . VAL A 1 4  ? 4.751  2.925  -3.737 1.00 0.00 ? 8  VAL A HG23 9  
ATOM   1339 N N    . CYS A 1 5  ? 3.650  0.558  -0.520 1.00 0.00 ? 9  CYS A N    9  
ATOM   1340 C CA   . CYS A 1 5  ? 3.094  0.873  0.794  1.00 0.00 ? 9  CYS A CA   9  
ATOM   1341 C C    . CYS A 1 5  ? 2.321  -0.314 1.360  1.00 0.00 ? 9  CYS A C    9  
ATOM   1342 O O    . CYS A 1 5  ? 1.770  -1.120 0.603  1.00 0.00 ? 9  CYS A O    9  
ATOM   1343 C CB   . CYS A 1 5  ? 2.164  2.086  0.686  1.00 0.00 ? 9  CYS A CB   9  
ATOM   1344 S SG   . CYS A 1 5  ? 2.649  3.293  -0.586 1.00 0.00 ? 9  CYS A SG   9  
ATOM   1345 H H    . CYS A 1 5  ? 3.077  0.668  -1.306 1.00 0.00 ? 9  CYS A H    9  
ATOM   1346 H HA   . CYS A 1 5  ? 3.912  1.111  1.457  1.00 0.00 ? 9  CYS A HA   9  
ATOM   1347 H HB2  . CYS A 1 5  ? 1.167  1.745  0.439  1.00 0.00 ? 9  CYS A HB2  9  
ATOM   1348 H HB3  . CYS A 1 5  ? 2.142  2.599  1.636  1.00 0.00 ? 9  CYS A HB3  9  
ATOM   1349 N N    . CYS A 1 6  ? 2.285  -0.412 2.692  1.00 0.00 ? 10 CYS A N    9  
ATOM   1350 C CA   . CYS A 1 6  ? 1.574  -1.494 3.370  1.00 0.00 ? 10 CYS A CA   9  
ATOM   1351 C C    . CYS A 1 6  ? 0.255  -0.995 3.959  1.00 0.00 ? 10 CYS A C    9  
ATOM   1352 O O    . CYS A 1 6  ? 0.216  -0.424 5.057  1.00 0.00 ? 10 CYS A O    9  
ATOM   1353 C CB   . CYS A 1 6  ? 2.457  -2.123 4.454  1.00 0.00 ? 10 CYS A CB   9  
ATOM   1354 S SG   . CYS A 1 6  ? 3.669  -3.320 3.812  1.00 0.00 ? 10 CYS A SG   9  
ATOM   1355 H H    . CYS A 1 6  ? 2.750  0.262  3.231  1.00 0.00 ? 10 CYS A H    9  
ATOM   1356 H HA   . CYS A 1 6  ? 1.351  -2.244 2.627  1.00 0.00 ? 10 CYS A HA   9  
ATOM   1357 H HB2  . CYS A 1 6  ? 3.002  -1.343 4.962  1.00 0.00 ? 10 CYS A HB2  9  
ATOM   1358 H HB3  . CYS A 1 6  ? 1.829  -2.640 5.164  1.00 0.00 ? 10 CYS A HB3  9  
ATOM   1359 N N    . ASN A 1 7  ? -0.826 -1.198 3.194  1.00 0.00 ? 11 ASN A N    9  
ATOM   1360 C CA   . ASN A 1 7  ? -2.173 -0.788 3.594  1.00 0.00 ? 11 ASN A CA   9  
ATOM   1361 C C    . ASN A 1 7  ? -3.221 -1.784 3.073  1.00 0.00 ? 11 ASN A C    9  
ATOM   1362 O O    . ASN A 1 7  ? -2.963 -2.482 2.088  1.00 0.00 ? 11 ASN A O    9  
ATOM   1363 C CB   . ASN A 1 7  ? -2.483 0.613  3.057  1.00 0.00 ? 11 ASN A CB   9  
ATOM   1364 C CG   . ASN A 1 7  ? -2.184 1.703  4.065  1.00 0.00 ? 11 ASN A CG   9  
ATOM   1365 O OD1  . ASN A 1 7  ? -2.996 1.993  4.943  1.00 0.00 ? 11 ASN A OD1  9  
ATOM   1366 N ND2  . ASN A 1 7  ? -1.018 2.324  3.936  1.00 0.00 ? 11 ASN A ND2  9  
ATOM   1367 H H    . ASN A 1 7  ? -0.713 -1.640 2.328  1.00 0.00 ? 11 ASN A H    9  
ATOM   1368 H HA   . ASN A 1 7  ? -2.210 -0.771 4.673  1.00 0.00 ? 11 ASN A HA   9  
ATOM   1369 H HB2  . ASN A 1 7  ? -1.880 0.793  2.178  1.00 0.00 ? 11 ASN A HB2  9  
ATOM   1370 H HB3  . ASN A 1 7  ? -3.526 0.666  2.792  1.00 0.00 ? 11 ASN A HB3  9  
ATOM   1371 H HD21 . ASN A 1 7  ? -0.422 2.047  3.203  1.00 0.00 ? 11 ASN A HD21 9  
ATOM   1372 H HD22 . ASN A 1 7  ? -0.802 3.037  4.577  1.00 0.00 ? 11 ASN A HD22 9  
ATOM   1373 N N    . PRO A 1 8  ? -4.429 -1.873 3.719  1.00 0.00 ? 12 PRO A N    9  
ATOM   1374 C CA   . PRO A 1 8  ? -5.503 -2.800 3.285  1.00 0.00 ? 12 PRO A CA   9  
ATOM   1375 C C    . PRO A 1 8  ? -6.055 -2.491 1.882  1.00 0.00 ? 12 PRO A C    9  
ATOM   1376 O O    . PRO A 1 8  ? -6.582 -3.381 1.209  1.00 0.00 ? 12 PRO A O    9  
ATOM   1377 C CB   . PRO A 1 8  ? -6.600 -2.611 4.344  1.00 0.00 ? 12 PRO A CB   9  
ATOM   1378 C CG   . PRO A 1 8  ? -6.329 -1.281 4.962  1.00 0.00 ? 12 PRO A CG   9  
ATOM   1379 C CD   . PRO A 1 8  ? -4.838 -1.105 4.923  1.00 0.00 ? 12 PRO A CD   9  
ATOM   1380 H HA   . PRO A 1 8  ? -5.159 -3.825 3.307  1.00 0.00 ? 12 PRO A HA   9  
ATOM   1381 H HB2  . PRO A 1 8  ? -7.572 -2.637 3.862  1.00 0.00 ? 12 PRO A HB2  9  
ATOM   1382 H HB3  . PRO A 1 8  ? -6.535 -3.395 5.083  1.00 0.00 ? 12 PRO A HB3  9  
ATOM   1383 H HG2  . PRO A 1 8  ? -6.817 -0.503 4.387  1.00 0.00 ? 12 PRO A HG2  9  
ATOM   1384 H HG3  . PRO A 1 8  ? -6.675 -1.270 5.986  1.00 0.00 ? 12 PRO A HG3  9  
ATOM   1385 H HD2  . PRO A 1 8  ? -4.584 -0.059 4.819  1.00 0.00 ? 12 PRO A HD2  9  
ATOM   1386 H HD3  . PRO A 1 8  ? -4.384 -1.519 5.814  1.00 0.00 ? 12 PRO A HD3  9  
ATOM   1387 N N    . ALA A 1 9  ? -5.924 -1.226 1.462  1.00 0.00 ? 13 ALA A N    9  
ATOM   1388 C CA   . ALA A 1 9  ? -6.401 -0.782 0.149  1.00 0.00 ? 13 ALA A CA   9  
ATOM   1389 C C    . ALA A 1 9  ? -5.293 -0.080 -0.654 1.00 0.00 ? 13 ALA A C    9  
ATOM   1390 O O    . ALA A 1 9  ? -5.538 0.432  -1.753 1.00 0.00 ? 13 ALA A O    9  
ATOM   1391 C CB   . ALA A 1 9  ? -7.604 0.137  0.321  1.00 0.00 ? 13 ALA A CB   9  
ATOM   1392 H H    . ALA A 1 9  ? -5.495 -0.574 2.053  1.00 0.00 ? 13 ALA A H    9  
ATOM   1393 H HA   . ALA A 1 9  ? -6.724 -1.656 -0.398 1.00 0.00 ? 13 ALA A HA   9  
ATOM   1394 H HB1  . ALA A 1 9  ? -7.303 1.030  0.849  1.00 0.00 ? 13 ALA A HB1  9  
ATOM   1395 H HB2  . ALA A 1 9  ? -8.371 -0.373 0.887  1.00 0.00 ? 13 ALA A HB2  9  
ATOM   1396 H HB3  . ALA A 1 9  ? -7.994 0.408  -0.649 1.00 0.00 ? 13 ALA A HB3  9  
ATOM   1397 N N    . CYS A 1 10 ? -4.058 -0.078 -0.099 1.00 0.00 ? 14 CYS A N    9  
ATOM   1398 C CA   . CYS A 1 10 ? -2.871 0.554  -0.724 1.00 0.00 ? 14 CYS A CA   9  
ATOM   1399 C C    . CYS A 1 10 ? -3.061 2.070  -0.900 1.00 0.00 ? 14 CYS A C    9  
ATOM   1400 O O    . CYS A 1 10 ? -3.655 2.530  -1.885 1.00 0.00 ? 14 CYS A O    9  
ATOM   1401 C CB   . CYS A 1 10 ? -2.517 -0.112 -2.070 1.00 0.00 ? 14 CYS A CB   9  
ATOM   1402 S SG   . CYS A 1 10 ? -2.382 -1.927 -1.984 1.00 0.00 ? 14 CYS A SG   9  
ATOM   1403 H H    . CYS A 1 10 ? -3.942 -0.520 0.768  1.00 0.00 ? 14 CYS A H    9  
ATOM   1404 H HA   . CYS A 1 10 ? -2.044 0.404  -0.046 1.00 0.00 ? 14 CYS A HA   9  
ATOM   1405 H HB2  . CYS A 1 10 ? -3.283 0.125  -2.795 1.00 0.00 ? 14 CYS A HB2  9  
ATOM   1406 H HB3  . CYS A 1 10 ? -1.566 0.274  -2.415 1.00 0.00 ? 14 CYS A HB3  9  
ATOM   1407 N N    . ALA A 1 11 ? -2.570 2.833  0.086  1.00 0.00 ? 15 ALA A N    9  
ATOM   1408 C CA   . ALA A 1 11 ? -2.669 4.295  0.075  1.00 0.00 ? 15 ALA A CA   9  
ATOM   1409 C C    . ALA A 1 11 ? -1.369 4.937  0.551  1.00 0.00 ? 15 ALA A C    9  
ATOM   1410 O O    . ALA A 1 11 ? -0.723 4.434  1.474  1.00 0.00 ? 15 ALA A O    9  
ATOM   1411 C CB   . ALA A 1 11 ? -3.831 4.759  0.945  1.00 0.00 ? 15 ALA A CB   9  
ATOM   1412 H H    . ALA A 1 11 ? -2.127 2.396  0.843  1.00 0.00 ? 15 ALA A H    9  
ATOM   1413 H HA   . ALA A 1 11 ? -2.863 4.608  -0.941 1.00 0.00 ? 15 ALA A HA   9  
ATOM   1414 H HB1  . ALA A 1 11 ? -4.745 4.298  0.600  1.00 0.00 ? 15 ALA A HB1  9  
ATOM   1415 H HB2  . ALA A 1 11 ? -3.923 5.833  0.880  1.00 0.00 ? 15 ALA A HB2  9  
ATOM   1416 H HB3  . ALA A 1 11 ? -3.650 4.475  1.971  1.00 0.00 ? 15 ALA A HB3  9  
HETATM 1417 N N    . DLY A 1 12 ? -0.998 6.050  -0.093 1.00 0.00 ? 16 DLY A N    9  
HETATM 1418 C CA   . DLY A 1 12 ? 0.227  6.785  0.248  1.00 0.00 ? 16 DLY A CA   9  
HETATM 1419 C C    . DLY A 1 12 ? 1.414  6.309  -0.594 1.00 0.00 ? 16 DLY A C    9  
HETATM 1420 O O    . DLY A 1 12 ? 2.547  6.261  -0.107 1.00 0.00 ? 16 DLY A O    9  
HETATM 1421 C CB   . DLY A 1 12 ? 0.022  8.292  0.051  1.00 0.00 ? 16 DLY A CB   9  
HETATM 1422 C CG   . DLY A 1 12 ? -0.870 8.935  1.103  1.00 0.00 ? 16 DLY A CG   9  
HETATM 1423 C CD   . DLY A 1 12 ? -1.052 10.423 0.845  1.00 0.00 ? 16 DLY A CD   9  
HETATM 1424 C CE   . DLY A 1 12 ? -1.948 11.063 1.893  1.00 0.00 ? 16 DLY A CE   9  
HETATM 1425 N NZ   . DLY A 1 12 ? -2.133 12.521 1.649  1.00 0.00 ? 16 DLY A NZ   9  
HETATM 1426 H H    . DLY A 1 12 ? -1.565 6.388  -0.817 1.00 0.00 ? 16 DLY A H    9  
HETATM 1427 H HA   . DLY A 1 12 ? 0.445  6.595  1.289  1.00 0.00 ? 16 DLY A HA   9  
HETATM 1428 H HB2  . DLY A 1 12 ? -0.426 8.457  -0.920 1.00 0.00 ? 16 DLY A HB2  9  
HETATM 1429 H HB3  . DLY A 1 12 ? 0.987  8.780  0.084  1.00 0.00 ? 16 DLY A HB3  9  
HETATM 1430 H HG2  . DLY A 1 12 ? -0.417 8.800  2.076  1.00 0.00 ? 16 DLY A HG2  9  
HETATM 1431 H HG3  . DLY A 1 12 ? -1.839 8.455  1.081  1.00 0.00 ? 16 DLY A HG3  9  
HETATM 1432 H HD2  . DLY A 1 12 ? -1.498 10.557 -0.129 1.00 0.00 ? 16 DLY A HD2  9  
HETATM 1433 H HD3  . DLY A 1 12 ? -0.085 10.903 0.870  1.00 0.00 ? 16 DLY A HD3  9  
HETATM 1434 H HE2  . DLY A 1 12 ? -1.500 10.924 2.865  1.00 0.00 ? 16 DLY A HE2  9  
HETATM 1435 H HE3  . DLY A 1 12 ? -2.913 10.579 1.868  1.00 0.00 ? 16 DLY A HE3  9  
HETATM 1436 H HZ1  . DLY A 1 12 ? -2.747 12.931 2.382  1.00 0.00 ? 16 DLY A HZ1  9  
HETATM 1437 H HZ2  . DLY A 1 12 ? -2.572 12.675 0.719  1.00 0.00 ? 16 DLY A HZ2  9  
HETATM 1438 H HZ3  . DLY A 1 12 ? -1.214 13.007 1.670  1.00 0.00 ? 16 DLY A HZ3  9  
ATOM   1439 N N    . CYS A 1 13 ? 1.137  5.963  -1.856 1.00 0.00 ? 17 CYS A N    9  
ATOM   1440 C CA   . CYS A 1 13 ? 2.155  5.484  -2.781 1.00 0.00 ? 17 CYS A CA   9  
ATOM   1441 C C    . CYS A 1 13 ? 2.415  6.505  -3.888 1.00 0.00 ? 17 CYS A C    9  
ATOM   1442 O O    . CYS A 1 13 ? 1.463  6.838  -4.628 1.00 0.00 ? 17 CYS A O    9  
ATOM   1443 C CB   . CYS A 1 13 ? 1.709  4.149  -3.374 1.00 0.00 ? 17 CYS A CB   9  
ATOM   1444 S SG   . CYS A 1 13 ? 1.431  2.828  -2.146 1.00 0.00 ? 17 CYS A SG   9  
ATOM   1445 O OXT  . CYS A 1 13 ? 3.571  6.963  -4.005 1.00 0.00 ? 17 CYS A OXT  9  
ATOM   1446 H H    . CYS A 1 13 ? 0.214  6.022  -2.171 1.00 0.00 ? 17 CYS A H    9  
ATOM   1447 H HA   . CYS A 1 13 ? 3.070  5.331  -2.225 1.00 0.00 ? 17 CYS A HA   9  
ATOM   1448 H HB2  . CYS A 1 13 ? 0.779  4.294  -3.903 1.00 0.00 ? 17 CYS A HB2  9  
ATOM   1449 H HB3  . CYS A 1 13 ? 2.462  3.805  -4.063 1.00 0.00 ? 17 CYS A HB3  9  
HETATM 1450 N N    . DCY A 1 1  ? 4.214  -5.520 1.204  1.00 0.00 ? 5  DCY A N    10 
HETATM 1451 C CA   . DCY A 1 1  ? 2.903  -4.871 0.943  1.00 0.00 ? 5  DCY A CA   10 
HETATM 1452 C C    . DCY A 1 1  ? 2.331  -5.337 -0.391 1.00 0.00 ? 5  DCY A C    10 
HETATM 1453 O O    . DCY A 1 1  ? 2.488  -6.503 -0.766 1.00 0.00 ? 5  DCY A O    10 
HETATM 1454 C CB   . DCY A 1 1  ? 1.918  -5.196 2.070  1.00 0.00 ? 5  DCY A CB   10 
HETATM 1455 S SG   . DCY A 1 1  ? 2.642  -5.129 3.744  1.00 0.00 ? 5  DCY A SG   10 
HETATM 1456 H H1   . DCY A 1 1  ? 4.102  -6.553 1.234  1.00 0.00 ? 5  DCY A H1   10 
HETATM 1457 H H2   . DCY A 1 1  ? 4.597  -5.198 2.115  1.00 0.00 ? 5  DCY A H2   10 
HETATM 1458 H H3   . DCY A 1 1  ? 4.889  -5.277 0.451  1.00 0.00 ? 5  DCY A H3   10 
HETATM 1459 H HA   . DCY A 1 1  ? 3.055  -3.802 0.902  1.00 0.00 ? 5  DCY A HA   10 
HETATM 1460 H HB2  . DCY A 1 1  ? 1.527  -6.194 1.920  1.00 0.00 ? 5  DCY A HB2  10 
HETATM 1461 H HB3  . DCY A 1 1  ? 1.102  -4.487 2.038  1.00 0.00 ? 5  DCY A HB3  10 
ATOM   1462 N N    . CYS A 1 2  ? 1.669  -4.418 -1.103 1.00 0.00 ? 6  CYS A N    10 
ATOM   1463 C CA   . CYS A 1 2  ? 1.070  -4.725 -2.403 1.00 0.00 ? 6  CYS A CA   10 
ATOM   1464 C C    . CYS A 1 2  ? 1.966  -4.250 -3.550 1.00 0.00 ? 6  CYS A C    10 
ATOM   1465 O O    . CYS A 1 2  ? 2.175  -4.984 -4.521 1.00 0.00 ? 6  CYS A O    10 
ATOM   1466 C CB   . CYS A 1 2  ? -0.325 -4.099 -2.516 1.00 0.00 ? 6  CYS A CB   10 
ATOM   1467 S SG   . CYS A 1 2  ? -0.365 -2.294 -2.264 1.00 0.00 ? 6  CYS A SG   10 
ATOM   1468 H H    . CYS A 1 2  ? 1.580  -3.511 -0.742 1.00 0.00 ? 6  CYS A H    10 
ATOM   1469 H HA   . CYS A 1 2  ? 0.973  -5.799 -2.469 1.00 0.00 ? 6  CYS A HA   10 
ATOM   1470 H HB2  . CYS A 1 2  ? -0.721 -4.298 -3.502 1.00 0.00 ? 6  CYS A HB2  10 
ATOM   1471 H HB3  . CYS A 1 2  ? -0.971 -4.549 -1.773 1.00 0.00 ? 6  CYS A HB3  10 
ATOM   1472 N N    . ASP A 1 3  ? 2.488  -3.021 -3.429 1.00 0.00 ? 7  ASP A N    10 
ATOM   1473 C CA   . ASP A 1 3  ? 3.371  -2.440 -4.446 1.00 0.00 ? 7  ASP A CA   10 
ATOM   1474 C C    . ASP A 1 3  ? 4.567  -1.743 -3.791 1.00 0.00 ? 7  ASP A C    10 
ATOM   1475 O O    . ASP A 1 3  ? 5.716  -1.988 -4.167 1.00 0.00 ? 7  ASP A O    10 
ATOM   1476 C CB   . ASP A 1 3  ? 2.602  -1.450 -5.336 1.00 0.00 ? 7  ASP A CB   10 
ATOM   1477 C CG   . ASP A 1 3  ? 1.597  -2.138 -6.241 1.00 0.00 ? 7  ASP A CG   10 
ATOM   1478 O OD1  . ASP A 1 3  ? 0.435  -2.307 -5.817 1.00 0.00 ? 7  ASP A OD1  10 
ATOM   1479 O OD2  . ASP A 1 3  ? 1.974  -2.509 -7.373 1.00 0.00 ? 7  ASP A OD2  10 
ATOM   1480 H H    . ASP A 1 3  ? 2.272  -2.492 -2.632 1.00 0.00 ? 7  ASP A H    10 
ATOM   1481 H HA   . ASP A 1 3  ? 3.739  -3.247 -5.060 1.00 0.00 ? 7  ASP A HA   10 
ATOM   1482 H HB2  . ASP A 1 3  ? 2.069  -0.750 -4.707 1.00 0.00 ? 7  ASP A HB2  10 
ATOM   1483 H HB3  . ASP A 1 3  ? 3.308  -0.910 -5.955 1.00 0.00 ? 7  ASP A HB3  10 
ATOM   1484 N N    . VAL A 1 4  ? 4.278  -0.875 -2.809 1.00 0.00 ? 8  VAL A N    10 
ATOM   1485 C CA   . VAL A 1 4  ? 5.313  -0.130 -2.075 1.00 0.00 ? 8  VAL A CA   10 
ATOM   1486 C C    . VAL A 1 4  ? 4.871  0.150  -0.635 1.00 0.00 ? 8  VAL A C    10 
ATOM   1487 O O    . VAL A 1 4  ? 5.649  -0.027 0.307  1.00 0.00 ? 8  VAL A O    10 
ATOM   1488 C CB   . VAL A 1 4  ? 5.699  1.217  -2.765 1.00 0.00 ? 8  VAL A CB   10 
ATOM   1489 C CG1  . VAL A 1 4  ? 6.637  0.971  -3.935 1.00 0.00 ? 8  VAL A CG1  10 
ATOM   1490 C CG2  . VAL A 1 4  ? 4.473  2.005  -3.236 1.00 0.00 ? 8  VAL A CG2  10 
ATOM   1491 H H    . VAL A 1 4  ? 3.339  -0.732 -2.570 1.00 0.00 ? 8  VAL A H    10 
ATOM   1492 H HA   . VAL A 1 4  ? 6.197  -0.753 -2.043 1.00 0.00 ? 8  VAL A HA   10 
ATOM   1493 H HB   . VAL A 1 4  ? 6.227  1.822  -2.041 1.00 0.00 ? 8  VAL A HB   10 
ATOM   1494 H HG11 . VAL A 1 4  ? 6.862  1.911  -4.416 1.00 0.00 ? 8  VAL A HG11 10 
ATOM   1495 H HG12 . VAL A 1 4  ? 6.162  0.308  -4.644 1.00 0.00 ? 8  VAL A HG12 10 
ATOM   1496 H HG13 . VAL A 1 4  ? 7.550  0.521  -3.575 1.00 0.00 ? 8  VAL A HG13 10 
ATOM   1497 H HG21 . VAL A 1 4  ? 3.917  1.414  -3.948 1.00 0.00 ? 8  VAL A HG21 10 
ATOM   1498 H HG22 . VAL A 1 4  ? 4.794  2.923  -3.704 1.00 0.00 ? 8  VAL A HG22 10 
ATOM   1499 H HG23 . VAL A 1 4  ? 3.845  2.233  -2.388 1.00 0.00 ? 8  VAL A HG23 10 
ATOM   1500 N N    . CYS A 1 5  ? 3.614  0.588  -0.488 1.00 0.00 ? 9  CYS A N    10 
ATOM   1501 C CA   . CYS A 1 5  ? 3.036  0.909  0.815  1.00 0.00 ? 9  CYS A CA   10 
ATOM   1502 C C    . CYS A 1 5  ? 2.251  -0.277 1.368  1.00 0.00 ? 9  CYS A C    10 
ATOM   1503 O O    . CYS A 1 5  ? 1.622  -1.019 0.607  1.00 0.00 ? 9  CYS A O    10 
ATOM   1504 C CB   . CYS A 1 5  ? 2.111  2.125  0.688  1.00 0.00 ? 9  CYS A CB   10 
ATOM   1505 S SG   . CYS A 1 5  ? 2.615  3.325  -0.585 1.00 0.00 ? 9  CYS A SG   10 
ATOM   1506 H H    . CYS A 1 5  ? 3.059  0.703  -1.286 1.00 0.00 ? 9  CYS A H    10 
ATOM   1507 H HA   . CYS A 1 5  ? 3.843  1.146  1.491  1.00 0.00 ? 9  CYS A HA   10 
ATOM   1508 H HB2  . CYS A 1 5  ? 1.116  1.787  0.433  1.00 0.00 ? 9  CYS A HB2  10 
ATOM   1509 H HB3  . CYS A 1 5  ? 2.080  2.643  1.635  1.00 0.00 ? 9  CYS A HB3  10 
ATOM   1510 N N    . CYS A 1 6  ? 2.294  -0.447 2.693  1.00 0.00 ? 10 CYS A N    10 
ATOM   1511 C CA   . CYS A 1 6  ? 1.586  -1.539 3.359  1.00 0.00 ? 10 CYS A CA   10 
ATOM   1512 C C    . CYS A 1 6  ? 0.269  -1.049 3.964  1.00 0.00 ? 10 CYS A C    10 
ATOM   1513 O O    . CYS A 1 6  ? 0.240  -0.470 5.058  1.00 0.00 ? 10 CYS A O    10 
ATOM   1514 C CB   . CYS A 1 6  ? 2.473  -2.184 4.430  1.00 0.00 ? 10 CYS A CB   10 
ATOM   1515 S SG   . CYS A 1 6  ? 3.675  -3.381 3.768  1.00 0.00 ? 10 CYS A SG   10 
ATOM   1516 H H    . CYS A 1 6  ? 2.818  0.181  3.236  1.00 0.00 ? 10 CYS A H    10 
ATOM   1517 H HA   . CYS A 1 6  ? 1.359  -2.279 2.607  1.00 0.00 ? 10 CYS A HA   10 
ATOM   1518 H HB2  . CYS A 1 6  ? 3.027  -1.410 4.941  1.00 0.00 ? 10 CYS A HB2  10 
ATOM   1519 H HB3  . CYS A 1 6  ? 1.848  -2.703 5.140  1.00 0.00 ? 10 CYS A HB3  10 
ATOM   1520 N N    . ASN A 1 7  ? -0.820 -1.271 3.216  1.00 0.00 ? 11 ASN A N    10 
ATOM   1521 C CA   . ASN A 1 7  ? -2.166 -0.870 3.632  1.00 0.00 ? 11 ASN A CA   10 
ATOM   1522 C C    . ASN A 1 7  ? -3.219 -1.842 3.074  1.00 0.00 ? 11 ASN A C    10 
ATOM   1523 O O    . ASN A 1 7  ? -2.964 -2.500 2.061  1.00 0.00 ? 11 ASN A O    10 
ATOM   1524 C CB   . ASN A 1 7  ? -2.471 0.555  3.150  1.00 0.00 ? 11 ASN A CB   10 
ATOM   1525 C CG   . ASN A 1 7  ? -2.244 1.612  4.221  1.00 0.00 ? 11 ASN A CG   10 
ATOM   1526 O OD1  . ASN A 1 7  ? -2.481 1.381  5.409  1.00 0.00 ? 11 ASN A OD1  10 
ATOM   1527 N ND2  . ASN A 1 7  ? -1.781 2.783  3.800  1.00 0.00 ? 11 ASN A ND2  10 
ATOM   1528 H H    . ASN A 1 7  ? -0.715 -1.719 2.351  1.00 0.00 ? 11 ASN A H    10 
ATOM   1529 H HA   . ASN A 1 7  ? -2.204 -0.894 4.712  1.00 0.00 ? 11 ASN A HA   10 
ATOM   1530 H HB2  . ASN A 1 7  ? -1.828 0.785  2.312  1.00 0.00 ? 11 ASN A HB2  10 
ATOM   1531 H HB3  . ASN A 1 7  ? -3.502 0.603  2.831  1.00 0.00 ? 11 ASN A HB3  10 
ATOM   1532 H HD21 . ASN A 1 7  ? -1.615 2.897  2.836  1.00 0.00 ? 11 ASN A HD21 10 
ATOM   1533 H HD22 . ASN A 1 7  ? -1.623 3.487  4.469  1.00 0.00 ? 11 ASN A HD22 10 
ATOM   1534 N N    . PRO A 1 8  ? -4.425 -1.954 3.718  1.00 0.00 ? 12 PRO A N    10 
ATOM   1535 C CA   . PRO A 1 8  ? -5.503 -2.860 3.248  1.00 0.00 ? 12 PRO A CA   10 
ATOM   1536 C C    . PRO A 1 8  ? -6.042 -2.500 1.853  1.00 0.00 ? 12 PRO A C    10 
ATOM   1537 O O    . PRO A 1 8  ? -6.518 -3.375 1.123  1.00 0.00 ? 12 PRO A O    10 
ATOM   1538 C CB   . PRO A 1 8  ? -6.607 -2.696 4.305  1.00 0.00 ? 12 PRO A CB   10 
ATOM   1539 C CG   . PRO A 1 8  ? -6.323 -1.394 4.977  1.00 0.00 ? 12 PRO A CG   10 
ATOM   1540 C CD   . PRO A 1 8  ? -4.830 -1.234 4.951  1.00 0.00 ? 12 PRO A CD   10 
ATOM   1541 H HA   . PRO A 1 8  ? -5.166 -3.887 3.239  1.00 0.00 ? 12 PRO A HA   10 
ATOM   1542 H HB2  . PRO A 1 8  ? -7.574 -2.691 3.815  1.00 0.00 ? 12 PRO A HB2  10 
ATOM   1543 H HB3  . PRO A 1 8  ? -6.557 -3.509 5.014  1.00 0.00 ? 12 PRO A HB3  10 
ATOM   1544 H HG2  . PRO A 1 8  ? -6.800 -0.589 4.431  1.00 0.00 ? 12 PRO A HG2  10 
ATOM   1545 H HG3  . PRO A 1 8  ? -6.674 -1.420 5.998  1.00 0.00 ? 12 PRO A HG3  10 
ATOM   1546 H HD2  . PRO A 1 8  ? -4.564 -0.187 4.893  1.00 0.00 ? 12 PRO A HD2  10 
ATOM   1547 H HD3  . PRO A 1 8  ? -4.386 -1.690 5.825  1.00 0.00 ? 12 PRO A HD3  10 
ATOM   1548 N N    . ALA A 1 9  ? -5.959 -1.211 1.503  1.00 0.00 ? 13 ALA A N    10 
ATOM   1549 C CA   . ALA A 1 9  ? -6.429 -0.717 0.207  1.00 0.00 ? 13 ALA A CA   10 
ATOM   1550 C C    . ALA A 1 9  ? -5.299 -0.051 -0.592 1.00 0.00 ? 13 ALA A C    10 
ATOM   1551 O O    . ALA A 1 9  ? -5.513 0.408  -1.720 1.00 0.00 ? 13 ALA A O    10 
ATOM   1552 C CB   . ALA A 1 9  ? -7.586 0.253  0.410  1.00 0.00 ? 13 ALA A CB   10 
ATOM   1553 H H    . ALA A 1 9  ? -5.570 -0.574 2.138  1.00 0.00 ? 13 ALA A H    10 
ATOM   1554 H HA   . ALA A 1 9  ? -6.799 -1.563 -0.355 1.00 0.00 ? 13 ALA A HA   10 
ATOM   1555 H HB1  . ALA A 1 9  ? -7.237 1.119  0.954  1.00 0.00 ? 13 ALA A HB1  10 
ATOM   1556 H HB2  . ALA A 1 9  ? -8.369 -0.233 0.973  1.00 0.00 ? 13 ALA A HB2  10 
ATOM   1557 H HB3  . ALA A 1 9  ? -7.970 0.562  -0.551 1.00 0.00 ? 13 ALA A HB3  10 
ATOM   1558 N N    . CYS A 1 10 ? -4.085 -0.015 0.001  1.00 0.00 ? 14 CYS A N    10 
ATOM   1559 C CA   . CYS A 1 10 ? -2.879 0.592  -0.616 1.00 0.00 ? 14 CYS A CA   10 
ATOM   1560 C C    . CYS A 1 10 ? -3.066 2.097  -0.865 1.00 0.00 ? 14 CYS A C    10 
ATOM   1561 O O    . CYS A 1 10 ? -3.636 2.511  -1.883 1.00 0.00 ? 14 CYS A O    10 
ATOM   1562 C CB   . CYS A 1 10 ? -2.481 -0.135 -1.916 1.00 0.00 ? 14 CYS A CB   10 
ATOM   1563 S SG   . CYS A 1 10 ? -2.291 -1.937 -1.726 1.00 0.00 ? 14 CYS A SG   10 
ATOM   1564 H H    . CYS A 1 10 ? -3.995 -0.413 0.892  1.00 0.00 ? 14 CYS A H    10 
ATOM   1565 H HA   . CYS A 1 10 ? -2.074 0.475  0.094  1.00 0.00 ? 14 CYS A HA   10 
ATOM   1566 H HB2  . CYS A 1 10 ? -3.244 0.037  -2.665 1.00 0.00 ? 14 CYS A HB2  10 
ATOM   1567 H HB3  . CYS A 1 10 ? -1.538 0.262  -2.268 1.00 0.00 ? 14 CYS A HB3  10 
ATOM   1568 N N    . ALA A 1 11 ? -2.595 2.904  0.096  1.00 0.00 ? 15 ALA A N    10 
ATOM   1569 C CA   . ALA A 1 11 ? -2.691 4.364  0.017  1.00 0.00 ? 15 ALA A CA   10 
ATOM   1570 C C    . ALA A 1 11 ? -1.400 5.022  0.493  1.00 0.00 ? 15 ALA A C    10 
ATOM   1571 O O    . ALA A 1 11 ? -0.775 4.556  1.450  1.00 0.00 ? 15 ALA A O    10 
ATOM   1572 C CB   . ALA A 1 11 ? -3.870 4.868  0.840  1.00 0.00 ? 15 ALA A CB   10 
ATOM   1573 H H    . ALA A 1 11 ? -2.170 2.502  0.882  1.00 0.00 ? 15 ALA A H    10 
ATOM   1574 H HA   . ALA A 1 11 ? -2.861 4.633  -1.016 1.00 0.00 ? 15 ALA A HA   10 
ATOM   1575 H HB1  . ALA A 1 11 ? -3.712 4.627  1.881  1.00 0.00 ? 15 ALA A HB1  10 
ATOM   1576 H HB2  . ALA A 1 11 ? -4.778 4.396  0.495  1.00 0.00 ? 15 ALA A HB2  10 
ATOM   1577 H HB3  . ALA A 1 11 ? -3.957 5.939  0.726  1.00 0.00 ? 15 ALA A HB3  10 
HETATM 1578 N N    . DLY A 1 12 ? -1.011 6.106  -0.187 1.00 0.00 ? 16 DLY A N    10 
HETATM 1579 C CA   . DLY A 1 12 ? 0.210  6.851  0.150  1.00 0.00 ? 16 DLY A CA   10 
HETATM 1580 C C    . DLY A 1 12 ? 1.406  6.356  -0.664 1.00 0.00 ? 16 DLY A C    10 
HETATM 1581 O O    . DLY A 1 12 ? 2.532  6.315  -0.159 1.00 0.00 ? 16 DLY A O    10 
HETATM 1582 C CB   . DLY A 1 12 ? 0.008  8.352  -0.087 1.00 0.00 ? 16 DLY A CB   10 
HETATM 1583 C CG   . DLY A 1 12 ? -0.892 9.022  0.942  1.00 0.00 ? 16 DLY A CG   10 
HETATM 1584 C CD   . DLY A 1 12 ? -1.063 10.504 0.649  1.00 0.00 ? 16 DLY A CD   10 
HETATM 1585 C CE   . DLY A 1 12 ? -1.963 11.175 1.673  1.00 0.00 ? 16 DLY A CE   10 
HETATM 1586 N NZ   . DLY A 1 12 ? -2.134 12.628 1.395  1.00 0.00 ? 16 DLY A NZ   10 
HETATM 1587 H H    . DLY A 1 12 ? -1.561 6.416  -0.937 1.00 0.00 ? 16 DLY A H    10 
HETATM 1588 H HA   . DLY A 1 12 ? 0.414  6.686  1.199  1.00 0.00 ? 16 DLY A HA   10 
HETATM 1589 H HB2  . DLY A 1 12 ? -0.434 8.492  -1.065 1.00 0.00 ? 16 DLY A HB2  10 
HETATM 1590 H HB3  . DLY A 1 12 ? 0.973  8.841  -0.060 1.00 0.00 ? 16 DLY A HB3  10 
HETATM 1591 H HG2  . DLY A 1 12 ? -0.450 8.907  1.923  1.00 0.00 ? 16 DLY A HG2  10 
HETATM 1592 H HG3  . DLY A 1 12 ? -1.864 8.548  0.920  1.00 0.00 ? 16 DLY A HG3  10 
HETATM 1593 H HD2  . DLY A 1 12 ? -1.499 10.619 -0.333 1.00 0.00 ? 16 DLY A HD2  10 
HETATM 1594 H HD3  . DLY A 1 12 ? -0.093 10.979 0.671  1.00 0.00 ? 16 DLY A HD3  10 
HETATM 1595 H HE2  . DLY A 1 12 ? -1.526 11.053 2.653  1.00 0.00 ? 16 DLY A HE2  10 
HETATM 1596 H HE3  . DLY A 1 12 ? -2.931 10.698 1.650  1.00 0.00 ? 16 DLY A HE3  10 
HETATM 1597 H HZ1  . DLY A 1 12 ? -2.752 13.059 2.113  1.00 0.00 ? 16 DLY A HZ1  10 
HETATM 1598 H HZ2  . DLY A 1 12 ? -2.561 12.766 0.458  1.00 0.00 ? 16 DLY A HZ2  10 
HETATM 1599 H HZ3  . DLY A 1 12 ? -1.211 13.107 1.416  1.00 0.00 ? 16 DLY A HZ3  10 
ATOM   1600 N N    . CYS A 1 13 ? 1.148  5.982  -1.922 1.00 0.00 ? 17 CYS A N    10 
ATOM   1601 C CA   . CYS A 1 13 ? 2.180  5.482  -2.821 1.00 0.00 ? 17 CYS A CA   10 
ATOM   1602 C C    . CYS A 1 13 ? 2.469  6.485  -3.936 1.00 0.00 ? 17 CYS A C    10 
ATOM   1603 O O    . CYS A 1 13 ? 1.534  6.817  -4.698 1.00 0.00 ? 17 CYS A O    10 
ATOM   1604 C CB   . CYS A 1 13 ? 1.736  4.142  -3.405 1.00 0.00 ? 17 CYS A CB   10 
ATOM   1605 S SG   . CYS A 1 13 ? 1.438  2.833  -2.166 1.00 0.00 ? 17 CYS A SG   10 
ATOM   1606 O OXT  . CYS A 1 13 ? 3.631  6.932  -4.039 1.00 0.00 ? 17 CYS A OXT  10 
ATOM   1607 H H    . CYS A 1 13 ? 0.230  6.036  -2.252 1.00 0.00 ? 17 CYS A H    10 
ATOM   1608 H HA   . CYS A 1 13 ? 3.082  5.330  -2.245 1.00 0.00 ? 17 CYS A HA   10 
ATOM   1609 H HB2  . CYS A 1 13 ? 0.812  4.285  -3.945 1.00 0.00 ? 17 CYS A HB2  10 
ATOM   1610 H HB3  . CYS A 1 13 ? 2.494  3.789  -4.083 1.00 0.00 ? 17 CYS A HB3  10 
# 
